data_7OGR
#
_entry.id   7OGR
#
_cell.length_a   1.00
_cell.length_b   1.00
_cell.length_c   1.00
_cell.angle_alpha   90.00
_cell.angle_beta   90.00
_cell.angle_gamma   90.00
#
_symmetry.space_group_name_H-M   'P 1'
#
loop_
_entity.id
_entity.type
_entity.pdbx_description
1 polymer 'UNK helices'
2 polymer PHIKZ055
3 polymer PHIKZ068
4 polymer 'DNA-directed RNA polymerase'
5 polymer PHIKZ074
6 polymer PHIKZ123
7 non-polymer 'ZINC ION'
#
loop_
_entity_poly.entity_id
_entity_poly.type
_entity_poly.pdbx_seq_one_letter_code
_entity_poly.pdbx_strand_id
1 'polypeptide(L)'
;(UNK)(UNK)(UNK)(UNK)(UNK)(UNK)(UNK)(UNK)(UNK)(UNK)(UNK)(UNK)(UNK)(UNK)(UNK)(UNK)
(UNK)(UNK)(UNK)(UNK)(UNK)(UNK)(UNK)(UNK)(UNK)(UNK)(UNK)(UNK)(UNK)(UNK)(UNK)(UNK)
;
X
2 'polypeptide(L)'
;MGSSHHHHHHSSGLVPRGSHMGLYAKVVDHNEVHDQFTGKRIYANDYNTSNSDEKEEFDRHFYSHFQDSEAIESSVSCDC
RAIEDAHKLGVICDICNTPVVNTSSRPIEPSMWVRTPKHVRSLINPRLIIMLTGYLVTKEFDFLAYLTDTSYRYDVESIG
SKETRRKVDRLLHRGFERGLNHFIDNFNEIFQFLLDANIISNNKSEFAQFVAQNKDKLFPKYLPVPSKLCFVAESTTSGT
YLDKPIEAAIDATLTFASIDASSVPLSPIKAQNRTMRGLRLYGQFYEIYAKSRIAQKPGLARRHMFGARLNATARAVITS
ISDPHDYDELHIPWGVGCQLLKYHLTNKLKAKFNMTTREAFSFVYENVLQYNQIIADLFKELIAEAAPYKGMGCTFHRNP
TLQRGSTQQFFITKVKDDINDNSISMSVLCLKAPNADFDGDQLNLTLMPDVYLTKATERIAPHTWVLSIDEPHEISGNLE
LQGPVVETIINWAHEKYLPPLEEWLKAK
;
A
3 'polypeptide(L)'
;MEIIVTGVQGTGFTEVATEHNGKRLTWTTTAYSKIRVQDQQRVFQEINDYWSGLSAEAQQHIWNCYVEIRKIMDMAMDPM
RIAMSLSYYIKEMYKAMPMNSFRRWLLTIGKLYIPVDIEEVITDDSRYNRPDQTYLKHDYINLASVSLALRPLVPIWGEF
IDQGTSQEMHKECEVISLISDCEVNHWPVDEISIDGTPVETAYDKLSAYVKFCVEDEAPTLANLYRGMSSAEVPDILQAK
VMVRRLTILPLNDATSHSIVSNMFRYVKSNLNPAERSTADRVNDKRPDKGGIDDDDKTSFIESHKTKQRVTPGDIVAYNL
DALDVVKLVHKIDDTVPVELIQECLDCVAVTATKDIYPHQILLAQWVMHKAFPARAFSHINKNAVNHLLAAAQSLMWHWG
FQQVAVFMQVELYYSGEHAMSIQPRNSTRIQIKYKDVMDELYPHQRQQRAINGVPVAPVNIAGIAVQSAHASIRSSNWIY
HGPDRLFKEAEQVTQNKVLVVPATIKSVITELVIHLGKLNQ
;
B
4 'polypeptide(L)'
;MSQLGRREIDLTLLGHTGLDPWYGTTSSARGAMFVTHIGQAPEVNGNESRYFLTGAELEYAKYTHDVRFPEDCRVLHVLR
KYPTGIGKDSIRSNPVTTIIYENYFDKYKTIGVLHVPEYMSHHQDFGYELVKNREVWETIAPNEMFSKDTVIAQSGAVKK
DGTLGMGVNANVVFLSAAGTIEDGFVANKNFLKRMMPTSYSTAVANAGRKAFFLNMYGDDKIYKPFPDIGDVIRPDGVIF
AIRDHDDDLAPAEMTPRALRTLDRTFDRAVIGTPGAKVIDIDIWRDERVNPSPTPTGMDAQLVKYHTHLSSYYRELLKIY
RGLLARRKDDLHITEEFERLIVTAQMFLPQPDNVRKLSRFYRLDPLDEWRVEVTYKAQKMPAGAFKMTDFHGGKGVICKV
MEDEDMPIDENGNRADLIIFGGSTMRRSNYGRIYEHGFGAAARDLAQRLRVEAGLDRHAKPTQQQLNSVMGNTQWVDYAF
KELLGFYEIIAPTMHSKMMEHPNPAEHVKTVLMDGFPYIYAPVDDPVDLMAAVNKLINSDKYRPHYGKVSYRDQAGKWVT
TKDNVLMGPLYMMLLEKIGEDWSAAASVKTQPFGLPSKLNNADRASTPGRETAIRSFGESETRSYNCTVGPGPTAEILDQ
TNNPLAHAAVIESWLTAEKPSSVPVAVDREKIPFGGSRPVAMFDHLLECSGIALEYAPDH
;
C
5 'polypeptide(L)'
;MNLNRYKARDLLNLSYDDLWSLPSEWHLIEFDDGKTVVSVDRITKLSVLCWYPLKHYKDCPIPSDHHIDFNRILTDNPKD
YLNVEGGRVTSKAMVKHLNKAIWNIYDWSGETVDPEVLSKLAIEGKNWLYNQTTVKLSEYLATLSMFDIAEVYNHPKVRE
ANHNIEPTTYGIEKISYGKVKEVFNDPTQFIGNSIIEGLRSGTQKTEQLLQAFAWRGFPTDINSDIFKYPVTTGYIDGIW
NLYENMIESRSGTKALLYNKELLRVTEYFNRKSQLIAQYVQRLHPGDCKTTILAEYPVTKLTLKAFKGKYYQKEDGKLDW
IRGNETHLIGTKQKFRSVFGCNHPDSQGICMTCYGRLGINIPKGTNIGQVAAVSMGDKITSAVLSTKHTDASSAVEQYKL
GKIESNYLRTGEIPETLYLKKELTQKDYRLVIARSEAENLADILMIDDLTAYPATSATELTSLALVYDDEVNGECGDVLT
VSLYNRRASLSIEMLKHIKMVRWELDQRDNIVISLRGFDFNLPFLTLPNKHVNMYEVMKRFQSFLHSGSDSAEAGKLSTE
KVGYTSKTYLKNYKSPIEALPVFATMANEKISLNISHCEILIYAMMIRSAQYRDYRLPKPGINGQFEKYNRLMQCRSLGG
AMAFEKQHEPLNNPGSFLNKMRNDHPYDLLVKGGKLR
;
D
6 'polypeptide(L)'
;MPDPFLIEKIRENTPCMNPTLANGITVEHTMTRDPNTGVNMTRRYIDSLFDISSVLFPDGFKYEGNRACTPLKHFEEITR
EYNAKRIANIAPTDMYMIDLMFSYKGEMLYPRPMLLPAFKRGNMVTINGAKYIGSPVLTDVGFSVLNDSIFIPFRRTKLT
FKQTDHHYMCNGQRKIMYVIWSQIHNEMAKRTKRDLGNRPHIESCLAHYFFCQFGVTQTFKQWANVDVKCGLLSDFPEEE
YPREKWNIYSSATLKGKHPTGEMVLVIPRHQESIFATRLIAGFWYVVDAFPMRFTRPEYVDSTNLWRVILGHMVFGDFEH
QGKVEENIDSHLHSFCNSLDEMTIEELKTVGVNVSTIWELLYEIMTSLAHHLYATDIDETSMYGKRLTVLHYLMSEFNYA
VSMFGYMFQSRRDREWTVQELNEGLKRSFKLQTAIKRLTVDHGELDTMSNPNSSMLIKGTSILVTQDRAKTAKAHNKSLI
NDSSRIIHASIAEVGQYKNQPKNNPDGRGRLNMYTKVGPTGLVERREEVREIIDNAQLMFRAK
;
E
#
loop_
_chem_comp.id
_chem_comp.type
_chem_comp.name
_chem_comp.formula
ZN non-polymer 'ZINC ION' 'Zn 2'
#
# COMPACT_ATOMS: atom_id res chain seq x y z
N UNK A 1 35.28 29.25 -34.62
CA UNK A 1 34.04 29.66 -33.97
C UNK A 1 33.84 28.93 -32.65
N UNK A 2 34.34 29.51 -31.57
CA UNK A 2 34.25 28.95 -30.22
C UNK A 2 33.65 29.96 -29.26
N UNK A 3 32.59 30.64 -29.71
CA UNK A 3 31.88 31.63 -28.89
C UNK A 3 31.04 30.90 -27.85
N UNK A 4 31.60 30.69 -26.67
CA UNK A 4 30.93 29.98 -25.60
C UNK A 4 30.40 30.90 -24.49
N UNK A 5 30.62 32.20 -24.61
CA UNK A 5 30.16 33.12 -23.57
C UNK A 5 28.65 33.35 -23.62
N UNK A 6 28.02 33.18 -24.79
CA UNK A 6 26.59 33.41 -24.91
C UNK A 6 25.77 32.33 -24.21
N UNK A 7 26.22 31.07 -24.31
CA UNK A 7 25.51 29.98 -23.64
C UNK A 7 25.68 30.04 -22.13
N UNK A 8 26.87 30.47 -21.67
CA UNK A 8 27.09 30.62 -20.24
C UNK A 8 26.34 31.84 -19.70
N UNK A 9 26.19 32.88 -20.50
CA UNK A 9 25.41 34.05 -20.08
C UNK A 9 23.91 33.77 -20.10
N UNK A 10 23.45 32.88 -20.97
CA UNK A 10 22.03 32.55 -21.04
C UNK A 10 21.63 31.45 -20.07
N UNK A 11 22.56 30.57 -19.68
CA UNK A 11 22.23 29.45 -18.81
C UNK A 11 22.37 29.77 -17.33
N UNK A 12 23.24 30.72 -16.97
CA UNK A 12 23.47 31.05 -15.56
C UNK A 12 22.46 32.04 -15.00
N UNK A 13 21.48 32.47 -15.80
CA UNK A 13 20.47 33.39 -15.29
C UNK A 13 19.41 32.66 -14.46
N UNK A 14 19.13 31.40 -14.79
CA UNK A 14 18.18 30.59 -14.04
C UNK A 14 18.86 29.45 -13.29
N UNK A 15 19.70 28.67 -13.97
CA UNK A 15 20.44 27.60 -13.32
C UNK A 15 21.73 28.15 -12.71
N UNK A 16 22.54 27.24 -12.16
CA UNK A 16 23.79 27.60 -11.52
C UNK A 16 24.90 26.66 -11.97
N UNK A 17 24.94 26.35 -13.27
CA UNK A 17 25.98 25.48 -13.81
C UNK A 17 27.29 26.24 -13.97
N UNK A 18 28.39 25.55 -13.69
CA UNK A 18 29.71 26.15 -13.81
C UNK A 18 30.13 26.21 -15.28
N UNK A 19 31.24 26.91 -15.52
CA UNK A 19 31.76 27.04 -16.87
C UNK A 19 32.40 25.75 -17.37
N UNK A 20 32.84 24.87 -16.46
CA UNK A 20 33.42 23.61 -16.88
C UNK A 20 32.35 22.67 -17.43
N UNK A 21 31.18 22.63 -16.79
CA UNK A 21 30.08 21.81 -17.29
C UNK A 21 29.51 22.38 -18.59
N UNK A 22 29.49 23.70 -18.74
CA UNK A 22 29.02 24.31 -19.99
C UNK A 22 30.01 24.06 -21.12
N UNK A 23 31.31 24.11 -20.82
CA UNK A 23 32.31 23.81 -21.84
C UNK A 23 32.38 22.32 -22.15
N UNK A 24 31.95 21.46 -21.23
CA UNK A 24 31.88 20.03 -21.52
C UNK A 24 30.65 19.68 -22.33
N UNK A 25 29.53 20.34 -22.06
CA UNK A 25 28.28 20.12 -22.79
C UNK A 25 28.15 21.03 -24.01
N UNK A 26 29.18 21.81 -24.33
CA UNK A 26 29.22 22.61 -25.55
C UNK A 26 30.36 22.20 -26.47
N UNK A 27 31.08 21.13 -26.15
CA UNK A 27 32.13 20.61 -27.00
C UNK A 27 31.81 19.23 -27.56
N UNK A 28 30.66 18.66 -27.19
CA UNK A 28 30.21 17.37 -27.70
C UNK A 28 29.19 17.52 -28.82
N UNK A 29 28.24 18.43 -28.67
CA UNK A 29 27.30 18.70 -29.76
C UNK A 29 27.94 19.52 -30.87
N UNK A 30 29.01 20.24 -30.58
CA UNK A 30 29.75 21.01 -31.59
C UNK A 30 31.04 20.26 -31.89
N UNK A 31 30.94 19.30 -32.81
CA UNK A 31 32.07 18.48 -33.24
C UNK A 31 32.42 18.75 -34.70
N UNK A 32 32.34 20.04 -35.08
CA UNK A 32 32.61 20.54 -36.45
C UNK A 32 31.80 19.84 -37.53
N THR B 313 17.29 -9.03 -7.64
CA THR B 313 17.03 -10.36 -7.10
C THR B 313 16.14 -10.29 -5.87
N ALA B 314 15.84 -9.06 -5.43
CA ALA B 314 14.96 -8.84 -4.30
C ALA B 314 14.34 -7.45 -4.44
N ARG B 315 13.22 -7.25 -3.75
CA ARG B 315 12.48 -6.00 -3.84
C ARG B 315 11.62 -5.84 -2.59
N ALA B 316 11.85 -4.78 -1.83
CA ALA B 316 11.09 -4.50 -0.62
C ALA B 316 11.17 -3.01 -0.32
N VAL B 317 10.29 -2.57 0.57
CA VAL B 317 10.28 -1.17 1.02
C VAL B 317 11.42 -0.97 2.01
N ILE B 318 11.73 0.29 2.32
CA ILE B 318 12.88 0.61 3.15
C ILE B 318 12.44 1.30 4.43
N THR B 319 13.20 1.04 5.49
CA THR B 319 13.09 1.80 6.75
C THR B 319 14.48 2.29 7.14
N SER B 320 14.62 2.82 8.35
CA SER B 320 15.87 3.44 8.78
C SER B 320 16.50 2.67 9.93
N ILE B 321 17.83 2.74 10.00
CA ILE B 321 18.58 2.22 11.14
C ILE B 321 18.87 3.43 12.03
N SER B 322 18.02 3.63 13.02
CA SER B 322 18.15 4.75 13.96
C SER B 322 18.90 4.32 15.22
N ASP B 323 20.10 3.79 14.99
CA ASP B 323 20.90 3.19 16.06
C ASP B 323 22.37 3.44 15.77
N PRO B 324 23.29 3.15 16.69
CA PRO B 324 24.71 3.11 16.32
C PRO B 324 24.99 2.05 15.26
N HIS B 325 25.41 2.51 14.08
CA HIS B 325 25.60 1.63 12.94
C HIS B 325 26.73 2.17 12.08
N ASP B 326 26.95 1.54 10.93
CA ASP B 326 27.88 2.02 9.92
C ASP B 326 27.11 2.49 8.69
N TYR B 327 27.74 3.33 7.89
CA TYR B 327 27.06 3.97 6.76
C TYR B 327 26.81 3.02 5.60
N ASP B 328 27.42 1.84 5.58
CA ASP B 328 27.13 0.81 4.58
C ASP B 328 26.73 -0.47 5.30
N GLU B 329 25.44 -0.55 5.66
CA GLU B 329 24.88 -1.70 6.35
C GLU B 329 23.44 -1.89 5.91
N LEU B 330 23.10 -3.11 5.48
CA LEU B 330 21.74 -3.48 5.17
C LEU B 330 21.26 -4.56 6.12
N HIS B 331 20.03 -4.41 6.61
CA HIS B 331 19.40 -5.40 7.48
C HIS B 331 18.20 -5.96 6.71
N ILE B 332 18.39 -7.11 6.07
CA ILE B 332 17.35 -7.74 5.26
C ILE B 332 16.38 -8.48 6.18
N PRO B 333 15.10 -8.57 5.83
CA PRO B 333 14.14 -9.30 6.68
C PRO B 333 14.31 -10.82 6.54
N TRP B 334 13.47 -11.54 7.28
CA TRP B 334 13.60 -13.00 7.36
C TRP B 334 13.15 -13.65 6.07
N GLY B 335 12.03 -13.20 5.51
CA GLY B 335 11.49 -13.85 4.31
C GLY B 335 12.29 -13.59 3.06
N VAL B 336 12.96 -12.44 2.99
CA VAL B 336 13.79 -12.14 1.82
C VAL B 336 15.11 -12.91 1.89
N GLY B 337 15.76 -12.92 3.05
CA GLY B 337 17.03 -13.61 3.20
C GLY B 337 16.94 -15.11 3.16
N CYS B 338 15.76 -15.67 3.42
CA CYS B 338 15.60 -17.12 3.35
C CYS B 338 15.43 -17.60 1.91
N GLN B 339 14.90 -16.75 1.03
CA GLN B 339 14.73 -17.09 -0.38
C GLN B 339 15.87 -16.60 -1.26
N LEU B 340 16.69 -15.67 -0.75
CA LEU B 340 17.85 -15.20 -1.49
C LEU B 340 19.09 -16.05 -1.24
N LEU B 341 19.26 -16.55 -0.02
CA LEU B 341 20.39 -17.39 0.37
C LEU B 341 20.00 -18.86 0.47
N LYS B 342 19.14 -19.34 -0.44
CA LYS B 342 18.70 -20.72 -0.39
C LYS B 342 19.84 -21.68 -0.74
N TYR B 343 20.62 -21.36 -1.77
CA TYR B 343 21.77 -22.19 -2.13
C TYR B 343 22.95 -21.97 -1.20
N HIS B 344 22.92 -20.92 -0.38
CA HIS B 344 23.93 -20.72 0.66
C HIS B 344 23.56 -21.46 1.94
N LEU B 345 22.27 -21.57 2.25
CA LEU B 345 21.83 -22.38 3.37
C LEU B 345 21.89 -23.87 3.06
N THR B 346 21.70 -24.24 1.78
CA THR B 346 21.74 -25.65 1.39
C THR B 346 23.14 -26.24 1.54
N ASN B 347 24.17 -25.45 1.24
CA ASN B 347 25.55 -25.90 1.41
C ASN B 347 25.87 -26.15 2.89
N LYS B 348 25.40 -25.27 3.77
CA LYS B 348 25.66 -25.46 5.19
C LYS B 348 24.82 -26.57 5.79
N LEU B 349 23.61 -26.80 5.26
CA LEU B 349 22.81 -27.92 5.74
C LEU B 349 23.34 -29.26 5.22
N LYS B 350 23.99 -29.27 4.06
CA LYS B 350 24.62 -30.48 3.56
C LYS B 350 26.02 -30.70 4.12
N ALA B 351 26.64 -29.67 4.68
CA ALA B 351 27.98 -29.81 5.25
C ALA B 351 27.97 -30.03 6.75
N LYS B 352 27.29 -29.16 7.51
CA LYS B 352 27.23 -29.32 8.96
C LYS B 352 26.34 -30.49 9.34
N PHE B 353 25.10 -30.50 8.88
CA PHE B 353 24.21 -31.63 9.07
C PHE B 353 24.41 -32.65 7.95
N ASN B 354 23.84 -33.83 8.14
CA ASN B 354 23.92 -34.90 7.15
C ASN B 354 22.69 -34.95 6.26
N MET B 355 22.08 -33.79 6.00
CA MET B 355 20.89 -33.72 5.18
C MET B 355 21.22 -33.90 3.71
N THR B 356 20.28 -34.48 2.97
CA THR B 356 20.35 -34.45 1.51
C THR B 356 19.79 -33.12 1.01
N THR B 357 19.92 -32.91 -0.30
CA THR B 357 19.46 -31.65 -0.88
C THR B 357 17.93 -31.56 -0.91
N ARG B 358 17.24 -32.69 -0.94
CA ARG B 358 15.78 -32.68 -0.88
C ARG B 358 15.30 -32.30 0.52
N GLU B 359 15.93 -32.87 1.56
CA GLU B 359 15.59 -32.49 2.92
C GLU B 359 16.03 -31.07 3.25
N ALA B 360 17.12 -30.61 2.64
CA ALA B 360 17.56 -29.22 2.87
C ALA B 360 16.61 -28.24 2.18
N PHE B 361 16.14 -28.58 0.98
CA PHE B 361 15.17 -27.72 0.30
C PHE B 361 13.82 -27.74 1.01
N SER B 362 13.46 -28.87 1.64
CA SER B 362 12.24 -28.90 2.44
C SER B 362 12.42 -28.16 3.76
N PHE B 363 13.64 -28.08 4.27
CA PHE B 363 13.89 -27.37 5.51
C PHE B 363 13.98 -25.86 5.32
N VAL B 364 14.46 -25.41 4.16
CA VAL B 364 14.54 -23.97 3.91
C VAL B 364 13.15 -23.40 3.65
N TYR B 365 12.37 -24.06 2.79
CA TYR B 365 11.05 -23.56 2.41
C TYR B 365 10.03 -23.65 3.54
N GLU B 366 10.26 -24.52 4.53
CA GLU B 366 9.32 -24.62 5.64
C GLU B 366 9.47 -23.45 6.60
N ASN B 367 10.70 -23.00 6.84
CA ASN B 367 10.98 -21.92 7.78
C ASN B 367 11.07 -20.55 7.10
N VAL B 368 10.39 -20.37 5.97
CA VAL B 368 10.32 -19.07 5.33
C VAL B 368 9.41 -18.13 6.14
N LEU B 369 8.24 -18.63 6.54
CA LEU B 369 7.29 -17.87 7.33
C LEU B 369 7.31 -18.23 8.80
N GLN B 370 8.42 -18.78 9.28
CA GLN B 370 8.51 -19.24 10.66
C GLN B 370 9.96 -19.16 11.14
N TYR B 371 10.15 -18.59 12.32
CA TYR B 371 11.49 -18.43 12.88
C TYR B 371 11.97 -19.71 13.55
N ASN B 372 13.24 -20.04 13.32
CA ASN B 372 13.89 -21.14 14.03
C ASN B 372 15.36 -20.77 14.25
N GLN B 373 15.96 -21.39 15.27
CA GLN B 373 17.29 -20.99 15.70
C GLN B 373 18.38 -21.46 14.74
N ILE B 374 18.15 -22.56 14.02
CA ILE B 374 19.18 -23.14 13.18
C ILE B 374 19.44 -22.27 11.96
N ILE B 375 18.37 -21.78 11.31
CA ILE B 375 18.52 -20.92 10.15
C ILE B 375 19.11 -19.56 10.54
N ALA B 376 18.78 -19.07 11.74
CA ALA B 376 19.37 -17.82 12.23
C ALA B 376 20.85 -17.97 12.53
N ASP B 377 21.25 -19.12 13.11
CA ASP B 377 22.67 -19.36 13.35
C ASP B 377 23.44 -19.57 12.06
N LEU B 378 22.81 -20.18 11.04
CA LEU B 378 23.48 -20.30 9.75
C LEU B 378 23.55 -18.96 9.02
N PHE B 379 22.58 -18.07 9.27
CA PHE B 379 22.68 -16.71 8.75
C PHE B 379 23.84 -15.95 9.40
N LYS B 380 23.98 -16.05 10.72
CA LYS B 380 25.12 -15.43 11.40
C LYS B 380 26.44 -16.02 10.94
N GLU B 381 26.47 -17.33 10.67
CA GLU B 381 27.69 -17.97 10.16
C GLU B 381 28.02 -17.46 8.75
N LEU B 382 27.01 -17.38 7.88
CA LEU B 382 27.23 -16.91 6.50
C LEU B 382 27.63 -15.44 6.46
N ILE B 383 27.19 -14.64 7.43
CA ILE B 383 27.70 -13.28 7.54
C ILE B 383 29.14 -13.30 8.03
N ALA B 384 29.45 -14.17 9.00
CA ALA B 384 30.79 -14.20 9.60
C ALA B 384 31.85 -14.81 8.68
N GLU B 385 31.46 -15.55 7.64
CA GLU B 385 32.46 -16.14 6.75
C GLU B 385 33.18 -15.10 5.89
N ALA B 386 32.58 -13.93 5.68
CA ALA B 386 33.23 -12.85 4.94
C ALA B 386 34.24 -12.19 5.87
N ALA B 387 35.51 -12.61 5.75
CA ALA B 387 36.56 -12.13 6.64
C ALA B 387 37.07 -10.71 6.35
N PRO B 388 37.42 -10.29 5.12
CA PRO B 388 37.88 -8.90 4.97
C PRO B 388 36.75 -7.89 4.83
N TYR B 389 35.50 -8.32 4.76
CA TYR B 389 34.36 -7.42 4.59
C TYR B 389 33.45 -7.50 5.80
N LYS B 390 32.53 -6.54 5.88
CA LYS B 390 31.54 -6.56 6.95
C LYS B 390 30.46 -7.60 6.69
N GLY B 391 30.17 -7.89 5.42
CA GLY B 391 29.18 -8.88 5.07
C GLY B 391 29.25 -9.27 3.61
N MET B 392 28.09 -9.45 2.98
CA MET B 392 28.01 -9.84 1.58
C MET B 392 27.73 -8.61 0.73
N GLY B 393 28.47 -8.46 -0.36
CA GLY B 393 28.34 -7.26 -1.19
C GLY B 393 27.07 -7.28 -2.01
N CYS B 394 26.39 -6.14 -2.05
CA CYS B 394 25.15 -5.97 -2.79
C CYS B 394 25.15 -4.62 -3.48
N THR B 395 24.22 -4.45 -4.42
CA THR B 395 23.95 -3.17 -5.05
C THR B 395 22.47 -2.87 -4.91
N PHE B 396 22.16 -1.77 -4.23
CA PHE B 396 20.79 -1.42 -3.86
C PHE B 396 20.33 -0.29 -4.77
N HIS B 397 19.66 -0.66 -5.87
CA HIS B 397 19.30 0.27 -6.92
C HIS B 397 18.06 1.08 -6.53
N ARG B 398 17.76 2.09 -7.36
CA ARG B 398 16.54 2.87 -7.25
C ARG B 398 16.18 3.38 -8.64
N ASN B 399 14.94 3.13 -9.07
CA ASN B 399 14.52 3.42 -10.42
C ASN B 399 14.36 4.92 -10.73
N PRO B 400 13.79 5.75 -9.82
CA PRO B 400 13.91 7.17 -10.22
C PRO B 400 15.27 7.76 -9.90
N ARG B 404 24.94 8.98 -9.73
CA ARG B 404 25.92 8.21 -8.98
C ARG B 404 25.33 7.79 -7.62
N GLY B 405 24.49 8.65 -7.06
CA GLY B 405 23.87 8.41 -5.78
C GLY B 405 22.57 7.64 -5.82
N SER B 406 22.20 7.10 -6.99
CA SER B 406 20.99 6.28 -7.12
C SER B 406 21.29 4.79 -7.04
N THR B 407 22.56 4.40 -7.08
CA THR B 407 22.95 2.99 -6.98
C THR B 407 24.24 2.94 -6.17
N GLN B 408 24.15 2.42 -4.95
CA GLN B 408 25.28 2.34 -4.05
C GLN B 408 25.59 0.88 -3.74
N GLN B 409 26.68 0.67 -3.00
CA GLN B 409 27.11 -0.66 -2.58
C GLN B 409 27.03 -0.75 -1.06
N PHE B 410 26.39 -1.80 -0.57
CA PHE B 410 26.22 -2.01 0.87
C PHE B 410 26.68 -3.42 1.22
N PHE B 411 26.58 -3.75 2.50
CA PHE B 411 26.96 -5.07 3.01
C PHE B 411 25.89 -5.54 3.97
N ILE B 412 25.32 -6.72 3.70
CA ILE B 412 24.34 -7.31 4.59
C ILE B 412 25.05 -7.79 5.84
N THR B 413 24.70 -7.21 6.99
CA THR B 413 25.33 -7.56 8.26
C THR B 413 24.35 -8.14 9.27
N LYS B 414 23.06 -8.20 8.95
CA LYS B 414 22.07 -8.69 9.90
C LYS B 414 20.83 -9.16 9.13
N VAL B 415 20.21 -10.22 9.65
CA VAL B 415 18.92 -10.69 9.18
C VAL B 415 17.94 -10.53 10.34
N LYS B 416 16.80 -9.90 10.07
CA LYS B 416 15.86 -9.55 11.13
C LYS B 416 15.15 -10.79 11.66
N ASP B 417 15.12 -10.91 12.99
CA ASP B 417 14.47 -12.03 13.64
C ASP B 417 12.95 -11.91 13.65
N ASP B 418 12.42 -10.71 13.42
CA ASP B 418 10.98 -10.49 13.40
C ASP B 418 10.43 -10.86 12.04
N ILE B 419 9.41 -11.72 12.02
CA ILE B 419 8.88 -12.22 10.76
C ILE B 419 7.90 -11.23 10.14
N ASN B 420 7.18 -10.47 10.96
CA ASN B 420 6.20 -9.52 10.44
C ASN B 420 6.87 -8.29 9.83
N ASP B 421 8.09 -7.98 10.23
CA ASP B 421 8.84 -6.88 9.63
C ASP B 421 9.35 -7.32 8.26
N ASN B 422 8.78 -6.78 7.19
CA ASN B 422 9.20 -7.09 5.83
C ASN B 422 9.66 -5.77 5.19
N SER B 423 10.92 -5.41 5.45
CA SER B 423 11.48 -4.17 4.95
C SER B 423 13.01 -4.25 5.02
N ILE B 424 13.67 -3.70 4.01
CA ILE B 424 15.12 -3.65 3.96
C ILE B 424 15.55 -2.31 4.54
N SER B 425 15.97 -2.31 5.80
CA SER B 425 16.34 -1.08 6.49
C SER B 425 17.70 -0.59 6.01
N MET B 426 17.77 0.68 5.62
CA MET B 426 18.95 1.28 5.03
C MET B 426 19.59 2.25 6.02
N SER B 427 20.78 2.73 5.65
CA SER B 427 21.52 3.69 6.46
C SER B 427 20.79 5.03 6.53
N VAL B 428 20.81 5.64 7.71
CA VAL B 428 20.11 6.90 7.92
C VAL B 428 20.87 8.08 7.33
N LEU B 429 22.17 7.95 7.10
CA LEU B 429 22.95 9.01 6.49
C LEU B 429 23.07 8.86 4.98
N CYS B 430 22.64 7.74 4.42
CA CYS B 430 22.60 7.55 2.98
C CYS B 430 21.19 7.71 2.42
N LEU B 431 20.31 8.39 3.14
CA LEU B 431 18.94 8.62 2.69
C LEU B 431 18.79 9.95 1.96
N LYS B 432 19.89 10.60 1.59
CA LYS B 432 19.82 11.89 0.92
C LYS B 432 20.32 11.88 -0.51
N ALA B 433 21.26 11.00 -0.85
CA ALA B 433 21.71 10.91 -2.24
C ALA B 433 20.65 10.22 -3.11
N PRO B 434 19.91 9.19 -2.61
CA PRO B 434 18.56 8.98 -3.16
C PRO B 434 17.51 9.66 -2.28
N ASN B 435 16.31 9.85 -2.80
CA ASN B 435 15.26 10.47 -2.01
C ASN B 435 14.64 9.44 -1.07
N ALA B 436 14.55 9.80 0.21
CA ALA B 436 14.05 8.90 1.25
C ALA B 436 12.52 8.90 1.21
N ASP B 437 11.96 7.95 0.47
CA ASP B 437 10.52 7.79 0.34
C ASP B 437 10.17 6.53 1.12
N PHE B 438 9.71 6.71 2.36
CA PHE B 438 9.27 5.58 3.18
C PHE B 438 7.88 5.09 2.81
N ASP B 439 7.12 5.87 2.04
CA ASP B 439 5.71 5.57 1.82
C ASP B 439 5.51 4.52 0.73
N GLY B 440 5.88 4.85 -0.51
CA GLY B 440 5.55 3.99 -1.63
C GLY B 440 6.68 3.69 -2.60
N ASP B 441 7.90 3.51 -2.09
CA ASP B 441 9.07 3.26 -2.92
C ASP B 441 9.64 1.89 -2.60
N GLN B 442 9.49 0.94 -3.52
CA GLN B 442 10.21 -0.32 -3.44
C GLN B 442 11.52 -0.21 -4.20
N LEU B 443 12.57 -0.77 -3.62
CA LEU B 443 13.92 -0.63 -4.17
C LEU B 443 14.51 -2.01 -4.42
N ASN B 444 15.23 -2.14 -5.53
CA ASN B 444 15.76 -3.43 -5.96
C ASN B 444 17.08 -3.75 -5.26
N LEU B 445 17.31 -5.04 -5.05
CA LEU B 445 18.54 -5.53 -4.44
C LEU B 445 19.11 -6.62 -5.34
N THR B 446 20.42 -6.56 -5.57
CA THR B 446 21.12 -7.54 -6.39
C THR B 446 22.29 -8.09 -5.60
N LEU B 447 22.32 -9.41 -5.41
CA LEU B 447 23.38 -10.07 -4.66
C LEU B 447 24.58 -10.35 -5.56
N MET B 448 25.77 -10.04 -5.04
CA MET B 448 26.99 -10.31 -5.81
C MET B 448 27.49 -11.71 -5.50
N PRO B 449 27.75 -12.54 -6.52
CA PRO B 449 28.14 -13.93 -6.28
C PRO B 449 29.55 -14.08 -5.71
N ASP B 450 30.50 -13.35 -6.28
CA ASP B 450 31.91 -13.49 -5.93
C ASP B 450 32.45 -12.18 -5.39
N VAL B 451 33.74 -12.20 -5.02
CA VAL B 451 34.42 -10.99 -4.57
C VAL B 451 35.03 -10.19 -5.72
N TYR B 452 35.05 -10.75 -6.93
CA TYR B 452 35.53 -10.00 -8.08
C TYR B 452 34.54 -8.89 -8.44
N LEU B 453 33.24 -9.21 -8.47
CA LEU B 453 32.24 -8.17 -8.71
C LEU B 453 32.08 -7.26 -7.50
N THR B 454 32.36 -7.76 -6.29
CA THR B 454 32.35 -6.91 -5.10
C THR B 454 33.47 -5.89 -5.15
N LYS B 455 34.61 -6.27 -5.72
CA LYS B 455 35.70 -5.31 -5.92
C LYS B 455 35.39 -4.39 -7.08
N ALA B 456 34.72 -4.90 -8.12
CA ALA B 456 34.46 -4.10 -9.32
C ALA B 456 33.39 -3.03 -9.09
N THR B 457 32.39 -3.31 -8.25
CA THR B 457 31.36 -2.32 -7.94
C THR B 457 31.70 -1.46 -6.74
N GLU B 458 32.99 -1.25 -6.46
CA GLU B 458 33.41 -0.29 -5.46
C GLU B 458 33.32 1.15 -6.00
N ARG B 459 33.28 1.31 -7.33
CA ARG B 459 33.15 2.63 -7.93
C ARG B 459 31.79 3.27 -7.66
N ILE B 460 30.77 2.48 -7.37
CA ILE B 460 29.49 3.00 -6.93
C ILE B 460 29.32 2.72 -5.44
N ALA B 461 29.73 3.66 -4.61
CA ALA B 461 29.85 3.48 -3.17
C ALA B 461 29.23 4.67 -2.47
N PRO B 462 28.87 4.52 -1.18
CA PRO B 462 28.35 5.68 -0.43
C PRO B 462 29.38 6.76 -0.11
N HIS B 463 30.65 6.59 -0.49
CA HIS B 463 31.64 7.65 -0.36
C HIS B 463 31.97 8.32 -1.69
N THR B 464 31.32 7.90 -2.77
CA THR B 464 31.60 8.44 -4.10
C THR B 464 30.72 9.62 -4.47
N TRP B 465 29.70 9.95 -3.67
CA TRP B 465 28.89 11.14 -3.90
C TRP B 465 29.13 12.21 -2.85
N VAL B 466 30.22 12.11 -2.08
CA VAL B 466 30.47 13.07 -1.02
C VAL B 466 30.94 14.40 -1.60
N LEU B 467 31.91 14.36 -2.51
CA LEU B 467 32.45 15.57 -3.09
C LEU B 467 31.46 16.17 -4.09
N SER B 468 31.25 17.49 -3.99
CA SER B 468 30.24 18.16 -4.79
C SER B 468 30.68 18.26 -6.25
N ILE B 469 29.74 18.04 -7.16
CA ILE B 469 30.01 18.09 -8.59
C ILE B 469 29.63 19.43 -9.20
N ASP B 470 29.22 20.40 -8.38
CA ASP B 470 28.85 21.72 -8.87
C ASP B 470 29.97 22.74 -8.67
N GLU B 471 30.45 22.90 -7.44
CA GLU B 471 31.47 23.82 -6.97
C GLU B 471 32.82 23.10 -6.82
N PRO B 472 33.95 23.81 -7.01
CA PRO B 472 35.26 23.13 -7.03
C PRO B 472 35.70 22.51 -5.70
N HIS B 473 35.66 23.27 -4.61
CA HIS B 473 36.05 22.74 -3.30
C HIS B 473 34.86 22.89 -2.35
N GLU B 474 33.94 21.93 -2.43
CA GLU B 474 32.79 21.85 -1.54
C GLU B 474 32.41 20.39 -1.38
N ILE B 475 31.76 20.07 -0.26
CA ILE B 475 31.14 18.77 -0.05
C ILE B 475 29.65 18.92 -0.37
N SER B 476 29.11 17.98 -1.15
CA SER B 476 27.73 18.04 -1.58
C SER B 476 26.77 17.92 -0.39
N GLY B 477 25.55 18.44 -0.57
CA GLY B 477 24.55 18.56 0.46
C GLY B 477 23.81 17.30 0.84
N ASN B 478 24.27 16.14 0.35
CA ASN B 478 23.71 14.87 0.79
C ASN B 478 24.37 14.34 2.05
N LEU B 479 25.36 15.05 2.60
CA LEU B 479 26.03 14.66 3.83
C LEU B 479 25.39 15.31 5.06
N GLU B 480 24.53 16.31 4.86
CA GLU B 480 23.97 17.08 5.96
C GLU B 480 22.98 16.25 6.78
N LEU B 481 22.97 16.50 8.09
CA LEU B 481 22.18 15.71 9.01
C LEU B 481 20.70 16.08 8.92
N GLN B 482 19.87 15.19 9.46
CA GLN B 482 18.42 15.33 9.41
C GLN B 482 17.93 16.26 10.52
N GLY B 483 16.62 16.46 10.55
CA GLY B 483 15.96 17.38 11.46
C GLY B 483 16.15 17.16 12.95
N PRO B 484 15.65 16.03 13.48
CA PRO B 484 15.75 15.81 14.94
C PRO B 484 17.18 15.62 15.44
N VAL B 485 18.05 15.02 14.63
CA VAL B 485 19.44 14.85 15.04
C VAL B 485 20.20 16.17 15.01
N VAL B 486 19.74 17.15 14.24
CA VAL B 486 20.29 18.51 14.35
C VAL B 486 19.70 19.22 15.57
N GLU B 487 18.39 19.07 15.80
CA GLU B 487 17.72 19.78 16.88
C GLU B 487 18.16 19.31 18.27
N THR B 488 18.57 18.04 18.39
CA THR B 488 19.07 17.58 19.67
C THR B 488 20.48 18.10 19.97
N ILE B 489 21.24 18.51 18.96
CA ILE B 489 22.50 19.19 19.18
C ILE B 489 22.27 20.68 19.41
N ILE B 490 21.23 21.25 18.79
CA ILE B 490 20.88 22.65 19.02
C ILE B 490 20.38 22.85 20.45
N ASN B 491 19.65 21.88 20.99
CA ASN B 491 19.21 21.95 22.38
C ASN B 491 20.35 21.79 23.38
N TRP B 492 21.50 21.25 22.95
CA TRP B 492 22.63 21.01 23.83
C TRP B 492 23.68 22.13 23.76
N ALA B 493 24.17 22.42 22.56
CA ALA B 493 25.27 23.38 22.41
C ALA B 493 24.80 24.81 22.60
N HIS B 494 23.67 25.17 21.99
CA HIS B 494 23.13 26.53 22.09
C HIS B 494 22.13 26.56 23.25
N GLU B 495 22.68 26.67 24.45
CA GLU B 495 21.89 26.74 25.67
C GLU B 495 22.58 27.67 26.65
N LYS B 496 21.79 28.48 27.36
CA LYS B 496 22.33 29.38 28.39
C LYS B 496 22.71 28.55 29.60
N TYR B 497 23.90 27.94 29.53
CA TYR B 497 24.41 27.04 30.55
C TYR B 497 25.53 27.63 31.38
N LEU B 498 26.44 28.36 30.75
CA LEU B 498 27.57 28.99 31.39
C LEU B 498 27.33 30.49 31.57
N PRO B 499 27.93 31.10 32.58
CA PRO B 499 27.82 32.56 32.76
C PRO B 499 28.53 33.31 31.64
N PRO B 500 28.20 34.58 31.41
CA PRO B 500 28.93 35.36 30.39
C PRO B 500 30.38 35.60 30.77
N LEU B 501 31.17 35.99 29.76
CA LEU B 501 32.62 35.97 29.86
C LEU B 501 33.15 37.04 30.82
N GLU B 502 32.57 38.24 30.79
CA GLU B 502 33.05 39.29 31.68
C GLU B 502 32.56 39.13 33.11
N GLU B 503 31.56 38.28 33.34
CA GLU B 503 31.11 37.96 34.69
C GLU B 503 31.73 36.66 35.21
N TRP B 504 32.21 35.80 34.29
CA TRP B 504 32.94 34.60 34.67
C TRP B 504 34.25 34.93 35.38
N LEU B 505 34.88 36.04 35.02
CA LEU B 505 36.14 36.44 35.61
C LEU B 505 35.92 37.13 36.96
N LYS C 307 8.14 -28.27 -20.27
CA LYS C 307 7.08 -28.99 -19.58
C LYS C 307 7.37 -29.06 -18.08
N GLN C 308 6.49 -28.45 -17.28
CA GLN C 308 6.58 -28.35 -15.83
C GLN C 308 7.90 -27.67 -15.45
N ARG C 309 8.01 -26.38 -15.78
CA ARG C 309 9.28 -25.65 -15.77
C ARG C 309 9.78 -25.50 -14.33
N VAL C 310 10.76 -26.33 -13.99
CA VAL C 310 11.42 -26.30 -12.69
C VAL C 310 12.32 -25.07 -12.63
N THR C 311 12.50 -24.52 -11.42
CA THR C 311 13.38 -23.38 -11.24
C THR C 311 14.83 -23.77 -11.58
N PRO C 312 15.49 -23.04 -12.48
CA PRO C 312 16.90 -23.36 -12.80
C PRO C 312 17.82 -23.05 -11.62
N GLY C 313 18.80 -23.93 -11.43
CA GLY C 313 19.63 -23.93 -10.25
C GLY C 313 19.27 -25.03 -9.27
N ASP C 314 17.99 -25.43 -9.24
CA ASP C 314 17.60 -26.58 -8.43
C ASP C 314 18.10 -27.87 -9.04
N ILE C 315 18.08 -27.97 -10.37
CA ILE C 315 18.56 -29.18 -11.06
C ILE C 315 20.07 -29.23 -11.18
N VAL C 316 20.78 -28.16 -10.82
CA VAL C 316 22.21 -28.24 -10.64
C VAL C 316 22.55 -28.87 -9.29
N ALA C 317 21.74 -28.57 -8.27
CA ALA C 317 21.87 -29.24 -6.99
C ALA C 317 21.54 -30.72 -7.08
N TYR C 318 20.62 -31.10 -7.97
CA TYR C 318 20.37 -32.52 -8.22
C TYR C 318 21.38 -33.12 -9.19
N ASN C 319 22.10 -32.30 -9.95
CA ASN C 319 23.27 -32.80 -10.67
C ASN C 319 24.41 -33.08 -9.72
N LEU C 320 24.47 -32.35 -8.61
CA LEU C 320 25.54 -32.52 -7.62
C LEU C 320 25.25 -33.62 -6.60
N ASP C 321 24.00 -33.73 -6.14
CA ASP C 321 23.68 -34.67 -5.08
C ASP C 321 23.66 -36.11 -5.56
N ALA C 322 23.49 -36.34 -6.86
CA ALA C 322 23.47 -37.70 -7.39
C ALA C 322 24.86 -38.33 -7.42
N LEU C 323 25.92 -37.53 -7.31
CA LEU C 323 27.27 -38.06 -7.20
C LEU C 323 27.63 -38.42 -5.77
N ASP C 324 26.79 -38.07 -4.79
CA ASP C 324 26.97 -38.50 -3.40
C ASP C 324 26.29 -39.85 -3.26
N VAL C 325 27.01 -40.90 -3.71
CA VAL C 325 26.41 -42.21 -3.85
C VAL C 325 26.22 -42.88 -2.50
N VAL C 326 27.25 -42.85 -1.65
CA VAL C 326 27.22 -43.58 -0.40
C VAL C 326 26.25 -42.96 0.60
N LYS C 327 26.11 -41.63 0.58
CA LYS C 327 25.16 -40.98 1.48
C LYS C 327 23.72 -41.24 1.04
N LEU C 328 23.47 -41.25 -0.27
CA LEU C 328 22.14 -41.59 -0.77
C LEU C 328 21.80 -43.05 -0.54
N VAL C 329 22.81 -43.93 -0.50
CA VAL C 329 22.56 -45.32 -0.15
C VAL C 329 22.23 -45.43 1.33
N HIS C 330 23.03 -44.81 2.19
CA HIS C 330 22.87 -44.94 3.63
C HIS C 330 21.70 -44.14 4.19
N LYS C 331 21.09 -43.25 3.40
CA LYS C 331 19.86 -42.60 3.85
C LYS C 331 18.68 -43.56 3.88
N ILE C 332 18.70 -44.57 3.02
CA ILE C 332 17.60 -45.55 2.96
C ILE C 332 17.84 -46.71 3.90
N ASP C 333 19.00 -47.35 3.78
CA ASP C 333 19.35 -48.51 4.61
C ASP C 333 20.80 -48.35 5.05
N ASP C 334 21.01 -48.17 6.35
CA ASP C 334 22.35 -47.97 6.89
C ASP C 334 23.12 -49.27 7.06
N THR C 335 22.47 -50.42 6.94
CA THR C 335 23.16 -51.71 7.03
C THR C 335 23.43 -52.16 5.58
N VAL C 336 24.42 -51.52 4.98
CA VAL C 336 24.86 -51.82 3.62
C VAL C 336 26.39 -51.83 3.63
N PRO C 337 27.04 -52.89 3.12
CA PRO C 337 28.52 -52.87 3.03
C PRO C 337 28.99 -51.86 2.01
N VAL C 338 30.00 -51.08 2.39
CA VAL C 338 30.55 -50.04 1.51
C VAL C 338 31.34 -50.67 0.37
N GLU C 339 31.88 -51.88 0.58
CA GLU C 339 32.59 -52.58 -0.48
C GLU C 339 31.66 -52.99 -1.61
N LEU C 340 30.39 -53.26 -1.31
CA LEU C 340 29.43 -53.55 -2.37
C LEU C 340 29.12 -52.31 -3.19
N ILE C 341 29.05 -51.15 -2.54
CA ILE C 341 28.85 -49.89 -3.25
C ILE C 341 30.07 -49.56 -4.10
N GLN C 342 31.26 -49.90 -3.62
CA GLN C 342 32.47 -49.68 -4.41
C GLN C 342 32.56 -50.65 -5.58
N GLU C 343 32.07 -51.88 -5.41
CA GLU C 343 32.01 -52.81 -6.54
C GLU C 343 30.96 -52.38 -7.55
N CYS C 344 29.91 -51.68 -7.11
CA CYS C 344 28.94 -51.14 -8.06
C CYS C 344 29.45 -49.88 -8.75
N LEU C 345 30.34 -49.12 -8.10
CA LEU C 345 30.78 -47.84 -8.63
C LEU C 345 31.96 -47.95 -9.59
N ASP C 346 32.62 -49.11 -9.68
CA ASP C 346 33.73 -49.27 -10.61
C ASP C 346 33.28 -49.65 -12.01
N CYS C 347 31.98 -49.69 -12.28
CA CYS C 347 31.46 -49.98 -13.60
C CYS C 347 30.69 -48.81 -14.19
N VAL C 348 30.80 -47.63 -13.60
CA VAL C 348 30.10 -46.45 -14.10
C VAL C 348 30.69 -45.98 -15.42
N ALA C 349 32.03 -46.01 -15.53
CA ALA C 349 32.72 -45.42 -16.69
C ALA C 349 32.48 -46.22 -17.96
N VAL C 350 32.38 -47.54 -17.86
CA VAL C 350 32.13 -48.36 -19.05
C VAL C 350 30.69 -48.18 -19.53
N THR C 351 29.73 -48.13 -18.60
CA THR C 351 28.35 -47.88 -18.97
C THR C 351 28.06 -46.42 -19.26
N ALA C 352 29.02 -45.52 -18.98
CA ALA C 352 28.82 -44.10 -19.28
C ALA C 352 28.74 -43.84 -20.78
N THR C 353 29.52 -44.56 -21.57
CA THR C 353 29.41 -44.47 -23.03
C THR C 353 28.47 -45.53 -23.59
N LYS C 354 27.29 -45.65 -22.99
CA LYS C 354 26.23 -46.55 -23.45
C LYS C 354 24.89 -45.84 -23.23
N ASP C 355 23.96 -46.04 -24.15
CA ASP C 355 22.66 -45.38 -24.06
C ASP C 355 21.81 -45.95 -22.93
N ILE C 356 21.14 -45.07 -22.21
CA ILE C 356 20.34 -45.44 -21.05
C ILE C 356 18.93 -45.75 -21.53
N TYR C 357 18.37 -46.87 -21.04
CA TYR C 357 17.08 -47.41 -21.43
C TYR C 357 16.08 -47.27 -20.28
N PRO C 358 14.77 -47.10 -20.59
CA PRO C 358 13.82 -46.66 -19.54
C PRO C 358 13.52 -47.69 -18.45
N HIS C 359 13.87 -48.96 -18.62
CA HIS C 359 13.67 -49.92 -17.54
C HIS C 359 14.64 -49.65 -16.38
N GLN C 360 15.87 -49.24 -16.72
CA GLN C 360 16.84 -48.85 -15.70
C GLN C 360 16.40 -47.58 -14.98
N ILE C 361 15.85 -46.62 -15.73
CA ILE C 361 15.37 -45.37 -15.14
C ILE C 361 14.17 -45.63 -14.26
N LEU C 362 13.29 -46.56 -14.64
CA LEU C 362 12.12 -46.85 -13.83
C LEU C 362 12.49 -47.60 -12.55
N LEU C 363 13.44 -48.55 -12.65
CA LEU C 363 13.88 -49.27 -11.46
C LEU C 363 14.72 -48.38 -10.55
N ALA C 364 15.38 -47.35 -11.09
CA ALA C 364 16.08 -46.38 -10.25
C ALA C 364 15.17 -45.28 -9.74
N GLN C 365 13.98 -45.13 -10.32
CA GLN C 365 12.98 -44.20 -9.80
C GLN C 365 12.12 -44.81 -8.71
N TRP C 366 11.85 -46.12 -8.77
CA TRP C 366 11.10 -46.76 -7.70
C TRP C 366 11.90 -46.81 -6.41
N VAL C 367 13.13 -47.34 -6.49
CA VAL C 367 14.08 -47.33 -5.40
C VAL C 367 14.59 -45.89 -5.28
N MET C 368 15.14 -45.53 -4.11
CA MET C 368 15.66 -44.19 -3.74
C MET C 368 14.73 -43.04 -4.13
N HIS C 369 13.45 -43.21 -3.77
CA HIS C 369 12.55 -42.06 -3.68
C HIS C 369 12.57 -41.44 -2.30
N LYS C 370 13.02 -42.18 -1.28
CA LYS C 370 13.11 -41.68 0.07
C LYS C 370 14.19 -40.63 0.25
N ALA C 371 15.18 -40.60 -0.64
CA ALA C 371 16.28 -39.64 -0.54
C ALA C 371 16.51 -38.82 -1.80
N PHE C 372 15.87 -39.16 -2.93
CA PHE C 372 16.06 -38.44 -4.18
C PHE C 372 14.72 -38.37 -4.90
N PRO C 373 14.35 -37.22 -5.44
CA PRO C 373 13.06 -37.12 -6.16
C PRO C 373 13.09 -37.87 -7.48
N ALA C 374 12.06 -38.68 -7.70
CA ALA C 374 12.02 -39.53 -8.89
C ALA C 374 11.73 -38.73 -10.16
N ARG C 375 11.07 -37.59 -10.04
CA ARG C 375 10.78 -36.75 -11.20
C ARG C 375 11.98 -35.92 -11.64
N ALA C 376 13.07 -35.91 -10.87
CA ALA C 376 14.28 -35.20 -11.24
C ALA C 376 15.14 -35.97 -12.23
N PHE C 377 14.79 -37.22 -12.56
CA PHE C 377 15.59 -38.04 -13.46
C PHE C 377 15.57 -37.53 -14.89
N SER C 378 14.51 -36.82 -15.28
CA SER C 378 14.41 -36.27 -16.63
C SER C 378 15.03 -34.88 -16.76
N HIS C 379 15.54 -34.31 -15.65
CA HIS C 379 16.12 -32.99 -15.65
C HIS C 379 17.58 -33.01 -15.22
N ILE C 380 18.23 -34.17 -15.23
CA ILE C 380 19.63 -34.29 -14.86
C ILE C 380 20.40 -34.93 -16.01
N ASN C 381 21.72 -34.83 -15.95
CA ASN C 381 22.57 -35.27 -17.05
C ASN C 381 22.83 -36.77 -16.95
N LYS C 382 23.75 -37.26 -17.79
CA LYS C 382 24.03 -38.69 -17.87
C LYS C 382 24.88 -39.19 -16.73
N ASN C 383 25.83 -38.37 -16.25
CA ASN C 383 26.68 -38.76 -15.14
C ASN C 383 25.93 -38.76 -13.82
N ALA C 384 24.74 -38.16 -13.75
CA ALA C 384 23.91 -38.28 -12.56
C ALA C 384 23.12 -39.58 -12.58
N VAL C 385 22.53 -39.94 -13.73
CA VAL C 385 21.72 -41.15 -13.78
C VAL C 385 22.61 -42.40 -13.76
N ASN C 386 23.86 -42.29 -14.21
CA ASN C 386 24.77 -43.43 -14.09
C ASN C 386 25.15 -43.71 -12.63
N HIS C 387 25.41 -42.65 -11.87
CA HIS C 387 25.69 -42.82 -10.45
C HIS C 387 24.46 -43.25 -9.68
N LEU C 388 23.27 -42.84 -10.11
CA LEU C 388 22.05 -43.31 -9.46
C LEU C 388 21.75 -44.76 -9.79
N LEU C 389 22.08 -45.22 -10.99
CA LEU C 389 21.98 -46.65 -11.31
C LEU C 389 22.96 -47.47 -10.48
N ALA C 390 24.19 -46.97 -10.32
CA ALA C 390 25.17 -47.66 -9.48
C ALA C 390 24.79 -47.63 -8.01
N ALA C 391 24.04 -46.61 -7.57
CA ALA C 391 23.55 -46.58 -6.21
C ALA C 391 22.36 -47.50 -5.99
N ALA C 392 21.49 -47.65 -7.00
CA ALA C 392 20.34 -48.53 -6.85
C ALA C 392 20.70 -50.00 -6.98
N GLN C 393 21.73 -50.32 -7.78
CA GLN C 393 22.19 -51.70 -7.92
C GLN C 393 22.73 -52.25 -6.61
N SER C 394 23.33 -51.38 -5.78
CA SER C 394 23.82 -51.81 -4.47
C SER C 394 22.69 -52.22 -3.55
N LEU C 395 21.60 -51.45 -3.52
CA LEU C 395 20.46 -51.78 -2.66
C LEU C 395 19.73 -53.02 -3.17
N MET C 396 19.61 -53.17 -4.50
CA MET C 396 18.97 -54.37 -5.01
C MET C 396 19.85 -55.61 -4.90
N TRP C 397 21.18 -55.43 -4.79
CA TRP C 397 22.05 -56.55 -4.44
C TRP C 397 21.90 -56.91 -2.96
N HIS C 398 21.85 -55.91 -2.08
CA HIS C 398 21.82 -56.16 -0.65
C HIS C 398 20.48 -56.70 -0.17
N TRP C 399 19.38 -56.29 -0.80
CA TRP C 399 18.06 -56.70 -0.33
C TRP C 399 17.71 -58.15 -0.68
N GLY C 400 18.47 -58.79 -1.56
CA GLY C 400 18.23 -60.17 -1.91
C GLY C 400 17.53 -60.40 -3.23
N PHE C 401 17.44 -59.38 -4.08
CA PHE C 401 16.83 -59.51 -5.41
C PHE C 401 17.98 -59.43 -6.43
N GLN C 402 18.62 -60.57 -6.66
CA GLN C 402 19.78 -60.60 -7.55
C GLN C 402 19.42 -60.87 -9.00
N GLN C 403 18.22 -61.38 -9.27
CA GLN C 403 17.79 -61.59 -10.65
C GLN C 403 17.36 -60.31 -11.33
N VAL C 404 16.99 -59.27 -10.56
CA VAL C 404 16.61 -58.00 -11.14
C VAL C 404 17.73 -56.96 -11.01
N ALA C 405 18.70 -57.17 -10.11
CA ALA C 405 19.82 -56.25 -9.96
C ALA C 405 20.84 -56.40 -11.09
N VAL C 406 20.76 -57.47 -11.88
CA VAL C 406 21.63 -57.63 -13.04
C VAL C 406 21.23 -56.66 -14.14
N PHE C 407 19.94 -56.35 -14.24
CA PHE C 407 19.37 -55.55 -15.32
C PHE C 407 19.60 -54.05 -15.16
N MET C 408 20.49 -53.60 -14.27
CA MET C 408 20.70 -52.17 -14.07
C MET C 408 21.85 -51.62 -14.90
N GLN C 409 23.02 -52.24 -14.80
CA GLN C 409 24.20 -51.82 -15.57
C GLN C 409 24.20 -52.63 -16.86
N VAL C 410 23.47 -52.14 -17.85
CA VAL C 410 23.05 -52.94 -19.01
C VAL C 410 23.02 -52.06 -20.25
N GLU C 411 23.63 -52.54 -21.33
CA GLU C 411 23.49 -51.94 -22.66
C GLU C 411 22.93 -52.99 -23.62
N LEU C 412 22.25 -52.52 -24.66
CA LEU C 412 21.44 -53.38 -25.51
C LEU C 412 22.30 -54.14 -26.52
N TYR C 413 21.86 -55.35 -26.84
CA TYR C 413 22.50 -56.18 -27.86
C TYR C 413 21.90 -55.92 -29.23
N ILE C 432 -3.28 -64.69 -7.67
CA ILE C 432 -1.92 -64.38 -7.27
C ILE C 432 -1.89 -64.04 -5.78
N LYS C 433 -0.88 -64.55 -5.07
CA LYS C 433 -0.76 -64.33 -3.64
C LYS C 433 -0.35 -62.90 -3.30
N TYR C 434 0.22 -62.17 -4.25
CA TYR C 434 0.72 -60.82 -3.99
C TYR C 434 -0.36 -59.75 -4.07
N LYS C 435 -1.54 -60.08 -4.60
CA LYS C 435 -2.53 -59.05 -4.91
C LYS C 435 -3.18 -58.49 -3.64
N ASP C 436 -3.49 -59.34 -2.67
CA ASP C 436 -4.15 -58.88 -1.46
C ASP C 436 -3.22 -58.15 -0.50
N VAL C 437 -1.91 -58.27 -0.68
CA VAL C 437 -0.96 -57.53 0.15
C VAL C 437 -0.50 -56.29 -0.60
N MET C 438 -0.59 -56.31 -1.94
CA MET C 438 -0.30 -55.12 -2.72
C MET C 438 -1.49 -54.15 -2.71
N ASP C 439 -2.69 -54.66 -2.46
CA ASP C 439 -3.84 -53.81 -2.22
C ASP C 439 -3.84 -53.23 -0.81
N GLU C 440 -3.05 -53.81 0.11
CA GLU C 440 -2.90 -53.28 1.45
C GLU C 440 -1.77 -52.28 1.55
N LEU C 441 -0.65 -52.53 0.84
CA LEU C 441 0.44 -51.57 0.83
C LEU C 441 0.15 -50.37 -0.07
N TYR C 442 -0.63 -50.58 -1.14
CA TYR C 442 -1.04 -49.52 -2.05
C TYR C 442 -2.56 -49.50 -2.09
N PRO C 443 -3.20 -48.80 -1.14
CA PRO C 443 -4.67 -48.86 -1.04
C PRO C 443 -5.38 -48.05 -2.11
N HIS C 444 -4.77 -46.96 -2.57
CA HIS C 444 -5.39 -46.11 -3.58
C HIS C 444 -5.31 -46.79 -4.94
N GLN C 445 -6.47 -47.03 -5.55
CA GLN C 445 -6.57 -47.80 -6.78
C GLN C 445 -7.27 -46.97 -7.85
N ARG C 446 -7.12 -47.40 -9.09
CA ARG C 446 -7.69 -46.69 -10.23
C ARG C 446 -9.15 -47.11 -10.42
N GLN C 447 -10.04 -46.12 -10.43
CA GLN C 447 -11.46 -46.38 -10.70
C GLN C 447 -11.66 -46.87 -12.12
N GLN C 448 -12.65 -47.75 -12.30
CA GLN C 448 -12.89 -48.41 -13.58
C GLN C 448 -14.30 -48.12 -14.07
N ARG C 449 -14.46 -48.18 -15.39
CA ARG C 449 -15.74 -47.94 -16.04
C ARG C 449 -16.56 -49.23 -16.06
N ALA C 450 -17.82 -49.12 -15.63
CA ALA C 450 -18.72 -50.27 -15.62
C ALA C 450 -19.13 -50.65 -17.04
N ILE C 451 -19.28 -51.95 -17.27
CA ILE C 451 -19.61 -52.48 -18.60
C ILE C 451 -20.92 -53.25 -18.45
N ASN C 452 -22.02 -52.65 -18.91
CA ASN C 452 -23.35 -53.24 -18.97
C ASN C 452 -23.85 -53.68 -17.58
N GLY C 453 -23.94 -52.67 -16.70
CA GLY C 453 -24.50 -52.83 -15.37
C GLY C 453 -23.86 -53.83 -14.43
N VAL C 454 -22.54 -53.72 -14.24
CA VAL C 454 -21.85 -54.49 -13.21
C VAL C 454 -20.69 -53.65 -12.69
N PRO C 455 -20.57 -53.45 -11.37
CA PRO C 455 -19.45 -52.65 -10.85
C PRO C 455 -18.13 -53.41 -10.96
N VAL C 456 -17.22 -52.86 -11.76
CA VAL C 456 -15.89 -53.45 -11.92
C VAL C 456 -15.05 -53.12 -10.71
N ALA C 457 -14.28 -54.11 -10.24
CA ALA C 457 -13.36 -53.88 -9.14
C ALA C 457 -12.22 -52.96 -9.61
N PRO C 458 -11.75 -52.06 -8.74
CA PRO C 458 -10.70 -51.13 -9.16
C PRO C 458 -9.36 -51.81 -9.37
N VAL C 459 -8.63 -51.33 -10.37
CA VAL C 459 -7.34 -51.87 -10.76
C VAL C 459 -6.27 -51.25 -9.87
N ASN C 460 -5.38 -52.09 -9.33
CA ASN C 460 -4.30 -51.61 -8.48
C ASN C 460 -3.33 -50.75 -9.29
N ILE C 461 -2.90 -49.64 -8.70
CA ILE C 461 -2.05 -48.69 -9.40
C ILE C 461 -0.60 -49.16 -9.47
N ALA C 462 -0.22 -50.15 -8.66
CA ALA C 462 1.14 -50.68 -8.68
C ALA C 462 1.32 -51.84 -9.64
N GLY C 463 0.23 -52.42 -10.16
CA GLY C 463 0.37 -53.50 -11.13
C GLY C 463 0.64 -53.01 -12.54
N ILE C 464 0.14 -51.81 -12.88
CA ILE C 464 0.43 -51.23 -14.18
C ILE C 464 1.89 -50.86 -14.29
N ALA C 465 2.50 -50.42 -13.18
CA ALA C 465 3.91 -50.05 -13.17
C ALA C 465 4.80 -51.27 -13.34
N VAL C 466 4.51 -52.36 -12.63
CA VAL C 466 5.30 -53.58 -12.80
C VAL C 466 5.01 -54.25 -14.14
N GLN C 467 3.84 -54.02 -14.74
CA GLN C 467 3.60 -54.53 -16.08
C GLN C 467 4.36 -53.74 -17.13
N SER C 468 4.48 -52.42 -16.94
CA SER C 468 5.30 -51.61 -17.85
C SER C 468 6.78 -51.91 -17.68
N ALA C 469 7.20 -52.27 -16.47
CA ALA C 469 8.58 -52.69 -16.27
C ALA C 469 8.85 -54.06 -16.88
N HIS C 470 7.90 -55.00 -16.74
CA HIS C 470 8.08 -56.34 -17.29
C HIS C 470 8.01 -56.35 -18.80
N ALA C 471 7.22 -55.45 -19.40
CA ALA C 471 7.18 -55.34 -20.84
C ALA C 471 8.40 -54.64 -21.43
N SER C 472 9.20 -53.98 -20.60
CA SER C 472 10.41 -53.31 -21.05
C SER C 472 11.68 -54.14 -20.83
N ILE C 473 11.66 -55.04 -19.84
CA ILE C 473 12.78 -55.97 -19.66
C ILE C 473 12.83 -56.97 -20.81
N ARG C 474 11.68 -57.57 -21.14
CA ARG C 474 11.60 -58.59 -22.17
C ARG C 474 11.35 -58.03 -23.56
N SER C 475 11.72 -56.77 -23.81
CA SER C 475 11.55 -56.16 -25.12
C SER C 475 12.69 -56.50 -26.07
N SER C 476 13.92 -56.61 -25.56
CA SER C 476 15.07 -56.96 -26.37
C SER C 476 16.10 -57.67 -25.50
N ASN C 477 17.12 -58.21 -26.14
CA ASN C 477 18.20 -58.85 -25.42
C ASN C 477 19.20 -57.82 -24.89
N TRP C 478 20.01 -58.24 -23.94
CA TRP C 478 20.89 -57.33 -23.21
C TRP C 478 22.29 -57.92 -23.09
N ILE C 479 23.25 -57.04 -22.83
CA ILE C 479 24.64 -57.41 -22.59
C ILE C 479 25.04 -56.89 -21.22
N TYR C 480 25.61 -57.77 -20.39
CA TYR C 480 25.95 -57.44 -19.02
C TYR C 480 27.30 -56.73 -18.96
N HIS C 481 27.32 -55.54 -18.35
CA HIS C 481 28.55 -54.81 -18.06
C HIS C 481 28.47 -54.36 -16.60
N GLY C 482 28.85 -55.25 -15.69
CA GLY C 482 28.75 -54.97 -14.27
C GLY C 482 29.71 -55.78 -13.42
N PRO C 483 29.42 -55.87 -12.13
CA PRO C 483 30.29 -56.66 -11.24
C PRO C 483 30.18 -58.16 -11.52
N ASP C 484 31.33 -58.84 -11.43
CA ASP C 484 31.38 -60.26 -11.74
C ASP C 484 30.80 -61.13 -10.63
N ARG C 485 30.77 -60.62 -9.40
CA ARG C 485 30.19 -61.39 -8.30
C ARG C 485 28.68 -61.45 -8.40
N LEU C 486 28.04 -60.38 -8.88
CA LEU C 486 26.59 -60.37 -9.07
C LEU C 486 26.16 -61.33 -10.18
N PHE C 487 27.04 -61.56 -11.17
CA PHE C 487 26.72 -62.47 -12.26
C PHE C 487 26.74 -63.93 -11.83
N LYS C 488 27.35 -64.26 -10.69
CA LYS C 488 27.24 -65.61 -10.14
C LYS C 488 26.36 -65.69 -8.90
N GLU C 489 26.02 -64.55 -8.29
CA GLU C 489 24.96 -64.54 -7.28
C GLU C 489 23.62 -64.91 -7.90
N ALA C 490 23.32 -64.37 -9.09
CA ALA C 490 22.21 -64.84 -9.89
C ALA C 490 22.68 -65.97 -10.78
N GLU C 491 21.95 -67.08 -10.79
CA GLU C 491 22.37 -68.30 -11.46
C GLU C 491 22.27 -68.13 -12.96
N GLN C 492 23.33 -67.61 -13.57
CA GLN C 492 23.43 -67.44 -15.01
C GLN C 492 24.79 -67.92 -15.49
N VAL C 493 24.79 -68.67 -16.58
CA VAL C 493 26.01 -69.24 -17.16
C VAL C 493 26.31 -68.50 -18.46
N THR C 494 27.59 -68.21 -18.68
CA THR C 494 28.02 -67.46 -19.85
C THR C 494 28.19 -68.39 -21.05
N GLN C 495 27.50 -68.08 -22.15
CA GLN C 495 27.80 -68.67 -23.44
C GLN C 495 28.17 -67.63 -24.49
N ASN C 496 27.64 -66.41 -24.38
CA ASN C 496 28.13 -65.26 -25.14
C ASN C 496 28.06 -63.98 -24.32
N LYS C 497 27.68 -64.07 -23.03
CA LYS C 497 27.31 -62.95 -22.16
C LYS C 497 26.27 -62.07 -22.85
N VAL C 498 25.26 -62.72 -23.42
CA VAL C 498 24.00 -62.08 -23.79
C VAL C 498 23.00 -62.41 -22.71
N LEU C 499 22.37 -61.39 -22.14
CA LEU C 499 21.62 -61.53 -20.91
C LEU C 499 20.26 -62.16 -21.18
N VAL C 500 19.95 -63.22 -20.45
CA VAL C 500 18.69 -63.93 -20.57
C VAL C 500 17.77 -63.50 -19.45
N VAL C 501 16.48 -63.67 -19.66
CA VAL C 501 15.45 -63.22 -18.73
C VAL C 501 14.82 -64.46 -18.09
N PRO C 502 14.78 -64.56 -16.76
CA PRO C 502 14.14 -65.72 -16.13
C PRO C 502 12.62 -65.64 -16.21
N ALA C 503 11.98 -66.76 -15.89
CA ALA C 503 10.53 -66.83 -15.94
C ALA C 503 9.87 -66.17 -14.74
N THR C 504 10.58 -66.02 -13.63
CA THR C 504 10.04 -65.43 -12.41
C THR C 504 10.39 -63.94 -12.27
N ILE C 505 10.61 -63.26 -13.39
CA ILE C 505 11.05 -61.87 -13.34
C ILE C 505 9.91 -60.96 -12.88
N LYS C 506 8.67 -61.27 -13.26
CA LYS C 506 7.53 -60.48 -12.81
C LYS C 506 7.26 -60.70 -11.33
N SER C 507 7.47 -61.93 -10.85
CA SER C 507 7.30 -62.21 -9.43
C SER C 507 8.37 -61.56 -8.58
N VAL C 508 9.62 -61.51 -9.07
CA VAL C 508 10.66 -60.87 -8.26
C VAL C 508 10.55 -59.35 -8.34
N ILE C 509 10.02 -58.80 -9.45
CA ILE C 509 9.74 -57.36 -9.51
C ILE C 509 8.59 -57.00 -8.58
N THR C 510 7.56 -57.86 -8.51
CA THR C 510 6.46 -57.65 -7.58
C THR C 510 6.92 -57.76 -6.12
N GLU C 511 7.83 -58.70 -5.84
CA GLU C 511 8.39 -58.80 -4.49
C GLU C 511 9.26 -57.60 -4.15
N LEU C 512 9.96 -57.04 -5.13
CA LEU C 512 10.73 -55.81 -4.92
C LEU C 512 9.81 -54.64 -4.60
N VAL C 513 8.67 -54.54 -5.30
CA VAL C 513 7.73 -53.46 -5.04
C VAL C 513 7.03 -53.65 -3.68
N ILE C 514 6.79 -54.91 -3.28
CA ILE C 514 6.24 -55.17 -1.95
C ILE C 514 7.25 -54.81 -0.86
N HIS C 515 8.53 -55.08 -1.10
CA HIS C 515 9.57 -54.70 -0.15
C HIS C 515 9.73 -53.18 -0.07
N LEU C 516 9.56 -52.48 -1.20
CA LEU C 516 9.58 -51.03 -1.17
C LEU C 516 8.34 -50.45 -0.49
N GLY C 517 7.21 -51.14 -0.59
CA GLY C 517 6.00 -50.67 0.08
C GLY C 517 6.03 -50.88 1.57
N LYS C 518 6.62 -51.99 2.03
CA LYS C 518 6.78 -52.22 3.46
C LYS C 518 7.79 -51.27 4.07
N LEU C 519 8.80 -50.84 3.29
CA LEU C 519 9.82 -49.94 3.81
C LEU C 519 9.28 -48.53 4.00
N ASN C 520 8.33 -48.11 3.18
CA ASN C 520 7.78 -46.76 3.23
C ASN C 520 6.32 -46.76 3.66
N GLN C 521 5.95 -47.65 4.57
CA GLN C 521 4.58 -47.71 5.07
C GLN C 521 4.44 -46.96 6.39
N SER D 2 -10.37 40.73 15.72
CA SER D 2 -10.36 40.26 14.33
C SER D 2 -11.27 39.05 14.15
N GLN D 3 -12.48 39.16 14.71
CA GLN D 3 -13.54 38.13 14.77
C GLN D 3 -12.98 36.76 15.18
N LEU D 4 -12.31 36.75 16.32
CA LEU D 4 -11.67 35.54 16.81
C LEU D 4 -12.67 34.56 17.41
N GLY D 5 -13.64 35.06 18.18
CA GLY D 5 -14.53 34.19 18.92
C GLY D 5 -15.69 33.62 18.13
N ARG D 6 -15.97 34.17 16.95
CA ARG D 6 -17.15 33.76 16.19
C ARG D 6 -16.78 32.84 15.04
N ARG D 7 -17.67 31.89 14.76
CA ARG D 7 -17.50 30.92 13.68
C ARG D 7 -18.83 30.76 12.96
N GLU D 8 -18.78 30.68 11.62
CA GLU D 8 -20.01 30.70 10.82
C GLU D 8 -20.06 29.56 9.81
N ILE D 9 -19.49 28.41 10.13
CA ILE D 9 -19.56 27.23 9.29
C ILE D 9 -20.07 26.07 10.13
N ASP D 10 -21.20 25.48 9.73
CA ASP D 10 -21.82 24.39 10.46
C ASP D 10 -21.46 23.06 9.80
N LEU D 11 -22.08 21.98 10.29
CA LEU D 11 -21.76 20.62 9.86
C LEU D 11 -22.24 20.30 8.45
N THR D 12 -23.14 21.10 7.88
CA THR D 12 -23.70 20.79 6.57
C THR D 12 -22.88 21.35 5.41
N LEU D 13 -21.90 22.22 5.68
CA LEU D 13 -21.02 22.73 4.64
C LEU D 13 -19.75 21.92 4.50
N LEU D 14 -19.32 21.23 5.55
CA LEU D 14 -18.15 20.36 5.51
C LEU D 14 -18.63 18.92 5.36
N GLY D 15 -18.19 18.26 4.28
CA GLY D 15 -18.62 16.90 4.00
C GLY D 15 -18.04 15.87 4.94
N HIS D 16 -16.74 15.60 4.83
CA HIS D 16 -16.04 14.75 5.78
C HIS D 16 -15.09 15.53 6.68
N THR D 17 -14.93 16.83 6.45
CA THR D 17 -14.11 17.68 7.31
C THR D 17 -14.75 17.89 8.68
N GLY D 18 -16.08 17.72 8.78
CA GLY D 18 -16.76 17.83 10.06
C GLY D 18 -16.52 16.68 11.01
N LEU D 19 -15.81 15.62 10.56
CA LEU D 19 -15.50 14.51 11.45
C LEU D 19 -14.47 14.90 12.51
N ASP D 20 -13.63 15.89 12.23
CA ASP D 20 -12.66 16.33 13.22
C ASP D 20 -12.85 17.80 13.54
N PRO D 21 -12.61 18.22 14.78
CA PRO D 21 -12.59 19.65 15.10
C PRO D 21 -11.25 20.25 14.73
N TRP D 22 -11.13 21.57 14.96
CA TRP D 22 -9.93 22.36 14.68
C TRP D 22 -9.53 22.27 13.21
N TYR D 23 -10.52 22.30 12.32
CA TYR D 23 -10.26 22.18 10.89
C TYR D 23 -9.64 23.45 10.31
N GLY D 24 -9.94 24.61 10.91
CA GLY D 24 -9.37 25.86 10.43
C GLY D 24 -7.93 26.09 10.83
N THR D 25 -7.44 25.35 11.82
CA THR D 25 -6.04 25.45 12.22
C THR D 25 -5.13 24.56 11.37
N THR D 26 -5.70 23.57 10.69
CA THR D 26 -4.95 22.71 9.79
C THR D 26 -4.99 23.28 8.38
N SER D 27 -3.84 23.23 7.69
CA SER D 27 -3.76 23.65 6.31
C SER D 27 -4.57 22.71 5.41
N SER D 28 -4.97 23.23 4.24
CA SER D 28 -5.84 22.49 3.35
C SER D 28 -5.13 21.35 2.63
N ALA D 29 -3.82 21.42 2.46
CA ALA D 29 -3.07 20.32 1.88
C ALA D 29 -2.99 19.13 2.83
N ARG D 30 -3.06 19.38 4.13
CA ARG D 30 -3.17 18.32 5.11
C ARG D 30 -4.61 18.00 5.44
N GLY D 31 -5.51 18.98 5.30
CA GLY D 31 -6.92 18.74 5.48
C GLY D 31 -7.54 17.87 4.39
N ALA D 32 -6.96 17.86 3.20
CA ALA D 32 -7.36 16.90 2.18
C ALA D 32 -6.69 15.54 2.37
N MET D 33 -5.49 15.52 2.95
CA MET D 33 -4.83 14.25 3.24
C MET D 33 -5.52 13.51 4.38
N PHE D 34 -6.10 14.23 5.34
CA PHE D 34 -6.88 13.59 6.40
C PHE D 34 -8.11 12.89 5.85
N VAL D 35 -8.77 13.48 4.84
CA VAL D 35 -9.94 12.86 4.26
C VAL D 35 -9.54 11.75 3.31
N THR D 36 -8.36 11.87 2.67
CA THR D 36 -7.85 10.78 1.85
C THR D 36 -7.43 9.58 2.69
N HIS D 37 -6.98 9.81 3.93
CA HIS D 37 -6.51 8.72 4.77
C HIS D 37 -7.68 7.89 5.32
N ILE D 38 -8.77 8.54 5.72
CA ILE D 38 -9.97 7.78 6.07
C ILE D 38 -10.59 7.23 4.79
N GLY D 39 -11.12 6.01 4.88
CA GLY D 39 -11.43 5.24 3.70
C GLY D 39 -10.27 4.42 3.18
N GLN D 40 -9.08 4.59 3.75
CA GLN D 40 -7.94 3.71 3.52
C GLN D 40 -7.53 2.99 4.80
N ALA D 41 -8.29 3.15 5.87
CA ALA D 41 -7.95 2.60 7.17
C ALA D 41 -8.75 1.34 7.43
N PRO D 42 -8.12 0.19 7.61
CA PRO D 42 -8.88 -1.01 7.98
C PRO D 42 -9.28 -0.98 9.45
N GLU D 43 -10.31 -1.77 9.76
CA GLU D 43 -10.80 -1.84 11.13
C GLU D 43 -9.87 -2.67 12.00
N VAL D 44 -9.43 -2.09 13.10
CA VAL D 44 -8.51 -2.76 14.01
C VAL D 44 -9.30 -3.38 15.15
N ASN D 45 -8.63 -4.28 15.89
CA ASN D 45 -9.31 -5.03 16.94
C ASN D 45 -9.63 -4.17 18.15
N GLY D 46 -8.84 -3.13 18.40
CA GLY D 46 -9.15 -2.21 19.49
C GLY D 46 -9.85 -0.96 19.01
N ASN D 47 -11.18 -0.93 19.12
CA ASN D 47 -11.99 0.17 18.61
C ASN D 47 -12.60 0.92 19.78
N GLU D 48 -12.64 2.25 19.66
CA GLU D 48 -13.28 3.10 20.65
C GLU D 48 -13.65 4.41 19.99
N SER D 49 -14.60 5.11 20.61
CA SER D 49 -15.00 6.42 20.11
C SER D 49 -13.92 7.45 20.45
N ARG D 50 -13.93 8.54 19.69
CA ARG D 50 -12.94 9.58 19.87
C ARG D 50 -13.18 10.35 21.16
N TYR D 51 -12.09 10.84 21.75
CA TYR D 51 -12.18 11.60 23.00
C TYR D 51 -12.78 12.98 22.76
N PHE D 52 -12.63 13.51 21.55
CA PHE D 52 -13.23 14.80 21.17
C PHE D 52 -14.26 14.51 20.09
N LEU D 53 -15.53 14.68 20.43
CA LEU D 53 -16.64 14.25 19.58
C LEU D 53 -17.27 15.45 18.89
N THR D 54 -17.72 15.23 17.66
CA THR D 54 -18.54 16.17 16.91
C THR D 54 -19.92 15.54 16.67
N GLY D 55 -20.74 16.23 15.88
CA GLY D 55 -21.99 15.63 15.44
C GLY D 55 -21.84 14.58 14.37
N ALA D 56 -20.69 14.56 13.68
CA ALA D 56 -20.52 13.70 12.52
C ALA D 56 -20.41 12.22 12.89
N GLU D 57 -19.78 11.92 14.03
CA GLU D 57 -19.62 10.53 14.43
C GLU D 57 -20.91 9.88 14.88
N LEU D 58 -21.95 10.67 15.19
CA LEU D 58 -23.26 10.10 15.48
C LEU D 58 -24.05 9.82 14.20
N GLU D 59 -23.65 10.41 13.08
CA GLU D 59 -24.33 10.22 11.80
C GLU D 59 -23.63 9.23 10.88
N TYR D 60 -22.31 9.09 11.01
CA TYR D 60 -21.58 8.12 10.19
C TYR D 60 -21.76 6.69 10.66
N ALA D 61 -22.21 6.50 11.91
CA ALA D 61 -22.47 5.17 12.45
C ALA D 61 -23.85 4.64 12.08
N LYS D 62 -24.62 5.38 11.28
CA LYS D 62 -25.95 4.95 10.87
C LYS D 62 -25.96 4.29 9.49
N TYR D 63 -24.96 4.56 8.66
CA TYR D 63 -24.90 4.06 7.29
C TYR D 63 -23.63 3.23 7.14
N THR D 64 -23.72 1.96 7.51
CA THR D 64 -22.62 1.01 7.39
C THR D 64 -23.12 -0.26 6.72
N HIS D 65 -22.18 -1.02 6.16
CA HIS D 65 -22.52 -2.29 5.53
C HIS D 65 -22.82 -3.33 6.60
N ASP D 66 -24.03 -3.88 6.57
CA ASP D 66 -24.46 -4.89 7.54
C ASP D 66 -25.57 -5.72 6.90
N VAL D 67 -26.25 -6.51 7.73
CA VAL D 67 -27.41 -7.29 7.31
C VAL D 67 -28.65 -6.56 7.84
N ARG D 68 -29.61 -6.32 6.95
CA ARG D 68 -30.74 -5.47 7.30
C ARG D 68 -32.00 -5.99 6.63
N PHE D 69 -33.10 -5.98 7.38
CA PHE D 69 -34.40 -6.32 6.81
C PHE D 69 -34.86 -5.19 5.90
N PRO D 70 -35.19 -5.45 4.64
CA PRO D 70 -35.54 -4.36 3.72
C PRO D 70 -36.93 -3.79 3.96
N GLU D 71 -37.90 -4.62 4.31
CA GLU D 71 -39.28 -4.19 4.49
C GLU D 71 -39.90 -4.95 5.66
N ASP D 72 -41.16 -4.63 5.96
CA ASP D 72 -41.93 -5.39 6.93
C ASP D 72 -42.25 -6.76 6.34
N CYS D 73 -41.74 -7.81 6.97
CA CYS D 73 -41.83 -9.15 6.40
C CYS D 73 -42.11 -10.17 7.50
N ARG D 74 -42.54 -11.35 7.07
CA ARG D 74 -42.69 -12.50 7.95
C ARG D 74 -41.79 -13.63 7.44
N VAL D 75 -41.16 -14.33 8.37
CA VAL D 75 -40.18 -15.35 8.02
C VAL D 75 -40.90 -16.62 7.59
N LEU D 76 -40.45 -17.21 6.48
CA LEU D 76 -41.03 -18.44 5.95
C LEU D 76 -40.19 -19.66 6.29
N HIS D 77 -38.92 -19.65 5.91
CA HIS D 77 -38.03 -20.79 6.13
C HIS D 77 -36.66 -20.28 6.59
N VAL D 78 -36.10 -20.94 7.59
CA VAL D 78 -34.78 -20.62 8.12
C VAL D 78 -33.85 -21.76 7.73
N LEU D 79 -33.11 -21.58 6.64
CA LEU D 79 -32.15 -22.58 6.20
C LEU D 79 -30.78 -22.28 6.83
N ARG D 80 -29.94 -23.32 6.87
CA ARG D 80 -28.59 -23.15 7.39
C ARG D 80 -27.65 -24.15 6.70
N LYS D 81 -26.59 -23.62 6.11
CA LYS D 81 -25.56 -24.45 5.50
C LYS D 81 -24.71 -25.13 6.57
N TYR D 82 -24.25 -26.36 6.26
CA TYR D 82 -23.36 -27.18 7.07
C TYR D 82 -23.91 -27.40 8.48
N PRO D 83 -24.89 -28.28 8.66
CA PRO D 83 -25.56 -28.41 9.97
C PRO D 83 -24.65 -28.96 11.06
N THR D 84 -24.76 -28.34 12.23
CA THR D 84 -23.89 -28.65 13.37
C THR D 84 -24.62 -29.51 14.38
N GLY D 85 -23.92 -30.50 14.93
CA GLY D 85 -24.50 -31.37 15.94
C GLY D 85 -23.52 -32.40 16.46
N ILE D 86 -24.05 -33.51 16.95
CA ILE D 86 -23.25 -34.62 17.47
C ILE D 86 -23.44 -35.79 16.51
N GLY D 87 -22.48 -36.00 15.63
CA GLY D 87 -22.51 -37.10 14.69
C GLY D 87 -21.09 -37.52 14.33
N LYS D 88 -20.90 -37.89 13.08
CA LYS D 88 -19.58 -38.19 12.53
C LYS D 88 -19.15 -37.21 11.45
N ASP D 89 -20.02 -36.91 10.49
CA ASP D 89 -19.79 -35.84 9.53
C ASP D 89 -20.58 -34.63 9.99
N SER D 90 -20.07 -33.97 11.03
CA SER D 90 -20.74 -32.86 11.69
C SER D 90 -19.77 -31.69 11.75
N ILE D 91 -19.86 -30.79 10.76
CA ILE D 91 -18.98 -29.64 10.70
C ILE D 91 -19.40 -28.61 11.73
N ARG D 92 -18.48 -28.26 12.62
CA ARG D 92 -18.77 -27.29 13.68
C ARG D 92 -18.68 -25.87 13.15
N SER D 93 -19.40 -24.97 13.83
CA SER D 93 -19.37 -23.51 13.61
C SER D 93 -19.75 -23.15 12.17
N ASN D 94 -21.03 -23.35 11.88
CA ASN D 94 -21.54 -23.11 10.52
C ASN D 94 -21.42 -21.64 10.13
N PRO D 95 -20.90 -21.33 8.95
CA PRO D 95 -20.71 -19.93 8.56
C PRO D 95 -22.01 -19.19 8.23
N VAL D 96 -22.81 -19.78 7.35
CA VAL D 96 -23.86 -19.06 6.64
C VAL D 96 -25.21 -19.61 7.06
N THR D 97 -26.13 -18.72 7.41
CA THR D 97 -27.51 -19.07 7.77
C THR D 97 -28.43 -18.13 7.02
N THR D 98 -29.14 -18.65 6.02
CA THR D 98 -30.00 -17.86 5.16
C THR D 98 -31.46 -18.07 5.53
N ILE D 99 -32.18 -16.98 5.73
CA ILE D 99 -33.60 -17.04 6.01
C ILE D 99 -34.37 -16.59 4.78
N ILE D 100 -35.63 -17.01 4.70
CA ILE D 100 -36.51 -16.68 3.58
C ILE D 100 -37.74 -15.97 4.14
N TYR D 101 -38.01 -14.77 3.65
CA TYR D 101 -39.08 -13.94 4.16
C TYR D 101 -40.10 -13.67 3.07
N GLU D 102 -41.32 -13.32 3.50
CA GLU D 102 -42.40 -12.88 2.62
C GLU D 102 -42.81 -11.48 3.04
N ASN D 103 -42.87 -10.57 2.06
CA ASN D 103 -43.09 -9.15 2.34
C ASN D 103 -44.54 -8.91 2.76
N TYR D 104 -44.75 -8.72 4.06
CA TYR D 104 -46.05 -8.36 4.58
C TYR D 104 -46.35 -6.90 4.23
N PHE D 105 -47.64 -6.52 4.37
CA PHE D 105 -48.17 -5.20 4.02
C PHE D 105 -47.89 -4.85 2.56
N ASP D 106 -48.28 -5.75 1.66
CA ASP D 106 -48.07 -5.58 0.24
C ASP D 106 -49.22 -6.22 -0.52
N LYS D 107 -49.54 -5.64 -1.68
CA LYS D 107 -50.55 -6.23 -2.55
C LYS D 107 -50.05 -7.55 -3.15
N TYR D 108 -48.87 -7.52 -3.77
CA TYR D 108 -48.18 -8.74 -4.18
C TYR D 108 -47.13 -9.05 -3.12
N LYS D 109 -47.40 -10.10 -2.35
CA LYS D 109 -46.50 -10.49 -1.26
C LYS D 109 -45.24 -11.10 -1.84
N THR D 110 -44.18 -10.31 -1.92
CA THR D 110 -42.96 -10.75 -2.56
C THR D 110 -42.10 -11.55 -1.60
N ILE D 111 -41.33 -12.48 -2.17
CA ILE D 111 -40.54 -13.44 -1.40
C ILE D 111 -39.06 -13.12 -1.64
N GLY D 112 -38.31 -12.95 -0.55
CA GLY D 112 -36.91 -12.62 -0.63
C GLY D 112 -36.07 -13.55 0.23
N VAL D 113 -34.76 -13.30 0.20
CA VAL D 113 -33.78 -14.08 0.95
C VAL D 113 -32.82 -13.10 1.62
N LEU D 114 -32.21 -13.54 2.72
CA LEU D 114 -31.31 -12.70 3.50
C LEU D 114 -30.12 -13.55 3.94
N HIS D 115 -28.97 -13.34 3.30
CA HIS D 115 -27.76 -14.06 3.67
C HIS D 115 -27.13 -13.43 4.90
N VAL D 116 -26.85 -14.26 5.91
CA VAL D 116 -26.17 -13.80 7.13
C VAL D 116 -24.84 -14.52 7.25
N PRO D 117 -23.76 -13.99 6.68
CA PRO D 117 -22.45 -14.62 6.84
C PRO D 117 -21.80 -14.19 8.15
N GLU D 118 -20.60 -14.73 8.39
CA GLU D 118 -19.85 -14.39 9.59
C GLU D 118 -18.95 -13.18 9.41
N TYR D 119 -18.71 -12.75 8.17
CA TYR D 119 -17.79 -11.65 7.90
C TYR D 119 -18.24 -10.92 6.64
N MET D 120 -17.61 -9.78 6.39
CA MET D 120 -17.77 -9.04 5.16
C MET D 120 -16.43 -8.42 4.78
N SER D 121 -16.11 -8.44 3.49
CA SER D 121 -14.80 -7.97 3.02
C SER D 121 -14.97 -7.38 1.63
N HIS D 122 -14.88 -6.04 1.55
CA HIS D 122 -14.93 -5.36 0.26
C HIS D 122 -13.55 -5.09 -0.32
N HIS D 123 -12.50 -5.22 0.50
CA HIS D 123 -11.12 -5.02 0.09
C HIS D 123 -10.41 -6.36 0.01
N GLN D 124 -9.37 -6.40 -0.82
CA GLN D 124 -8.48 -7.56 -0.83
C GLN D 124 -7.62 -7.55 0.43
N ASP D 125 -7.46 -8.76 1.01
CA ASP D 125 -6.67 -9.05 2.23
C ASP D 125 -6.99 -8.13 3.42
N PHE D 126 -8.22 -7.62 3.48
CA PHE D 126 -8.67 -6.81 4.60
C PHE D 126 -10.18 -6.95 4.72
N GLY D 127 -10.66 -7.09 5.95
CA GLY D 127 -12.09 -7.24 6.17
C GLY D 127 -12.44 -7.08 7.63
N TYR D 128 -13.65 -7.51 7.96
CA TYR D 128 -14.17 -7.40 9.32
C TYR D 128 -15.29 -8.42 9.49
N GLU D 129 -15.57 -8.74 10.75
CA GLU D 129 -16.58 -9.73 11.11
C GLU D 129 -17.91 -9.05 11.42
N LEU D 130 -18.95 -9.88 11.55
CA LEU D 130 -20.31 -9.42 11.78
C LEU D 130 -20.77 -9.90 13.15
N VAL D 131 -20.76 -9.00 14.13
CA VAL D 131 -21.22 -9.33 15.48
C VAL D 131 -22.75 -9.35 15.49
N LYS D 132 -23.31 -10.52 15.77
CA LYS D 132 -24.77 -10.69 15.70
C LYS D 132 -25.45 -10.04 16.90
N ASN D 133 -26.61 -9.45 16.64
CA ASN D 133 -27.46 -8.96 17.72
C ASN D 133 -28.16 -10.14 18.37
N ARG D 134 -27.88 -10.36 19.66
CA ARG D 134 -28.29 -11.60 20.30
C ARG D 134 -29.78 -11.60 20.65
N GLU D 135 -30.33 -10.43 20.98
CA GLU D 135 -31.73 -10.34 21.37
C GLU D 135 -32.69 -10.46 20.19
N VAL D 136 -32.18 -10.46 18.95
CA VAL D 136 -33.01 -10.62 17.77
C VAL D 136 -32.73 -11.95 17.07
N TRP D 137 -31.47 -12.40 17.10
CA TRP D 137 -31.09 -13.65 16.42
C TRP D 137 -31.67 -14.87 17.12
N GLU D 138 -31.91 -14.80 18.42
CA GLU D 138 -32.56 -15.89 19.15
C GLU D 138 -34.07 -15.93 18.89
N THR D 139 -34.64 -14.88 18.30
CA THR D 139 -36.06 -14.79 18.02
C THR D 139 -36.42 -15.36 16.64
N ILE D 140 -35.41 -15.62 15.80
CA ILE D 140 -35.60 -16.10 14.43
C ILE D 140 -36.25 -17.48 14.41
N ALA D 141 -37.47 -17.54 13.91
CA ALA D 141 -38.29 -18.74 13.85
C ALA D 141 -38.99 -18.75 12.50
N PRO D 142 -39.46 -19.93 12.05
CA PRO D 142 -40.20 -19.97 10.77
C PRO D 142 -41.60 -19.36 10.79
N ASN D 143 -42.03 -18.78 11.91
CA ASN D 143 -43.26 -17.98 11.97
C ASN D 143 -42.99 -16.82 12.94
N GLU D 144 -42.52 -15.69 12.39
CA GLU D 144 -42.18 -14.52 13.19
C GLU D 144 -42.36 -13.27 12.35
N MET D 145 -42.74 -12.18 13.02
CA MET D 145 -42.95 -10.89 12.38
C MET D 145 -41.82 -9.95 12.77
N PHE D 146 -41.23 -9.29 11.76
CA PHE D 146 -40.13 -8.36 11.99
C PHE D 146 -40.44 -7.03 11.30
N SER D 147 -39.96 -5.95 11.90
CA SER D 147 -40.21 -4.61 11.41
C SER D 147 -39.24 -4.25 10.29
N LYS D 148 -39.39 -3.04 9.75
CA LYS D 148 -38.52 -2.56 8.69
C LYS D 148 -37.22 -2.02 9.28
N ASP D 149 -36.12 -2.31 8.58
CA ASP D 149 -34.76 -1.90 8.95
C ASP D 149 -34.36 -2.41 10.34
N THR D 150 -34.69 -3.67 10.60
CA THR D 150 -34.23 -4.36 11.80
C THR D 150 -32.89 -5.00 11.49
N VAL D 151 -31.90 -4.74 12.35
CA VAL D 151 -30.51 -4.98 12.01
C VAL D 151 -29.98 -6.14 12.84
N ILE D 152 -29.69 -7.25 12.17
CA ILE D 152 -28.88 -8.33 12.72
C ILE D 152 -27.50 -8.24 12.12
N ALA D 153 -26.51 -8.76 12.86
CA ALA D 153 -25.10 -8.89 12.45
C ALA D 153 -24.49 -7.52 12.11
N GLN D 154 -24.39 -6.68 13.14
CA GLN D 154 -23.68 -5.42 12.99
C GLN D 154 -22.17 -5.65 12.98
N SER D 155 -21.44 -4.59 12.67
CA SER D 155 -19.99 -4.61 12.74
C SER D 155 -19.54 -4.34 14.18
N GLY D 156 -18.22 -4.35 14.39
CA GLY D 156 -17.67 -4.07 15.70
C GLY D 156 -17.38 -2.62 15.99
N ALA D 157 -17.34 -1.78 14.95
CA ALA D 157 -17.09 -0.35 15.15
C ALA D 157 -18.31 0.38 15.69
N VAL D 158 -19.51 -0.12 15.39
CA VAL D 158 -20.74 0.51 15.84
C VAL D 158 -21.03 0.05 17.25
N LYS D 159 -21.01 0.98 18.20
CA LYS D 159 -21.30 0.65 19.59
C LYS D 159 -22.81 0.59 19.81
N LYS D 160 -23.22 0.23 21.03
CA LYS D 160 -24.64 0.17 21.34
C LYS D 160 -25.22 1.57 21.48
N ASP D 161 -24.58 2.42 22.28
CA ASP D 161 -24.79 3.85 22.14
C ASP D 161 -24.22 4.31 20.81
N GLY D 162 -24.80 5.37 20.26
CA GLY D 162 -24.49 5.67 18.87
C GLY D 162 -23.21 6.44 18.69
N THR D 163 -22.13 5.71 18.43
CA THR D 163 -20.82 6.26 18.09
C THR D 163 -20.19 5.36 17.05
N LEU D 164 -19.05 5.80 16.51
CA LEU D 164 -18.32 5.02 15.52
C LEU D 164 -16.88 4.88 15.97
N GLY D 165 -16.36 3.65 15.91
CA GLY D 165 -14.97 3.40 16.25
C GLY D 165 -14.08 3.42 15.03
N MET D 166 -13.41 4.54 14.80
CA MET D 166 -12.52 4.70 13.65
C MET D 166 -11.05 4.63 14.04
N GLY D 167 -10.75 4.39 15.30
CA GLY D 167 -9.36 4.32 15.74
C GLY D 167 -9.27 4.12 17.23
N VAL D 168 -8.08 4.36 17.76
CA VAL D 168 -7.79 4.17 19.18
C VAL D 168 -6.94 5.33 19.66
N ASN D 169 -7.23 5.81 20.87
CA ASN D 169 -6.46 6.91 21.46
C ASN D 169 -5.14 6.38 22.01
N ALA D 170 -4.04 7.04 21.65
CA ALA D 170 -2.71 6.66 22.10
C ALA D 170 -2.06 7.83 22.80
N ASN D 171 -1.42 7.54 23.94
CA ASN D 171 -0.63 8.53 24.65
C ASN D 171 0.59 8.90 23.81
N VAL D 172 0.63 10.13 23.32
CA VAL D 172 1.62 10.59 22.36
C VAL D 172 2.56 11.56 23.07
N VAL D 173 3.86 11.29 22.99
CA VAL D 173 4.88 12.18 23.52
C VAL D 173 5.65 12.76 22.34
N PHE D 174 6.05 14.02 22.46
CA PHE D 174 6.70 14.75 21.37
C PHE D 174 8.18 14.93 21.75
N LEU D 175 9.04 14.14 21.12
CA LEU D 175 10.47 14.20 21.37
C LEU D 175 11.20 14.24 20.04
N SER D 176 12.50 14.53 20.10
CA SER D 176 13.38 14.58 18.94
C SER D 176 14.34 13.40 18.92
N ALA D 177 13.84 12.22 19.26
CA ALA D 177 14.65 11.01 19.26
C ALA D 177 15.04 10.63 17.83
N ALA D 178 16.06 9.77 17.74
CA ALA D 178 16.63 9.38 16.44
C ALA D 178 15.67 8.51 15.63
N GLY D 179 14.72 7.84 16.27
CA GLY D 179 13.77 7.01 15.54
C GLY D 179 12.78 7.79 14.70
N THR D 180 12.57 9.06 15.01
CA THR D 180 11.60 9.89 14.29
C THR D 180 12.26 10.68 13.17
N ILE D 181 12.99 9.98 12.29
CA ILE D 181 13.67 10.59 11.15
C ILE D 181 12.93 10.20 9.89
N GLU D 182 12.58 11.20 9.07
CA GLU D 182 11.86 11.05 7.80
C GLU D 182 10.50 10.38 8.00
N ASP D 183 9.69 11.02 8.86
CA ASP D 183 8.35 10.57 9.25
C ASP D 183 8.38 9.17 9.85
N GLY D 184 9.11 9.04 10.96
CA GLY D 184 9.24 7.77 11.64
C GLY D 184 8.49 7.72 12.95
N PHE D 185 8.09 6.53 13.37
CA PHE D 185 7.39 6.31 14.63
C PHE D 185 8.19 5.39 15.54
N VAL D 186 8.07 5.62 16.84
CA VAL D 186 8.62 4.72 17.86
C VAL D 186 7.42 4.21 18.63
N ALA D 187 6.95 3.01 18.27
CA ALA D 187 5.70 2.49 18.79
C ALA D 187 5.93 1.59 20.00
N ASN D 188 4.98 1.62 20.93
CA ASN D 188 4.99 0.74 22.08
C ASN D 188 4.50 -0.65 21.69
N LYS D 189 5.05 -1.66 22.36
CA LYS D 189 4.66 -3.03 22.06
C LYS D 189 3.28 -3.37 22.60
N ASN D 190 2.88 -2.79 23.73
CA ASN D 190 1.55 -3.03 24.27
C ASN D 190 0.48 -2.26 23.51
N PHE D 191 0.85 -1.21 22.77
CA PHE D 191 -0.10 -0.47 21.96
C PHE D 191 -0.35 -1.10 20.60
N LEU D 192 0.67 -1.73 20.01
CA LEU D 192 0.51 -2.37 18.71
C LEU D 192 -0.35 -3.63 18.78
N LYS D 193 -0.54 -4.19 19.98
CA LYS D 193 -1.53 -5.26 20.16
C LYS D 193 -2.94 -4.72 20.01
N ARG D 194 -3.17 -3.47 20.40
CA ARG D 194 -4.49 -2.85 20.28
C ARG D 194 -4.81 -2.39 18.86
N MET D 195 -3.83 -2.40 17.95
CA MET D 195 -4.05 -2.09 16.54
C MET D 195 -3.69 -3.33 15.75
N MET D 196 -4.65 -4.24 15.61
CA MET D 196 -4.43 -5.52 14.93
C MET D 196 -5.55 -5.74 13.93
N PRO D 197 -5.31 -5.50 12.64
CA PRO D 197 -6.35 -5.70 11.64
C PRO D 197 -6.56 -7.19 11.36
N THR D 198 -7.68 -7.48 10.71
CA THR D 198 -8.07 -8.84 10.38
C THR D 198 -8.12 -8.99 8.87
N SER D 199 -7.52 -10.06 8.36
CA SER D 199 -7.40 -10.29 6.92
C SER D 199 -8.16 -11.55 6.55
N TYR D 200 -9.09 -11.44 5.60
CA TYR D 200 -9.85 -12.57 5.08
C TYR D 200 -9.38 -12.81 3.65
N SER D 201 -8.75 -13.95 3.42
CA SER D 201 -8.26 -14.33 2.10
C SER D 201 -8.94 -15.61 1.64
N THR D 202 -8.65 -16.02 0.41
CA THR D 202 -9.31 -17.17 -0.20
C THR D 202 -8.33 -17.88 -1.12
N ALA D 203 -8.13 -19.17 -0.89
CA ALA D 203 -7.32 -20.02 -1.75
C ALA D 203 -8.21 -20.99 -2.52
N VAL D 204 -7.80 -21.30 -3.75
CA VAL D 204 -8.63 -22.02 -4.71
C VAL D 204 -7.84 -23.21 -5.24
N ALA D 205 -8.44 -24.40 -5.19
CA ALA D 205 -7.81 -25.63 -5.65
C ALA D 205 -8.54 -26.19 -6.86
N ASN D 206 -7.80 -26.91 -7.71
CA ASN D 206 -8.36 -27.63 -8.85
C ASN D 206 -7.58 -28.93 -9.00
N ALA D 207 -8.24 -30.06 -8.72
CA ALA D 207 -7.63 -31.38 -8.82
C ALA D 207 -8.58 -32.31 -9.56
N GLY D 208 -8.26 -32.62 -10.81
CA GLY D 208 -9.14 -33.40 -11.65
C GLY D 208 -8.45 -34.46 -12.48
N ARG D 209 -8.66 -34.37 -13.80
CA ARG D 209 -8.05 -35.30 -14.75
C ARG D 209 -6.53 -35.22 -14.76
N LYS D 210 -5.97 -34.06 -14.38
CA LYS D 210 -4.52 -33.86 -14.45
C LYS D 210 -3.81 -34.26 -13.17
N ALA D 211 -4.39 -34.00 -12.00
CA ALA D 211 -3.65 -34.14 -10.76
C ALA D 211 -4.60 -34.44 -9.60
N PHE D 212 -4.02 -34.93 -8.50
CA PHE D 212 -4.76 -35.27 -7.29
C PHE D 212 -4.20 -34.50 -6.10
N PHE D 213 -4.92 -34.56 -4.98
CA PHE D 213 -4.52 -33.89 -3.75
C PHE D 213 -3.51 -34.75 -2.98
N LEU D 214 -2.76 -34.09 -2.11
CA LEU D 214 -1.76 -34.76 -1.29
C LEU D 214 -2.22 -34.86 0.15
N ASN D 215 -1.61 -35.79 0.87
CA ASN D 215 -2.06 -36.14 2.22
C ASN D 215 -1.35 -35.26 3.26
N MET D 216 -1.77 -34.00 3.29
CA MET D 216 -1.40 -33.14 4.40
C MET D 216 -2.37 -33.37 5.55
N TYR D 217 -2.07 -32.76 6.70
CA TYR D 217 -2.96 -32.60 7.86
C TYR D 217 -3.47 -33.92 8.45
N GLY D 218 -2.87 -35.05 8.12
CA GLY D 218 -3.44 -36.33 8.52
C GLY D 218 -2.38 -37.35 8.82
N ASP D 219 -2.77 -38.35 9.61
CA ASP D 219 -1.90 -39.44 9.98
C ASP D 219 -1.91 -40.51 8.89
N ASP D 220 -1.39 -41.70 9.20
CA ASP D 220 -1.42 -42.81 8.27
C ASP D 220 -2.75 -43.54 8.23
N LYS D 221 -3.76 -43.09 9.00
CA LYS D 221 -5.06 -43.74 9.03
C LYS D 221 -6.14 -42.95 8.30
N ILE D 222 -5.99 -41.64 8.14
CA ILE D 222 -7.00 -40.79 7.50
C ILE D 222 -6.36 -40.00 6.37
N TYR D 223 -7.20 -39.45 5.50
CA TYR D 223 -6.79 -38.68 4.35
C TYR D 223 -7.56 -37.36 4.39
N LYS D 224 -6.86 -36.25 4.60
CA LYS D 224 -7.49 -34.97 4.89
C LYS D 224 -6.72 -33.84 4.22
N PRO D 225 -6.97 -33.59 2.92
CA PRO D 225 -6.11 -32.68 2.15
C PRO D 225 -6.22 -31.21 2.53
N PHE D 226 -7.29 -30.80 3.21
CA PHE D 226 -7.49 -29.42 3.63
C PHE D 226 -8.09 -29.42 5.03
N PRO D 227 -7.80 -28.40 5.84
CA PRO D 227 -8.33 -28.40 7.22
C PRO D 227 -9.82 -28.13 7.25
N ASP D 228 -10.45 -28.60 8.33
CA ASP D 228 -11.87 -28.44 8.53
C ASP D 228 -12.20 -27.03 8.98
N ILE D 229 -13.49 -26.72 9.10
CA ILE D 229 -13.92 -25.43 9.63
C ILE D 229 -13.69 -25.43 11.14
N GLY D 230 -12.82 -24.53 11.59
CA GLY D 230 -12.38 -24.52 12.97
C GLY D 230 -10.97 -25.03 13.18
N ASP D 231 -10.37 -25.65 12.17
CA ASP D 231 -9.00 -26.14 12.25
C ASP D 231 -8.05 -25.07 11.73
N VAL D 232 -6.89 -24.97 12.37
CA VAL D 232 -5.90 -23.98 11.97
C VAL D 232 -5.04 -24.53 10.82
N ILE D 233 -4.34 -23.63 10.16
CA ILE D 233 -3.39 -23.99 9.12
C ILE D 233 -2.09 -24.45 9.76
N ARG D 234 -1.37 -25.35 9.07
CA ARG D 234 -0.08 -25.92 9.41
C ARG D 234 0.95 -24.83 9.69
N PRO D 235 1.91 -25.04 10.59
CA PRO D 235 2.90 -23.98 10.91
C PRO D 235 3.73 -23.49 9.73
N ASP D 236 3.91 -24.29 8.69
CA ASP D 236 4.19 -23.76 7.36
C ASP D 236 2.88 -23.77 6.58
N GLY D 237 2.49 -22.60 6.07
CA GLY D 237 1.12 -22.41 5.62
C GLY D 237 0.75 -23.02 4.28
N VAL D 238 1.02 -24.32 4.10
CA VAL D 238 0.71 -25.01 2.86
C VAL D 238 -0.69 -25.59 2.96
N ILE D 239 -1.56 -25.21 2.01
CA ILE D 239 -2.91 -25.73 1.91
C ILE D 239 -3.04 -26.42 0.56
N PHE D 240 -3.58 -27.66 0.57
CA PHE D 240 -3.81 -28.56 -0.56
C PHE D 240 -2.70 -28.61 -1.61
N ALA D 241 -1.54 -29.17 -1.26
CA ALA D 241 -0.49 -29.44 -2.23
C ALA D 241 -0.96 -30.44 -3.28
N ILE D 242 -0.33 -30.37 -4.45
CA ILE D 242 -0.87 -31.00 -5.67
C ILE D 242 0.26 -31.75 -6.37
N ARG D 243 0.02 -33.02 -6.70
CA ARG D 243 0.96 -33.84 -7.45
C ARG D 243 0.27 -34.41 -8.67
N ASP D 244 0.99 -34.47 -9.80
CA ASP D 244 0.42 -34.83 -11.09
C ASP D 244 0.12 -36.32 -11.18
N HIS D 245 -0.49 -36.71 -12.29
CA HIS D 245 -0.85 -38.10 -12.56
C HIS D 245 0.31 -38.82 -13.24
N ASP D 246 0.80 -39.89 -12.61
CA ASP D 246 1.77 -40.78 -13.24
C ASP D 246 1.58 -42.17 -12.64
N ASP D 247 1.36 -43.15 -13.51
CA ASP D 247 1.12 -44.51 -13.05
C ASP D 247 2.40 -45.34 -12.99
N ASP D 248 3.42 -44.97 -13.77
CA ASP D 248 4.69 -45.68 -13.69
C ASP D 248 5.47 -45.32 -12.43
N LEU D 249 5.20 -44.15 -11.84
CA LEU D 249 5.85 -43.72 -10.61
C LEU D 249 5.01 -44.02 -9.37
N ALA D 250 4.07 -44.96 -9.48
CA ALA D 250 3.13 -45.26 -8.39
C ALA D 250 3.75 -46.00 -7.20
N PRO D 251 4.71 -46.93 -7.36
CA PRO D 251 5.45 -47.37 -6.16
C PRO D 251 6.36 -46.31 -5.57
N ALA D 252 6.76 -45.31 -6.37
CA ALA D 252 7.62 -44.25 -5.85
C ALA D 252 6.81 -43.14 -5.19
N GLU D 253 5.80 -42.62 -5.88
CA GLU D 253 5.10 -41.42 -5.44
C GLU D 253 3.74 -41.68 -4.83
N MET D 254 3.04 -42.76 -5.23
CA MET D 254 1.74 -43.07 -4.65
C MET D 254 1.90 -44.08 -3.51
N THR D 255 2.65 -43.63 -2.50
CA THR D 255 2.98 -44.37 -1.29
C THR D 255 2.55 -43.52 -0.11
N PRO D 256 2.04 -44.13 0.98
CA PRO D 256 1.68 -43.34 2.17
C PRO D 256 2.82 -42.55 2.81
N ARG D 257 4.08 -42.88 2.53
CA ARG D 257 5.18 -42.00 2.92
C ARG D 257 5.31 -40.84 1.95
N ALA D 258 5.22 -41.10 0.64
CA ALA D 258 5.38 -40.07 -0.37
C ALA D 258 4.15 -39.19 -0.54
N LEU D 259 2.99 -39.62 -0.08
CA LEU D 259 1.80 -38.78 -0.12
C LEU D 259 1.69 -37.86 1.08
N ARG D 260 2.32 -38.21 2.21
CA ARG D 260 2.37 -37.35 3.38
C ARG D 260 3.53 -36.37 3.35
N THR D 261 4.46 -36.53 2.41
CA THR D 261 5.65 -35.70 2.31
C THR D 261 5.52 -34.79 1.10
N LEU D 262 5.59 -33.49 1.33
CA LEU D 262 5.49 -32.51 0.27
C LEU D 262 6.89 -32.18 -0.24
N ASP D 263 7.11 -32.39 -1.55
CA ASP D 263 8.32 -31.95 -2.20
C ASP D 263 8.07 -30.58 -2.82
N ARG D 264 8.86 -29.58 -2.40
CA ARG D 264 8.59 -28.19 -2.76
C ARG D 264 8.84 -27.91 -4.24
N THR D 265 9.63 -28.73 -4.91
CA THR D 265 9.74 -28.72 -6.36
C THR D 265 8.96 -29.90 -6.92
N PHE D 266 8.60 -29.80 -8.20
CA PHE D 266 7.79 -30.70 -9.02
C PHE D 266 6.33 -30.81 -8.54
N ASP D 267 5.93 -30.09 -7.51
CA ASP D 267 4.55 -30.03 -7.03
C ASP D 267 4.05 -28.60 -7.12
N ARG D 268 2.80 -28.40 -6.75
CA ARG D 268 2.17 -27.07 -6.77
C ARG D 268 1.42 -26.88 -5.44
N ALA D 269 2.06 -26.22 -4.49
CA ALA D 269 1.43 -25.90 -3.23
C ALA D 269 0.87 -24.48 -3.25
N VAL D 270 -0.07 -24.22 -2.34
CA VAL D 270 -0.68 -22.91 -2.19
C VAL D 270 -0.37 -22.43 -0.78
N ILE D 271 0.28 -21.28 -0.68
CA ILE D 271 0.84 -20.79 0.58
C ILE D 271 -0.08 -19.74 1.17
N GLY D 272 -0.28 -19.81 2.49
CA GLY D 272 -1.07 -18.83 3.20
C GLY D 272 -0.45 -18.46 4.54
N THR D 273 -1.27 -17.98 5.46
CA THR D 273 -0.81 -17.61 6.80
C THR D 273 -0.80 -18.83 7.71
N PRO D 274 0.29 -19.08 8.46
CA PRO D 274 0.34 -20.24 9.37
C PRO D 274 -0.73 -20.22 10.46
N GLY D 275 -0.78 -19.16 11.26
CA GLY D 275 -1.80 -19.08 12.28
C GLY D 275 -3.07 -18.43 11.76
N ALA D 276 -4.04 -19.25 11.36
CA ALA D 276 -5.27 -18.74 10.74
C ALA D 276 -6.34 -19.79 10.85
N LYS D 277 -7.49 -19.43 11.43
CA LYS D 277 -8.63 -20.33 11.47
C LYS D 277 -9.31 -20.39 10.11
N VAL D 278 -9.91 -21.54 9.81
CA VAL D 278 -10.62 -21.76 8.55
C VAL D 278 -12.10 -21.49 8.79
N ILE D 279 -12.69 -20.65 7.94
CA ILE D 279 -14.06 -20.17 8.14
C ILE D 279 -15.06 -20.91 7.27
N ASP D 280 -14.83 -20.95 5.96
CA ASP D 280 -15.81 -21.51 5.03
C ASP D 280 -15.12 -22.34 3.97
N ILE D 281 -15.78 -23.42 3.55
CA ILE D 281 -15.31 -24.31 2.50
C ILE D 281 -16.47 -24.52 1.53
N ASP D 282 -16.22 -24.28 0.25
CA ASP D 282 -17.22 -24.50 -0.81
C ASP D 282 -16.60 -25.37 -1.89
N ILE D 283 -17.17 -26.55 -2.10
CA ILE D 283 -16.64 -27.53 -3.04
C ILE D 283 -17.64 -27.72 -4.17
N TRP D 284 -17.15 -27.66 -5.41
CA TRP D 284 -17.95 -27.90 -6.60
C TRP D 284 -17.45 -29.17 -7.27
N ARG D 285 -18.38 -30.07 -7.60
CA ARG D 285 -18.02 -31.38 -8.15
C ARG D 285 -18.75 -31.60 -9.47
N ASP D 286 -17.98 -31.99 -10.50
CA ASP D 286 -18.55 -32.43 -11.77
C ASP D 286 -18.72 -33.94 -11.70
N GLU D 287 -19.92 -34.36 -11.28
CA GLU D 287 -20.21 -35.76 -11.04
C GLU D 287 -20.87 -36.45 -12.23
N ARG D 288 -20.59 -35.99 -13.45
CA ARG D 288 -21.14 -36.61 -14.64
C ARG D 288 -20.09 -37.38 -15.44
N VAL D 289 -18.92 -37.60 -14.87
CA VAL D 289 -17.93 -38.50 -15.45
C VAL D 289 -18.14 -39.89 -14.86
N ASN D 290 -18.31 -40.89 -15.73
CA ASN D 290 -18.54 -42.23 -15.23
C ASN D 290 -17.24 -42.98 -14.88
N PRO D 291 -16.04 -42.69 -15.47
CA PRO D 291 -14.82 -43.04 -14.72
C PRO D 291 -14.29 -41.86 -13.91
N SER D 292 -13.95 -42.10 -12.64
CA SER D 292 -13.40 -41.01 -11.85
C SER D 292 -11.87 -41.05 -11.90
N PRO D 293 -11.21 -39.96 -12.31
CA PRO D 293 -9.75 -39.95 -12.28
C PRO D 293 -9.16 -39.80 -10.89
N THR D 294 -9.96 -39.41 -9.91
CA THR D 294 -9.50 -39.42 -8.52
C THR D 294 -9.45 -40.86 -8.03
N PRO D 295 -8.31 -41.32 -7.50
CA PRO D 295 -8.23 -42.71 -7.03
C PRO D 295 -9.02 -42.93 -5.75
N THR D 296 -9.12 -44.20 -5.36
CA THR D 296 -9.97 -44.62 -4.27
C THR D 296 -9.38 -44.19 -2.93
N GLY D 297 -10.25 -43.73 -2.02
CA GLY D 297 -9.87 -43.35 -0.69
C GLY D 297 -9.43 -41.91 -0.51
N MET D 298 -9.47 -41.10 -1.55
CA MET D 298 -9.03 -39.71 -1.46
C MET D 298 -10.16 -38.71 -1.30
N ASP D 299 -11.39 -39.08 -1.69
CA ASP D 299 -12.53 -38.16 -1.63
C ASP D 299 -13.35 -38.30 -0.36
N ALA D 300 -12.73 -38.69 0.76
CA ALA D 300 -13.46 -38.86 2.01
C ALA D 300 -13.85 -37.53 2.66
N GLN D 301 -13.11 -36.47 2.39
CA GLN D 301 -13.40 -35.15 2.93
C GLN D 301 -14.12 -34.24 1.95
N LEU D 302 -13.97 -34.49 0.65
CA LEU D 302 -14.65 -33.68 -0.35
C LEU D 302 -16.15 -33.98 -0.37
N VAL D 303 -16.50 -35.27 -0.32
CA VAL D 303 -17.90 -35.69 -0.37
C VAL D 303 -18.65 -35.26 0.89
N LYS D 304 -17.93 -35.16 2.02
CA LYS D 304 -18.52 -34.73 3.29
C LYS D 304 -19.07 -33.31 3.21
N TYR D 305 -18.32 -32.40 2.59
CA TYR D 305 -18.82 -31.04 2.41
C TYR D 305 -19.76 -30.93 1.22
N HIS D 306 -19.54 -31.73 0.17
CA HIS D 306 -20.35 -31.59 -1.04
C HIS D 306 -21.76 -32.11 -0.84
N THR D 307 -21.95 -33.16 -0.04
CA THR D 307 -23.30 -33.64 0.22
C THR D 307 -24.09 -32.67 1.11
N HIS D 308 -23.43 -32.05 2.08
CA HIS D 308 -24.09 -31.06 2.92
C HIS D 308 -24.38 -29.77 2.16
N LEU D 309 -23.59 -29.44 1.13
CA LEU D 309 -23.92 -28.31 0.28
C LEU D 309 -25.04 -28.65 -0.70
N SER D 310 -25.03 -29.87 -1.23
CA SER D 310 -26.04 -30.31 -2.18
C SER D 310 -27.41 -30.47 -1.52
N SER D 311 -27.44 -30.87 -0.25
CA SER D 311 -28.73 -30.96 0.46
C SER D 311 -29.34 -29.58 0.69
N TYR D 312 -28.50 -28.57 0.95
CA TYR D 312 -28.98 -27.20 1.10
C TYR D 312 -29.48 -26.64 -0.24
N TYR D 313 -28.73 -26.89 -1.32
CA TYR D 313 -29.17 -26.43 -2.62
C TYR D 313 -30.32 -27.24 -3.20
N ARG D 314 -30.62 -28.42 -2.66
CA ARG D 314 -31.84 -29.14 -3.00
C ARG D 314 -33.03 -28.67 -2.19
N GLU D 315 -32.81 -28.35 -0.91
CA GLU D 315 -33.88 -27.83 -0.06
C GLU D 315 -34.35 -26.47 -0.55
N LEU D 316 -33.43 -25.64 -1.05
CA LEU D 316 -33.81 -24.33 -1.57
C LEU D 316 -34.65 -24.44 -2.84
N LEU D 317 -34.26 -25.34 -3.74
CA LEU D 317 -35.02 -25.55 -4.97
C LEU D 317 -36.36 -26.22 -4.68
N LYS D 318 -36.42 -27.08 -3.67
CA LYS D 318 -37.68 -27.68 -3.26
C LYS D 318 -38.62 -26.65 -2.67
N ILE D 319 -38.07 -25.68 -1.92
CA ILE D 319 -38.88 -24.60 -1.36
C ILE D 319 -39.44 -23.72 -2.48
N TYR D 320 -38.61 -23.40 -3.48
CA TYR D 320 -39.09 -22.60 -4.60
C TYR D 320 -40.13 -23.33 -5.43
N ARG D 321 -39.92 -24.63 -5.69
CA ARG D 321 -40.90 -25.38 -6.46
C ARG D 321 -42.17 -25.69 -5.67
N GLY D 322 -42.10 -25.64 -4.33
CA GLY D 322 -43.30 -25.72 -3.53
C GLY D 322 -44.08 -24.42 -3.55
N LEU D 323 -43.37 -23.29 -3.58
CA LEU D 323 -44.04 -22.01 -3.73
C LEU D 323 -44.60 -21.81 -5.13
N LEU D 324 -44.00 -22.48 -6.14
CA LEU D 324 -44.47 -22.33 -7.51
C LEU D 324 -45.81 -23.04 -7.74
N ALA D 325 -46.05 -24.16 -7.06
CA ALA D 325 -47.26 -24.93 -7.27
C ALA D 325 -48.48 -24.27 -6.64
N ARG D 326 -48.29 -23.45 -5.61
CA ARG D 326 -49.42 -22.82 -4.94
C ARG D 326 -49.92 -21.59 -5.70
N ARG D 327 -49.06 -20.59 -5.84
CA ARG D 327 -49.42 -19.32 -6.49
C ARG D 327 -48.89 -19.32 -7.92
N LYS D 328 -49.64 -19.99 -8.80
CA LYS D 328 -49.26 -20.06 -10.21
C LYS D 328 -49.48 -18.72 -10.90
N ASP D 329 -48.41 -18.20 -11.52
CA ASP D 329 -48.31 -16.92 -12.22
C ASP D 329 -48.64 -15.71 -11.32
N ASP D 330 -48.64 -15.89 -10.01
CA ASP D 330 -48.74 -14.79 -9.06
C ASP D 330 -47.47 -14.63 -8.24
N LEU D 331 -46.44 -15.43 -8.53
CA LEU D 331 -45.15 -15.25 -7.87
C LEU D 331 -44.46 -13.99 -8.37
N HIS D 332 -44.06 -13.16 -7.41
CA HIS D 332 -43.15 -12.04 -7.66
C HIS D 332 -42.03 -12.16 -6.64
N ILE D 333 -40.80 -12.36 -7.12
CA ILE D 333 -39.68 -12.61 -6.23
C ILE D 333 -38.66 -11.49 -6.38
N THR D 334 -37.86 -11.32 -5.34
CA THR D 334 -36.80 -10.33 -5.38
C THR D 334 -35.68 -10.77 -6.32
N GLU D 335 -34.91 -9.80 -6.78
CA GLU D 335 -33.91 -10.05 -7.82
C GLU D 335 -32.72 -10.85 -7.30
N GLU D 336 -32.47 -10.80 -5.99
CA GLU D 336 -31.46 -11.67 -5.39
C GLU D 336 -31.96 -13.10 -5.29
N PHE D 337 -33.27 -13.26 -4.99
CA PHE D 337 -33.87 -14.58 -4.83
C PHE D 337 -33.91 -15.35 -6.14
N GLU D 338 -33.97 -14.65 -7.27
CA GLU D 338 -33.93 -15.32 -8.57
C GLU D 338 -32.55 -15.86 -8.87
N ARG D 339 -31.52 -15.04 -8.65
CA ARG D 339 -30.14 -15.46 -8.90
C ARG D 339 -29.67 -16.54 -7.94
N LEU D 340 -30.24 -16.59 -6.72
CA LEU D 340 -29.93 -17.68 -5.81
C LEU D 340 -30.45 -19.01 -6.32
N ILE D 341 -31.61 -19.01 -6.99
CA ILE D 341 -32.14 -20.25 -7.56
C ILE D 341 -31.44 -20.59 -8.88
N VAL D 342 -30.95 -19.61 -9.62
CA VAL D 342 -30.09 -19.90 -10.77
C VAL D 342 -28.78 -20.54 -10.31
N THR D 343 -28.22 -20.07 -9.19
CA THR D 343 -27.03 -20.69 -8.62
C THR D 343 -27.33 -22.10 -8.11
N ALA D 344 -28.51 -22.29 -7.52
CA ALA D 344 -28.92 -23.61 -7.03
C ALA D 344 -29.10 -24.60 -8.18
N GLN D 345 -29.63 -24.14 -9.30
CA GLN D 345 -29.74 -25.02 -10.47
C GLN D 345 -28.41 -25.23 -11.17
N MET D 346 -27.49 -24.29 -11.05
CA MET D 346 -26.14 -24.49 -11.58
C MET D 346 -25.32 -25.45 -10.74
N PHE D 347 -25.62 -25.57 -9.44
CA PHE D 347 -24.86 -26.49 -8.61
C PHE D 347 -25.32 -27.93 -8.78
N LEU D 348 -26.62 -28.17 -8.77
CA LEU D 348 -27.15 -29.53 -8.75
C LEU D 348 -26.98 -30.20 -10.11
N PRO D 349 -26.76 -31.52 -10.14
CA PRO D 349 -26.60 -32.20 -11.43
C PRO D 349 -27.92 -32.34 -12.17
N GLN D 350 -27.81 -32.37 -13.49
CA GLN D 350 -28.94 -32.49 -14.40
C GLN D 350 -29.30 -33.94 -14.62
N PRO D 351 -30.53 -34.24 -15.04
CA PRO D 351 -30.83 -35.59 -15.52
C PRO D 351 -30.11 -35.87 -16.84
N ASP D 352 -30.04 -37.15 -17.17
CA ASP D 352 -29.24 -37.61 -18.32
C ASP D 352 -29.95 -37.42 -19.66
N ASN D 353 -31.11 -36.77 -19.67
CA ASN D 353 -31.80 -36.48 -20.93
C ASN D 353 -31.17 -35.32 -21.67
N VAL D 354 -30.46 -34.43 -20.98
CA VAL D 354 -29.85 -33.25 -21.58
C VAL D 354 -28.34 -33.32 -21.42
N ARG D 355 -27.63 -32.36 -22.00
CA ARG D 355 -26.18 -32.27 -21.83
C ARG D 355 -25.83 -31.80 -20.43
N LYS D 356 -24.61 -32.12 -20.01
CA LYS D 356 -24.13 -31.70 -18.71
C LYS D 356 -23.53 -30.29 -18.80
N LEU D 357 -23.43 -29.64 -17.65
CA LEU D 357 -22.92 -28.28 -17.59
C LEU D 357 -21.40 -28.25 -17.68
N SER D 358 -20.89 -27.33 -18.50
CA SER D 358 -19.46 -27.05 -18.58
C SER D 358 -19.22 -25.77 -17.79
N ARG D 359 -18.96 -25.93 -16.50
CA ARG D 359 -18.86 -24.79 -15.60
C ARG D 359 -17.51 -24.10 -15.71
N PHE D 360 -17.52 -22.78 -15.61
CA PHE D 360 -16.32 -21.95 -15.74
C PHE D 360 -16.24 -20.98 -14.57
N TYR D 361 -15.09 -20.32 -14.44
CA TYR D 361 -14.90 -19.21 -13.50
C TYR D 361 -14.01 -18.20 -14.22
N ARG D 362 -14.64 -17.28 -14.96
CA ARG D 362 -13.98 -16.22 -15.73
C ARG D 362 -12.94 -16.78 -16.70
N LEU D 363 -13.45 -17.56 -17.65
CA LEU D 363 -12.68 -18.25 -18.70
C LEU D 363 -11.64 -19.21 -18.13
N ASP D 364 -12.00 -19.88 -17.04
CA ASP D 364 -11.14 -20.90 -16.42
C ASP D 364 -12.01 -22.13 -16.19
N PRO D 365 -11.78 -23.22 -16.93
CA PRO D 365 -12.67 -24.38 -16.83
C PRO D 365 -12.44 -25.18 -15.56
N LEU D 366 -13.54 -25.61 -14.95
CA LEU D 366 -13.46 -26.50 -13.80
C LEU D 366 -13.20 -27.93 -14.26
N ASP D 367 -12.42 -28.67 -13.46
CA ASP D 367 -12.13 -30.08 -13.72
C ASP D 367 -12.40 -30.91 -12.46
N GLU D 368 -13.68 -31.29 -12.29
CA GLU D 368 -14.21 -32.34 -11.41
C GLU D 368 -14.14 -32.00 -9.91
N TRP D 369 -13.40 -30.95 -9.54
CA TRP D 369 -13.23 -30.58 -8.14
C TRP D 369 -12.77 -29.13 -8.10
N ARG D 370 -13.42 -28.33 -7.27
CA ARG D 370 -12.99 -26.95 -7.04
C ARG D 370 -13.20 -26.63 -5.56
N VAL D 371 -12.11 -26.67 -4.80
CA VAL D 371 -12.14 -26.37 -3.37
C VAL D 371 -11.90 -24.89 -3.18
N GLU D 372 -12.71 -24.26 -2.33
CA GLU D 372 -12.66 -22.81 -2.09
C GLU D 372 -12.64 -22.59 -0.58
N VAL D 373 -11.45 -22.44 -0.02
CA VAL D 373 -11.26 -22.32 1.42
C VAL D 373 -11.09 -20.85 1.77
N THR D 374 -11.86 -20.38 2.74
CA THR D 374 -11.78 -19.01 3.25
C THR D 374 -11.23 -19.06 4.67
N TYR D 375 -10.12 -18.37 4.91
CA TYR D 375 -9.49 -18.34 6.21
C TYR D 375 -9.40 -16.91 6.72
N LYS D 376 -9.12 -16.78 8.01
CA LYS D 376 -9.09 -15.50 8.70
C LYS D 376 -7.81 -15.41 9.52
N ALA D 377 -7.05 -14.33 9.35
CA ALA D 377 -5.77 -14.17 10.02
C ALA D 377 -5.62 -12.74 10.54
N GLN D 378 -5.17 -12.61 11.78
CA GLN D 378 -4.85 -11.32 12.36
C GLN D 378 -3.37 -11.01 12.17
N LYS D 379 -3.07 -9.74 11.92
CA LYS D 379 -1.72 -9.31 11.58
C LYS D 379 -1.21 -8.33 12.63
N MET D 380 -0.10 -8.69 13.28
CA MET D 380 0.53 -7.78 14.25
C MET D 380 1.49 -6.85 13.52
N PRO D 381 1.39 -5.53 13.73
CA PRO D 381 2.30 -4.60 13.06
C PRO D 381 3.67 -4.60 13.71
N ALA D 382 4.71 -4.80 12.90
CA ALA D 382 6.09 -4.76 13.38
C ALA D 382 6.92 -3.70 12.69
N GLY D 383 6.93 -3.68 11.36
CA GLY D 383 7.73 -2.71 10.63
C GLY D 383 7.07 -2.36 9.32
N ALA D 384 7.34 -1.13 8.86
CA ALA D 384 6.79 -0.54 7.63
C ALA D 384 5.27 -0.54 7.62
N PHE D 385 4.68 -0.30 8.79
CA PHE D 385 3.23 -0.11 8.92
C PHE D 385 2.95 1.37 9.10
N LYS D 386 2.04 1.90 8.28
CA LYS D 386 1.74 3.33 8.28
C LYS D 386 0.62 3.64 9.26
N MET D 387 0.75 4.78 9.95
CA MET D 387 -0.24 5.26 10.89
C MET D 387 -0.53 6.73 10.63
N THR D 388 -1.63 7.22 11.20
CA THR D 388 -2.10 8.58 10.99
C THR D 388 -2.78 9.04 12.28
N ASP D 389 -2.58 10.31 12.64
CA ASP D 389 -3.10 10.87 13.88
C ASP D 389 -4.38 11.67 13.68
N PHE D 390 -5.19 11.28 12.69
CA PHE D 390 -6.42 11.97 12.27
C PHE D 390 -6.15 13.42 11.84
N HIS D 391 -4.96 13.67 11.31
CA HIS D 391 -4.63 14.90 10.60
C HIS D 391 -3.87 14.51 9.34
N GLY D 392 -3.22 15.47 8.71
CA GLY D 392 -2.46 15.16 7.51
C GLY D 392 -1.12 14.50 7.74
N GLY D 393 -0.66 14.43 8.99
CA GLY D 393 0.67 13.91 9.27
C GLY D 393 0.72 12.41 9.47
N LYS D 394 1.16 11.69 8.44
CA LYS D 394 1.31 10.24 8.51
C LYS D 394 2.79 9.87 8.56
N GLY D 395 3.06 8.66 9.06
CA GLY D 395 4.42 8.20 9.21
C GLY D 395 4.50 6.69 9.22
N VAL D 396 5.72 6.18 9.10
CA VAL D 396 6.00 4.76 9.02
C VAL D 396 6.68 4.35 10.32
N ILE D 397 6.20 3.25 10.93
CA ILE D 397 6.80 2.72 12.15
C ILE D 397 8.19 2.18 11.83
N CYS D 398 9.20 2.66 12.57
CA CYS D 398 10.58 2.28 12.33
C CYS D 398 11.25 1.62 13.53
N LYS D 399 10.64 1.65 14.71
CA LYS D 399 11.26 1.08 15.90
C LYS D 399 10.18 0.70 16.90
N VAL D 400 10.22 -0.54 17.37
CA VAL D 400 9.30 -1.03 18.40
C VAL D 400 10.08 -1.28 19.67
N MET D 401 9.61 -0.71 20.77
CA MET D 401 10.24 -0.88 22.08
C MET D 401 9.28 -1.59 23.02
N GLU D 402 9.83 -2.13 24.10
CA GLU D 402 9.02 -2.78 25.12
C GLU D 402 8.28 -1.74 25.95
N ASP D 403 7.36 -2.22 26.79
CA ASP D 403 6.51 -1.31 27.57
C ASP D 403 7.30 -0.62 28.68
N GLU D 404 8.29 -1.29 29.25
CA GLU D 404 9.10 -0.66 30.29
C GLU D 404 10.21 0.22 29.73
N ASP D 405 10.52 0.09 28.44
CA ASP D 405 11.52 0.94 27.78
C ASP D 405 10.88 2.07 27.01
N MET D 406 9.73 2.55 27.45
CA MET D 406 8.98 3.63 26.83
C MET D 406 9.05 4.88 27.70
N PRO D 407 8.81 6.07 27.12
CA PRO D 407 8.71 7.28 27.94
C PRO D 407 7.57 7.23 28.95
N ILE D 408 7.85 7.74 30.15
CA ILE D 408 6.89 7.74 31.26
C ILE D 408 6.99 9.08 31.98
N ASP D 409 5.83 9.63 32.34
CA ASP D 409 5.79 10.87 33.11
C ASP D 409 6.10 10.60 34.59
N GLU D 410 6.09 11.66 35.38
CA GLU D 410 6.19 11.54 36.82
C GLU D 410 4.87 11.12 37.47
N ASN D 411 3.77 11.14 36.72
CA ASN D 411 2.48 10.69 37.23
C ASN D 411 2.24 9.21 37.01
N GLY D 412 2.91 8.60 36.02
CA GLY D 412 2.75 7.18 35.73
C GLY D 412 2.18 6.89 34.36
N ASN D 413 1.90 7.88 33.53
CA ASN D 413 1.33 7.65 32.21
C ASN D 413 2.43 7.20 31.25
N ARG D 414 2.31 5.98 30.75
CA ARG D 414 3.27 5.44 29.80
C ARG D 414 2.93 5.89 28.39
N ALA D 415 3.95 6.29 27.63
CA ALA D 415 3.73 6.73 26.26
C ALA D 415 3.49 5.53 25.35
N ASP D 416 2.76 5.78 24.26
CA ASP D 416 2.52 4.78 23.24
C ASP D 416 3.23 5.07 21.93
N LEU D 417 3.53 6.33 21.63
CA LEU D 417 4.19 6.71 20.40
C LEU D 417 5.10 7.89 20.65
N ILE D 418 6.13 8.01 19.82
CA ILE D 418 7.03 9.15 19.83
C ILE D 418 6.98 9.78 18.45
N ILE D 419 6.55 11.04 18.39
CA ILE D 419 6.39 11.76 17.13
C ILE D 419 7.27 13.00 17.17
N PHE D 420 7.99 13.26 16.08
CA PHE D 420 8.80 14.47 15.98
C PHE D 420 7.91 15.69 15.83
N GLY D 421 8.01 16.62 16.79
CA GLY D 421 7.18 17.81 16.78
C GLY D 421 7.60 18.86 15.77
N GLY D 422 8.82 18.78 15.26
CA GLY D 422 9.35 19.80 14.37
C GLY D 422 8.75 19.84 12.98
N SER D 423 7.90 18.88 12.62
CA SER D 423 7.20 18.90 11.36
C SER D 423 5.87 19.63 11.42
N THR D 424 5.46 20.06 12.62
CA THR D 424 4.19 20.78 12.77
C THR D 424 4.26 22.16 12.13
N MET D 425 5.38 22.86 12.30
CA MET D 425 5.54 24.16 11.65
C MET D 425 5.79 24.01 10.15
N ARG D 426 6.36 22.89 9.73
CA ARG D 426 6.67 22.69 8.32
C ARG D 426 5.44 22.29 7.53
N ARG D 427 4.55 21.48 8.11
CA ARG D 427 3.36 21.00 7.41
C ARG D 427 2.11 21.77 7.77
N SER D 428 2.15 22.62 8.80
CA SER D 428 1.09 23.57 9.17
C SER D 428 -0.21 22.85 9.55
N ASN D 429 -0.09 21.87 10.44
CA ASN D 429 -1.24 21.15 11.00
C ASN D 429 -1.26 21.39 12.50
N TYR D 430 -1.89 22.49 12.91
CA TYR D 430 -1.85 22.94 14.29
C TYR D 430 -3.03 22.45 15.13
N GLY D 431 -3.97 21.71 14.54
CA GLY D 431 -5.00 21.07 15.34
C GLY D 431 -4.48 19.94 16.21
N ARG D 432 -3.36 19.34 15.81
CA ARG D 432 -2.68 18.33 16.62
C ARG D 432 -2.25 18.90 17.97
N ILE D 433 -1.79 20.16 17.99
CA ILE D 433 -1.32 20.79 19.23
C ILE D 433 -2.50 21.03 20.18
N TYR D 434 -3.62 21.50 19.66
CA TYR D 434 -4.80 21.75 20.49
C TYR D 434 -5.40 20.44 21.00
N GLU D 435 -5.42 19.40 20.14
CA GLU D 435 -5.91 18.09 20.57
C GLU D 435 -5.03 17.50 21.66
N HIS D 436 -3.70 17.58 21.48
CA HIS D 436 -2.75 17.09 22.47
C HIS D 436 -2.88 17.83 23.81
N GLY D 437 -3.00 19.15 23.76
CA GLY D 437 -3.05 19.93 24.99
C GLY D 437 -4.36 19.76 25.74
N PHE D 438 -5.49 19.82 25.02
CA PHE D 438 -6.79 19.67 25.67
C PHE D 438 -7.01 18.24 26.16
N GLY D 439 -6.49 17.24 25.43
CA GLY D 439 -6.57 15.87 25.91
C GLY D 439 -5.71 15.64 27.13
N ALA D 440 -4.52 16.24 27.17
CA ALA D 440 -3.67 16.12 28.35
C ALA D 440 -4.31 16.79 29.57
N ALA D 441 -4.94 17.96 29.37
CA ALA D 441 -5.61 18.65 30.47
C ALA D 441 -6.82 17.87 30.97
N ALA D 442 -7.60 17.28 30.05
CA ALA D 442 -8.78 16.52 30.47
C ALA D 442 -8.40 15.20 31.14
N ARG D 443 -7.35 14.54 30.65
CA ARG D 443 -6.89 13.29 31.25
C ARG D 443 -6.31 13.53 32.64
N ASP D 444 -5.54 14.61 32.80
CA ASP D 444 -5.01 14.93 34.12
C ASP D 444 -6.11 15.41 35.07
N LEU D 445 -7.17 16.02 34.54
CA LEU D 445 -8.33 16.36 35.37
C LEU D 445 -9.04 15.12 35.88
N ALA D 446 -9.26 14.14 34.98
CA ALA D 446 -9.93 12.90 35.38
C ALA D 446 -9.08 12.11 36.37
N GLN D 447 -7.76 12.08 36.17
CA GLN D 447 -6.89 11.37 37.10
C GLN D 447 -6.80 12.09 38.44
N ARG D 448 -6.80 13.43 38.44
CA ARG D 448 -6.75 14.17 39.70
C ARG D 448 -8.05 13.99 40.48
N LEU D 449 -9.19 13.99 39.78
CA LEU D 449 -10.48 13.74 40.44
C LEU D 449 -10.59 12.31 40.92
N ARG D 450 -9.88 11.38 40.28
CA ARG D 450 -9.78 10.03 40.82
C ARG D 450 -8.92 10.01 42.09
N VAL D 451 -7.87 10.81 42.13
CA VAL D 451 -6.96 10.82 43.27
C VAL D 451 -7.58 11.48 44.50
N GLU D 452 -8.42 12.51 44.31
CA GLU D 452 -9.08 13.14 45.47
C GLU D 452 -10.09 12.21 46.13
N ALA D 453 -10.77 11.36 45.36
CA ALA D 453 -11.58 10.32 45.96
C ALA D 453 -10.69 9.15 46.39
N GLY D 454 -11.28 8.20 47.11
CA GLY D 454 -10.48 7.06 47.51
C GLY D 454 -10.49 6.01 46.42
N LEU D 455 -9.51 6.08 45.54
CA LEU D 455 -9.40 5.21 44.37
C LEU D 455 -7.93 5.10 44.00
N ASP D 456 -7.67 4.59 42.79
CA ASP D 456 -6.30 4.47 42.28
C ASP D 456 -6.30 4.81 40.80
N ARG D 457 -5.39 5.70 40.40
CA ARG D 457 -5.29 6.08 39.00
C ARG D 457 -4.66 4.94 38.18
N HIS D 458 -4.82 5.04 36.86
CA HIS D 458 -4.43 4.04 35.86
C HIS D 458 -5.05 2.66 36.12
N ALA D 459 -6.23 2.62 36.73
CA ALA D 459 -6.90 1.36 37.02
C ALA D 459 -8.41 1.57 37.00
N LYS D 460 -9.11 0.70 36.31
CA LYS D 460 -10.57 0.75 36.27
C LYS D 460 -11.13 0.33 37.62
N PRO D 461 -11.92 1.18 38.29
CA PRO D 461 -12.45 0.81 39.60
C PRO D 461 -13.58 -0.20 39.50
N THR D 462 -13.75 -0.96 40.58
CA THR D 462 -14.81 -1.94 40.66
C THR D 462 -16.14 -1.26 40.97
N GLN D 463 -17.22 -2.03 40.86
CA GLN D 463 -18.56 -1.49 41.11
C GLN D 463 -18.89 -1.31 42.58
N GLN D 464 -18.09 -1.88 43.48
CA GLN D 464 -18.30 -1.68 44.92
C GLN D 464 -17.49 -0.51 45.47
N GLN D 465 -16.50 -0.03 44.72
CA GLN D 465 -15.78 1.19 45.12
C GLN D 465 -16.55 2.44 44.73
N LEU D 466 -17.18 2.42 43.54
CA LEU D 466 -17.96 3.57 43.09
C LEU D 466 -19.23 3.74 43.91
N ASN D 467 -19.77 2.64 44.46
CA ASN D 467 -20.94 2.73 45.33
C ASN D 467 -20.62 3.32 46.70
N SER D 468 -19.35 3.39 47.07
CA SER D 468 -18.93 4.11 48.28
C SER D 468 -18.39 5.49 47.96
N VAL D 469 -17.90 5.72 46.74
CA VAL D 469 -17.49 7.06 46.34
C VAL D 469 -18.71 7.96 46.12
N MET D 470 -19.72 7.45 45.41
CA MET D 470 -20.93 8.22 45.14
C MET D 470 -21.83 8.39 46.36
N GLY D 471 -21.56 7.70 47.47
CA GLY D 471 -22.39 7.83 48.65
C GLY D 471 -22.24 9.15 49.37
N ASN D 472 -21.10 9.82 49.24
CA ASN D 472 -20.89 11.13 49.84
C ASN D 472 -21.40 12.16 48.85
N THR D 473 -22.49 12.84 49.20
CA THR D 473 -23.13 13.76 48.27
C THR D 473 -22.37 15.07 48.11
N GLN D 474 -21.58 15.47 49.11
CA GLN D 474 -20.86 16.73 49.07
C GLN D 474 -19.58 16.69 48.25
N TRP D 475 -19.14 15.52 47.81
CA TRP D 475 -18.00 15.40 46.92
C TRP D 475 -18.40 15.28 45.46
N VAL D 476 -19.54 14.66 45.19
CA VAL D 476 -20.04 14.56 43.81
C VAL D 476 -20.41 15.92 43.26
N ASP D 477 -20.96 16.78 44.12
CA ASP D 477 -21.28 18.15 43.71
C ASP D 477 -20.01 18.95 43.43
N TYR D 478 -18.96 18.75 44.23
CA TYR D 478 -17.69 19.44 44.01
C TYR D 478 -17.03 18.97 42.73
N ALA D 479 -17.07 17.67 42.45
CA ALA D 479 -16.49 17.16 41.21
C ALA D 479 -17.30 17.58 39.99
N PHE D 480 -18.63 17.73 40.15
CA PHE D 480 -19.44 18.21 39.04
C PHE D 480 -19.19 19.68 38.76
N LYS D 481 -19.00 20.49 39.80
CA LYS D 481 -18.63 21.89 39.60
C LYS D 481 -17.24 22.03 39.00
N GLU D 482 -16.31 21.14 39.36
CA GLU D 482 -14.99 21.15 38.75
C GLU D 482 -15.06 20.76 37.27
N LEU D 483 -15.87 19.75 36.93
CA LEU D 483 -16.02 19.36 35.54
C LEU D 483 -16.71 20.45 34.73
N LEU D 484 -17.69 21.15 35.33
CA LEU D 484 -18.37 22.23 34.63
C LEU D 484 -17.44 23.44 34.44
N GLY D 485 -16.60 23.73 35.43
CA GLY D 485 -15.62 24.79 35.29
C GLY D 485 -14.54 24.46 34.27
N PHE D 486 -14.24 23.18 34.08
CA PHE D 486 -13.34 22.79 33.01
C PHE D 486 -14.01 22.86 31.64
N TYR D 487 -15.29 22.50 31.56
CA TYR D 487 -16.00 22.61 30.29
C TYR D 487 -16.28 24.06 29.91
N GLU D 488 -16.30 24.98 30.88
CA GLU D 488 -16.47 26.39 30.58
C GLU D 488 -15.29 26.99 29.82
N ILE D 489 -14.11 26.37 29.90
CA ILE D 489 -12.93 26.92 29.24
C ILE D 489 -12.91 26.58 27.75
N ILE D 490 -12.95 25.29 27.43
CA ILE D 490 -12.61 24.84 26.08
C ILE D 490 -13.82 24.45 25.23
N ALA D 491 -15.02 24.35 25.81
CA ALA D 491 -16.21 23.95 25.06
C ALA D 491 -17.45 24.55 25.70
N PRO D 492 -17.78 25.80 25.35
CA PRO D 492 -18.94 26.46 25.98
C PRO D 492 -20.29 25.90 25.55
N THR D 493 -20.34 25.19 24.41
CA THR D 493 -21.57 24.49 24.03
C THR D 493 -21.90 23.38 25.02
N MET D 494 -20.87 22.66 25.48
CA MET D 494 -21.06 21.66 26.53
C MET D 494 -21.51 22.30 27.84
N HIS D 495 -20.93 23.46 28.18
CA HIS D 495 -21.30 24.15 29.41
C HIS D 495 -22.73 24.67 29.34
N SER D 496 -23.22 25.00 28.16
CA SER D 496 -24.62 25.38 28.02
C SER D 496 -25.54 24.16 28.00
N LYS D 497 -25.07 23.01 27.50
CA LYS D 497 -25.93 21.85 27.30
C LYS D 497 -25.89 20.84 28.44
N MET D 498 -25.08 21.05 29.49
CA MET D 498 -25.21 20.18 30.65
C MET D 498 -25.21 20.96 31.97
N MET D 499 -25.48 22.26 31.94
CA MET D 499 -26.00 22.92 33.13
C MET D 499 -27.44 22.52 33.39
N GLU D 500 -28.13 22.06 32.35
CA GLU D 500 -29.49 21.54 32.42
C GLU D 500 -29.51 20.02 32.62
N HIS D 501 -28.69 19.55 33.56
CA HIS D 501 -28.43 18.12 33.71
C HIS D 501 -29.27 17.53 34.83
N PRO D 502 -30.14 16.57 34.55
CA PRO D 502 -30.76 15.78 35.62
C PRO D 502 -29.89 14.59 35.98
N ASN D 503 -29.96 14.20 37.27
CA ASN D 503 -29.19 13.13 37.91
C ASN D 503 -27.69 13.35 37.69
N PRO D 504 -27.06 14.32 38.34
CA PRO D 504 -25.66 14.63 38.06
C PRO D 504 -24.66 13.61 38.59
N ALA D 505 -25.09 12.68 39.44
CA ALA D 505 -24.17 11.69 39.99
C ALA D 505 -23.71 10.68 38.93
N GLU D 506 -24.55 10.40 37.93
CA GLU D 506 -24.17 9.47 36.88
C GLU D 506 -23.11 10.04 35.96
N HIS D 507 -23.03 11.37 35.83
CA HIS D 507 -21.97 11.98 35.02
C HIS D 507 -20.61 11.82 35.68
N VAL D 508 -20.53 12.06 37.00
CA VAL D 508 -19.29 11.86 37.73
C VAL D 508 -18.95 10.37 37.84
N LYS D 509 -19.97 9.50 37.89
CA LYS D 509 -19.72 8.07 37.90
C LYS D 509 -19.21 7.58 36.54
N THR D 510 -19.63 8.22 35.46
CA THR D 510 -19.11 7.89 34.14
C THR D 510 -17.71 8.45 33.93
N VAL D 511 -17.42 9.63 34.50
CA VAL D 511 -16.09 10.22 34.37
C VAL D 511 -15.07 9.43 35.18
N LEU D 512 -15.43 9.02 36.39
CA LEU D 512 -14.53 8.24 37.23
C LEU D 512 -14.37 6.79 36.77
N MET D 513 -15.18 6.32 35.82
CA MET D 513 -15.07 4.94 35.36
C MET D 513 -13.89 4.76 34.41
N ASP D 514 -13.92 5.46 33.27
CA ASP D 514 -12.81 5.40 32.33
C ASP D 514 -11.83 6.54 32.61
N GLY D 515 -10.75 6.59 31.85
CA GLY D 515 -9.69 7.53 32.13
C GLY D 515 -9.78 8.86 31.40
N PHE D 516 -11.00 9.25 30.97
CA PHE D 516 -11.15 10.46 30.18
C PHE D 516 -12.58 10.95 30.25
N PRO D 517 -12.81 12.25 30.47
CA PRO D 517 -14.16 12.81 30.27
C PRO D 517 -14.39 13.22 28.82
N TYR D 518 -15.39 12.61 28.18
CA TYR D 518 -15.60 12.82 26.75
C TYR D 518 -16.14 14.23 26.48
N ILE D 519 -15.70 14.81 25.37
CA ILE D 519 -15.85 16.23 25.10
C ILE D 519 -16.52 16.41 23.75
N TYR D 520 -17.63 17.17 23.73
CA TYR D 520 -18.30 17.56 22.50
C TYR D 520 -17.67 18.85 21.99
N ALA D 521 -17.04 18.79 20.82
CA ALA D 521 -16.42 19.94 20.18
C ALA D 521 -16.98 20.07 18.77
N PRO D 522 -18.04 20.86 18.58
CA PRO D 522 -18.63 21.02 17.24
C PRO D 522 -17.75 21.89 16.35
N VAL D 523 -18.12 21.93 15.07
CA VAL D 523 -17.34 22.68 14.09
C VAL D 523 -17.55 24.18 14.22
N ASP D 524 -18.63 24.61 14.87
CA ASP D 524 -18.89 26.03 15.13
C ASP D 524 -19.11 26.19 16.65
N ASP D 525 -18.02 26.34 17.37
CA ASP D 525 -18.05 26.50 18.82
C ASP D 525 -17.54 27.89 19.17
N PRO D 526 -18.36 28.76 19.80
CA PRO D 526 -17.90 30.12 20.09
C PRO D 526 -16.86 30.20 21.20
N VAL D 527 -15.63 29.78 20.89
CA VAL D 527 -14.54 29.77 21.84
C VAL D 527 -13.28 30.26 21.14
N ASP D 528 -12.42 30.94 21.88
CA ASP D 528 -11.10 31.34 21.41
C ASP D 528 -10.09 30.30 21.87
N LEU D 529 -9.31 29.79 20.91
CA LEU D 529 -8.45 28.63 21.20
C LEU D 529 -7.25 29.02 22.05
N MET D 530 -6.54 30.09 21.66
CA MET D 530 -5.35 30.47 22.41
C MET D 530 -5.68 31.19 23.71
N ALA D 531 -6.85 31.82 23.79
CA ALA D 531 -7.31 32.34 25.08
C ALA D 531 -7.64 31.19 26.03
N ALA D 532 -8.16 30.08 25.50
CA ALA D 532 -8.37 28.90 26.33
C ALA D 532 -7.04 28.25 26.73
N VAL D 533 -6.03 28.32 25.84
CA VAL D 533 -4.70 27.81 26.17
C VAL D 533 -4.08 28.64 27.31
N ASN D 534 -4.18 29.97 27.20
CA ASN D 534 -3.67 30.85 28.25
C ASN D 534 -4.49 30.74 29.53
N LYS D 535 -5.77 30.37 29.43
CA LYS D 535 -6.58 30.11 30.62
C LYS D 535 -6.19 28.80 31.28
N LEU D 536 -5.76 27.81 30.49
CA LEU D 536 -5.32 26.54 31.07
C LEU D 536 -3.94 26.66 31.70
N ILE D 537 -3.05 27.45 31.10
CA ILE D 537 -1.70 27.59 31.65
C ILE D 537 -1.72 28.43 32.92
N ASN D 538 -2.41 29.56 32.90
CA ASN D 538 -2.43 30.49 34.03
C ASN D 538 -3.62 30.21 34.95
N SER D 539 -3.62 29.01 35.54
CA SER D 539 -4.69 28.61 36.44
C SER D 539 -4.15 27.60 37.45
N ASP D 540 -4.68 27.68 38.68
CA ASP D 540 -4.29 26.72 39.71
C ASP D 540 -4.85 25.33 39.42
N LYS D 541 -6.09 25.26 38.94
CA LYS D 541 -6.70 24.00 38.56
C LYS D 541 -6.76 23.88 37.04
N TYR D 542 -7.11 22.67 36.58
CA TYR D 542 -7.24 22.29 35.16
C TYR D 542 -5.92 22.45 34.39
N ARG D 543 -4.79 22.48 35.07
CA ARG D 543 -3.49 22.65 34.42
C ARG D 543 -2.84 21.27 34.23
N PRO D 544 -2.41 20.93 33.02
CA PRO D 544 -1.79 19.62 32.82
C PRO D 544 -0.40 19.54 33.43
N HIS D 545 0.02 18.31 33.72
CA HIS D 545 1.31 18.07 34.35
C HIS D 545 2.43 18.29 33.34
N TYR D 546 3.23 19.33 33.56
CA TYR D 546 4.31 19.71 32.65
C TYR D 546 5.62 19.47 33.39
N GLY D 547 6.19 18.28 33.20
CA GLY D 547 7.41 17.91 33.87
C GLY D 547 8.35 17.11 32.99
N LYS D 548 9.35 16.49 33.60
CA LYS D 548 10.37 15.78 32.85
C LYS D 548 9.98 14.31 32.64
N VAL D 549 10.61 13.69 31.65
CA VAL D 549 10.22 12.38 31.16
C VAL D 549 11.45 11.48 31.15
N SER D 550 11.35 10.32 31.81
CA SER D 550 12.40 9.33 31.83
C SER D 550 12.10 8.22 30.83
N TYR D 551 13.14 7.74 30.16
CA TYR D 551 13.00 6.68 29.16
C TYR D 551 14.35 5.97 29.03
N ARG D 552 14.37 4.95 28.17
CA ARG D 552 15.57 4.16 27.90
C ARG D 552 16.04 4.47 26.49
N ASP D 553 17.29 4.89 26.37
CA ASP D 553 17.84 5.37 25.10
C ASP D 553 18.27 4.20 24.21
N GLN D 554 19.05 4.50 23.17
CA GLN D 554 19.49 3.48 22.23
C GLN D 554 20.48 2.50 22.87
N ALA D 555 21.26 2.96 23.84
CA ALA D 555 22.08 2.08 24.65
C ALA D 555 21.31 1.67 25.89
N GLY D 556 21.93 0.85 26.74
CA GLY D 556 21.27 0.45 27.96
C GLY D 556 21.51 1.43 29.09
N LYS D 557 20.56 2.35 29.28
CA LYS D 557 20.66 3.40 30.29
C LYS D 557 19.27 3.95 30.56
N TRP D 558 19.00 4.27 31.82
CA TRP D 558 17.76 4.95 32.20
C TRP D 558 18.08 6.43 32.35
N VAL D 559 17.72 7.22 31.34
CA VAL D 559 18.04 8.64 31.29
C VAL D 559 16.76 9.44 31.47
N THR D 560 16.91 10.63 32.07
CA THR D 560 15.82 11.58 32.25
C THR D 560 16.14 12.84 31.46
N THR D 561 15.17 13.29 30.66
CA THR D 561 15.39 14.42 29.77
C THR D 561 15.50 15.72 30.56
N LYS D 562 16.12 16.72 29.91
CA LYS D 562 16.31 18.03 30.54
C LYS D 562 15.07 18.89 30.39
N ASP D 563 14.37 18.76 29.28
CA ASP D 563 13.24 19.63 28.97
C ASP D 563 11.98 19.12 29.66
N ASN D 564 11.09 20.06 30.00
CA ASN D 564 9.75 19.69 30.47
C ASN D 564 8.90 19.28 29.28
N VAL D 565 8.45 18.02 29.29
CA VAL D 565 7.77 17.42 28.14
C VAL D 565 6.37 17.04 28.56
N LEU D 566 5.39 17.40 27.73
CA LEU D 566 3.98 17.13 27.99
C LEU D 566 3.50 15.95 27.16
N MET D 567 2.77 15.04 27.81
CA MET D 567 2.23 13.85 27.16
C MET D 567 0.72 14.00 27.01
N GLY D 568 0.22 13.75 25.80
CA GLY D 568 -1.18 13.92 25.51
C GLY D 568 -1.68 12.94 24.47
N PRO D 569 -2.99 12.68 24.46
CA PRO D 569 -3.53 11.68 23.53
C PRO D 569 -3.76 12.24 22.13
N LEU D 570 -3.65 11.34 21.16
CA LEU D 570 -3.99 11.62 19.77
C LEU D 570 -4.73 10.42 19.21
N TYR D 571 -5.83 10.67 18.50
CA TYR D 571 -6.63 9.60 17.93
C TYR D 571 -5.90 9.02 16.72
N MET D 572 -5.33 7.83 16.89
CA MET D 572 -4.53 7.19 15.85
C MET D 572 -5.37 6.21 15.04
N MET D 573 -4.91 5.94 13.82
CA MET D 573 -5.52 4.95 12.95
C MET D 573 -4.43 4.30 12.10
N LEU D 574 -4.63 3.03 11.79
CA LEU D 574 -3.68 2.28 10.97
C LEU D 574 -4.08 2.38 9.50
N LEU D 575 -3.08 2.49 8.63
CA LEU D 575 -3.32 2.64 7.20
C LEU D 575 -2.81 1.41 6.45
N GLU D 576 -3.44 1.13 5.31
CA GLU D 576 -3.04 0.02 4.48
C GLU D 576 -1.77 0.35 3.71
N LYS D 577 -1.07 -0.70 3.27
CA LYS D 577 0.16 -0.56 2.50
C LYS D 577 -0.20 -0.59 1.02
N ILE D 578 -0.22 0.58 0.39
CA ILE D 578 -0.53 0.68 -1.03
C ILE D 578 0.74 0.48 -1.86
N PRO D 633 32.70 -5.89 -15.12
CA PRO D 633 31.88 -4.70 -15.39
C PRO D 633 30.38 -5.01 -15.38
N THR D 634 29.62 -4.20 -16.11
CA THR D 634 28.17 -4.40 -16.18
C THR D 634 27.81 -5.54 -17.12
N ALA D 635 28.69 -5.85 -18.07
CA ALA D 635 28.43 -6.94 -19.03
C ALA D 635 28.41 -8.30 -18.35
N GLU D 636 29.20 -8.47 -17.28
CA GLU D 636 29.17 -9.73 -16.55
C GLU D 636 27.88 -9.87 -15.75
N ILE D 637 27.39 -8.78 -15.16
CA ILE D 637 26.14 -8.82 -14.40
C ILE D 637 24.95 -9.02 -15.33
N LEU D 638 25.04 -8.51 -16.56
CA LEU D 638 23.98 -8.79 -17.53
C LEU D 638 24.08 -10.18 -18.13
N ASP D 639 25.29 -10.72 -18.28
CA ASP D 639 25.47 -12.06 -18.81
C ASP D 639 25.14 -13.15 -17.79
N GLN D 640 25.17 -12.82 -16.49
CA GLN D 640 24.74 -13.77 -15.47
C GLN D 640 23.22 -13.93 -15.40
N THR D 641 22.46 -13.13 -16.15
CA THR D 641 21.01 -13.23 -16.21
C THR D 641 20.48 -13.56 -17.60
N ASN D 642 21.16 -13.09 -18.65
CA ASN D 642 20.72 -13.31 -20.02
C ASN D 642 21.40 -14.52 -20.66
N ASN D 643 22.01 -15.38 -19.85
CA ASN D 643 22.65 -16.60 -20.34
C ASN D 643 22.50 -17.69 -19.28
N PRO D 644 21.82 -18.79 -19.58
CA PRO D 644 21.58 -19.82 -18.55
C PRO D 644 22.83 -20.59 -18.15
N LEU D 645 23.85 -20.65 -19.00
CA LEU D 645 25.08 -21.35 -18.62
C LEU D 645 25.86 -20.57 -17.57
N ALA D 646 25.84 -19.23 -17.64
CA ALA D 646 26.50 -18.42 -16.63
C ALA D 646 25.77 -18.49 -15.29
N HIS D 647 24.43 -18.56 -15.34
CA HIS D 647 23.65 -18.72 -14.10
C HIS D 647 23.87 -20.09 -13.48
N ALA D 648 23.96 -21.14 -14.31
CA ALA D 648 24.25 -22.47 -13.78
C ALA D 648 25.69 -22.57 -13.27
N ALA D 649 26.60 -21.79 -13.83
CA ALA D 649 27.96 -21.75 -13.29
C ALA D 649 28.05 -20.97 -11.99
N VAL D 650 27.20 -19.94 -11.82
CA VAL D 650 27.14 -19.24 -10.54
C VAL D 650 26.55 -20.12 -9.46
N ILE D 651 25.52 -20.91 -9.82
CA ILE D 651 24.92 -21.84 -8.84
C ILE D 651 25.90 -22.96 -8.49
N GLU D 652 26.65 -23.47 -9.48
CA GLU D 652 27.66 -24.48 -9.20
C GLU D 652 28.81 -23.92 -8.37
N SER D 653 29.20 -22.67 -8.60
CA SER D 653 30.24 -22.06 -7.78
C SER D 653 29.76 -21.77 -6.36
N TRP D 654 28.46 -21.54 -6.20
CA TRP D 654 27.92 -21.38 -4.85
C TRP D 654 27.78 -22.72 -4.13
N LEU D 655 27.58 -23.80 -4.87
CA LEU D 655 27.27 -25.09 -4.24
C LEU D 655 28.46 -26.02 -4.09
N THR D 656 29.53 -25.84 -4.85
CA THR D 656 30.74 -26.65 -4.67
C THR D 656 31.81 -25.96 -3.83
N ALA D 657 31.57 -24.74 -3.36
CA ALA D 657 32.59 -24.01 -2.65
C ALA D 657 32.70 -24.45 -1.20
N GLU D 658 33.88 -24.27 -0.63
CA GLU D 658 34.07 -24.50 0.80
C GLU D 658 33.32 -23.46 1.62
N LYS D 659 33.30 -22.22 1.15
CA LYS D 659 32.55 -21.14 1.78
C LYS D 659 31.60 -20.58 0.73
N PRO D 660 30.29 -20.57 0.96
CA PRO D 660 29.37 -20.04 -0.06
C PRO D 660 29.48 -18.54 -0.25
N SER D 661 29.72 -17.79 0.82
CA SER D 661 30.13 -16.40 0.69
C SER D 661 31.64 -16.34 0.51
N SER D 662 32.09 -15.17 0.03
CA SER D 662 33.50 -14.88 -0.26
C SER D 662 34.09 -15.88 -1.26
N VAL D 663 33.43 -15.98 -2.40
CA VAL D 663 33.91 -16.78 -3.53
C VAL D 663 34.91 -15.92 -4.29
N PRO D 664 36.09 -16.44 -4.68
CA PRO D 664 37.08 -15.62 -5.41
C PRO D 664 36.60 -15.14 -6.78
N VAL D 665 36.21 -16.07 -7.66
CA VAL D 665 35.72 -15.70 -8.98
C VAL D 665 34.69 -16.73 -9.43
N ALA D 666 33.56 -16.26 -9.96
CA ALA D 666 32.53 -17.10 -10.55
C ALA D 666 32.42 -16.79 -12.03
N VAL D 667 32.44 -17.83 -12.86
CA VAL D 667 32.35 -17.66 -14.30
C VAL D 667 30.90 -17.70 -14.75
N MET E 1 44.46 34.94 34.22
CA MET E 1 43.07 34.72 34.62
C MET E 1 42.67 33.27 34.41
N ASN E 2 41.49 32.90 34.93
CA ASN E 2 41.08 31.50 35.03
C ASN E 2 40.48 31.02 33.70
N LEU E 3 41.37 30.86 32.71
CA LEU E 3 41.04 30.22 31.44
C LEU E 3 42.07 29.14 31.17
N ASN E 4 41.63 27.90 31.09
CA ASN E 4 42.52 26.79 30.78
C ASN E 4 42.98 26.88 29.32
N ARG E 5 44.15 26.31 29.06
CA ARG E 5 44.79 26.42 27.75
C ARG E 5 44.98 25.02 27.17
N TYR E 6 44.32 24.75 26.06
CA TYR E 6 44.43 23.49 25.33
C TYR E 6 45.07 23.75 23.97
N LYS E 7 45.28 22.67 23.22
CA LYS E 7 45.89 22.74 21.91
C LYS E 7 44.91 22.19 20.86
N ALA E 8 45.29 22.37 19.59
CA ALA E 8 44.42 21.95 18.50
C ALA E 8 44.50 20.45 18.26
N ARG E 9 45.71 19.89 18.29
CA ARG E 9 45.89 18.46 18.06
C ARG E 9 45.91 17.65 19.36
N ASP E 10 46.14 18.29 20.50
CA ASP E 10 46.12 17.57 21.77
C ASP E 10 44.70 17.20 22.20
N LEU E 11 43.70 17.90 21.67
CA LEU E 11 42.32 17.47 21.83
C LEU E 11 41.95 16.41 20.81
N LEU E 12 42.62 16.39 19.66
CA LEU E 12 42.34 15.41 18.63
C LEU E 12 43.00 14.06 18.90
N ASN E 13 44.07 14.02 19.67
CA ASN E 13 44.68 12.77 20.10
C ASN E 13 44.02 12.22 21.36
N LEU E 14 43.00 12.89 21.87
CA LEU E 14 42.30 12.49 23.07
C LEU E 14 41.18 11.52 22.71
N SER E 15 40.95 10.55 23.60
CA SER E 15 39.92 9.54 23.36
C SER E 15 38.54 10.15 23.54
N TYR E 16 37.52 9.41 23.05
CA TYR E 16 36.15 9.90 23.07
C TYR E 16 35.60 9.98 24.49
N ASP E 17 35.92 8.98 25.32
CA ASP E 17 35.47 9.00 26.71
C ASP E 17 36.19 10.05 27.54
N ASP E 18 37.36 10.51 27.09
CA ASP E 18 38.06 11.62 27.73
C ASP E 18 37.72 12.96 27.10
N LEU E 19 37.32 12.98 25.83
CA LEU E 19 36.87 14.23 25.21
C LEU E 19 35.50 14.63 25.71
N TRP E 20 34.58 13.67 25.85
CA TRP E 20 33.24 14.00 26.34
C TRP E 20 33.25 14.34 27.83
N SER E 21 34.20 13.78 28.58
CA SER E 21 34.33 14.08 30.01
C SER E 21 35.32 15.22 30.27
N LEU E 22 35.09 16.35 29.59
CA LEU E 22 35.84 17.58 29.77
C LEU E 22 35.10 18.52 30.71
N PRO E 23 35.80 19.37 31.46
CA PRO E 23 35.10 20.31 32.35
C PRO E 23 34.36 21.39 31.58
N SER E 24 33.32 21.93 32.23
CA SER E 24 32.46 22.94 31.64
C SER E 24 32.91 24.31 32.13
N GLU E 25 33.72 24.99 31.31
CA GLU E 25 34.35 26.23 31.70
C GLU E 25 34.85 26.96 30.45
N TRP E 26 35.05 28.26 30.59
CA TRP E 26 35.58 29.08 29.50
C TRP E 26 37.10 28.90 29.43
N HIS E 27 37.59 28.47 28.27
CA HIS E 27 38.98 28.07 28.15
C HIS E 27 39.59 28.67 26.88
N LEU E 28 40.86 28.38 26.67
CA LEU E 28 41.61 28.83 25.50
C LEU E 28 42.10 27.62 24.72
N ILE E 29 42.15 27.77 23.39
CA ILE E 29 42.61 26.71 22.50
C ILE E 29 43.72 27.29 21.62
N GLU E 30 44.92 26.74 21.73
CA GLU E 30 46.05 27.16 20.93
C GLU E 30 46.05 26.40 19.61
N PHE E 31 46.07 27.14 18.50
CA PHE E 31 46.17 26.56 17.18
C PHE E 31 47.58 26.72 16.64
N ASP E 32 47.85 26.05 15.52
CA ASP E 32 49.20 26.05 14.96
C ASP E 32 49.57 27.35 14.26
N ASP E 33 48.59 28.18 13.94
CA ASP E 33 48.85 29.52 13.45
C ASP E 33 48.96 30.47 14.64
N GLY E 34 49.15 31.76 14.35
CA GLY E 34 49.33 32.74 15.41
C GLY E 34 48.03 33.33 15.95
N LYS E 35 47.11 32.46 16.38
CA LYS E 35 45.82 32.89 16.90
C LYS E 35 45.44 32.00 18.08
N THR E 36 44.40 32.43 18.80
CA THR E 36 43.91 31.69 19.96
C THR E 36 42.43 31.99 20.12
N VAL E 37 41.60 30.94 20.11
CA VAL E 37 40.15 31.08 20.08
C VAL E 37 39.58 30.90 21.49
N VAL E 38 38.81 31.87 21.94
CA VAL E 38 38.07 31.78 23.19
C VAL E 38 36.72 31.12 22.89
N SER E 39 36.40 30.06 23.65
CA SER E 39 35.17 29.31 23.42
C SER E 39 34.82 28.55 24.69
N VAL E 40 33.73 27.77 24.61
CA VAL E 40 33.27 26.96 25.73
C VAL E 40 33.43 25.48 25.36
N ASP E 41 33.09 24.59 26.29
CA ASP E 41 33.36 23.17 26.09
C ASP E 41 32.40 22.52 25.11
N ARG E 42 31.13 22.93 25.12
CA ARG E 42 30.13 22.27 24.28
C ARG E 42 30.27 22.61 22.81
N ILE E 43 30.99 23.69 22.48
CA ILE E 43 31.26 24.01 21.08
C ILE E 43 32.57 23.38 20.60
N THR E 44 33.59 23.34 21.44
CA THR E 44 34.84 22.70 21.05
C THR E 44 34.73 21.18 21.07
N LYS E 45 33.76 20.61 21.77
CA LYS E 45 33.52 19.18 21.67
C LYS E 45 32.89 18.83 20.33
N LEU E 46 32.08 19.74 19.78
CA LEU E 46 31.51 19.55 18.45
C LEU E 46 32.52 19.87 17.35
N SER E 47 33.50 20.75 17.62
CA SER E 47 34.47 21.10 16.60
C SER E 47 35.52 20.01 16.39
N VAL E 48 35.89 19.30 17.47
CA VAL E 48 36.87 18.21 17.36
C VAL E 48 36.30 17.05 16.55
N LEU E 49 35.00 16.80 16.69
CA LEU E 49 34.33 15.75 15.92
C LEU E 49 34.24 16.07 14.43
N CYS E 50 34.47 17.31 14.02
CA CYS E 50 34.57 17.68 12.62
C CYS E 50 36.00 17.61 12.09
N TRP E 51 36.97 17.26 12.93
CA TRP E 51 38.36 17.12 12.53
C TRP E 51 38.79 15.65 12.47
N TYR E 52 37.85 14.76 12.16
CA TYR E 52 38.17 13.34 12.03
C TYR E 52 39.16 13.00 10.90
N PRO E 53 39.13 13.61 9.69
CA PRO E 53 40.21 13.31 8.73
C PRO E 53 41.58 13.83 9.15
N LEU E 54 41.65 14.82 10.04
CA LEU E 54 42.93 15.31 10.53
C LEU E 54 43.56 14.39 11.57
N LYS E 55 42.80 13.42 12.09
CA LYS E 55 43.32 12.49 13.10
C LYS E 55 44.28 11.46 12.51
N HIS E 56 44.22 11.22 11.20
CA HIS E 56 45.09 10.24 10.55
C HIS E 56 46.47 10.80 10.25
N TYR E 57 46.52 12.02 9.71
CA TYR E 57 47.77 12.68 9.38
C TYR E 57 48.21 13.52 10.58
N LYS E 58 49.35 13.16 11.17
CA LYS E 58 49.79 13.72 12.44
C LYS E 58 50.86 14.80 12.27
N ASP E 59 51.07 15.29 11.04
CA ASP E 59 51.99 16.39 10.79
C ASP E 59 51.32 17.51 10.00
N CYS E 60 50.00 17.63 10.10
CA CYS E 60 49.26 18.67 9.39
C CYS E 60 48.93 19.80 10.34
N PRO E 61 49.19 21.05 9.98
CA PRO E 61 48.83 22.16 10.86
C PRO E 61 47.33 22.39 10.89
N ILE E 62 46.84 22.79 12.05
CA ILE E 62 45.42 23.06 12.25
C ILE E 62 45.25 24.56 12.46
N PRO E 63 44.77 25.31 11.47
CA PRO E 63 44.59 26.75 11.64
C PRO E 63 43.36 27.06 12.48
N SER E 64 43.20 28.35 12.77
CA SER E 64 42.08 28.82 13.59
C SER E 64 40.75 28.82 12.84
N ASP E 65 40.76 28.64 11.52
CA ASP E 65 39.53 28.63 10.74
C ASP E 65 38.67 27.41 11.01
N HIS E 66 39.25 26.34 11.54
CA HIS E 66 38.53 25.08 11.71
C HIS E 66 37.56 25.12 12.89
N HIS E 67 37.70 26.09 13.80
CA HIS E 67 36.81 26.16 14.95
C HIS E 67 35.47 26.79 14.56
N ILE E 68 34.44 26.41 15.32
CA ILE E 68 33.09 26.93 15.07
C ILE E 68 33.01 28.40 15.49
N ASP E 69 33.81 28.80 16.47
CA ASP E 69 33.76 30.15 17.02
C ASP E 69 35.02 30.92 16.66
N PHE E 70 35.42 30.84 15.38
CA PHE E 70 36.65 31.45 14.87
C PHE E 70 36.63 32.97 14.81
N ASN E 71 35.52 33.62 15.19
CA ASN E 71 35.52 35.08 15.24
C ASN E 71 36.14 35.61 16.53
N ARG E 72 36.00 34.87 17.63
CA ARG E 72 36.64 35.25 18.89
C ARG E 72 38.12 34.92 18.83
N ILE E 73 38.95 35.95 18.68
CA ILE E 73 40.40 35.79 18.67
C ILE E 73 40.96 36.55 19.87
N LEU E 74 41.84 35.90 20.63
CA LEU E 74 42.44 36.51 21.80
C LEU E 74 43.46 37.58 21.39
N THR E 75 43.03 38.84 21.34
CA THR E 75 43.87 39.94 20.93
C THR E 75 44.37 40.72 22.14
N ASP E 76 45.02 41.85 21.89
CA ASP E 76 45.64 42.61 22.97
C ASP E 76 44.60 43.41 23.76
N ASN E 77 43.63 44.02 23.08
CA ASN E 77 42.62 44.79 23.79
C ASN E 77 41.48 43.87 24.23
N PRO E 78 41.01 43.98 25.46
CA PRO E 78 40.05 43.00 26.00
C PRO E 78 38.60 43.23 25.58
N LYS E 79 38.32 44.19 24.71
CA LYS E 79 36.96 44.43 24.24
C LYS E 79 36.69 43.80 22.89
N ASP E 80 37.69 43.20 22.26
CA ASP E 80 37.51 42.53 20.97
C ASP E 80 37.07 41.08 21.13
N TYR E 81 37.05 40.56 22.35
CA TYR E 81 36.61 39.19 22.60
C TYR E 81 35.72 39.07 23.82
N LEU E 82 35.23 40.17 24.38
CA LEU E 82 34.49 40.11 25.63
C LEU E 82 33.02 39.75 25.40
N ASN E 83 32.34 40.48 24.51
CA ASN E 83 30.94 40.20 24.15
C ASN E 83 30.88 40.10 22.63
N VAL E 84 31.19 38.92 22.10
CA VAL E 84 31.16 38.63 20.66
C VAL E 84 30.30 37.39 20.46
N GLU E 85 29.39 37.46 19.50
CA GLU E 85 28.61 36.28 19.14
C GLU E 85 29.49 35.26 18.42
N GLY E 86 29.09 33.99 18.54
CA GLY E 86 29.81 32.91 17.91
C GLY E 86 29.15 32.42 16.63
N GLY E 87 29.73 31.38 16.05
CA GLY E 87 29.15 30.77 14.87
C GLY E 87 27.96 29.91 15.24
N ARG E 88 26.91 30.01 14.42
CA ARG E 88 25.69 29.27 14.67
C ARG E 88 25.82 27.85 14.14
N VAL E 89 25.47 26.87 14.97
CA VAL E 89 25.51 25.48 14.54
C VAL E 89 24.35 25.22 13.59
N THR E 90 24.66 24.79 12.38
CA THR E 90 23.67 24.58 11.34
C THR E 90 23.92 23.18 10.78
N SER E 91 22.93 22.63 10.08
CA SER E 91 23.11 21.37 9.37
C SER E 91 24.09 21.51 8.21
N LYS E 92 24.26 22.72 7.67
CA LYS E 92 25.29 23.00 6.68
C LYS E 92 26.64 23.33 7.32
N ALA E 93 26.66 23.76 8.59
CA ALA E 93 27.89 24.25 9.20
C ALA E 93 28.84 23.12 9.56
N MET E 94 28.31 21.95 9.96
CA MET E 94 29.15 20.81 10.29
C MET E 94 29.76 20.17 9.04
N VAL E 95 29.18 20.43 7.87
CA VAL E 95 29.70 19.86 6.63
C VAL E 95 30.88 20.68 6.11
N LYS E 96 30.79 22.01 6.23
CA LYS E 96 31.83 22.88 5.71
C LYS E 96 33.11 22.83 6.54
N HIS E 97 33.04 22.40 7.79
CA HIS E 97 34.25 22.27 8.58
C HIS E 97 34.98 20.96 8.29
N LEU E 98 34.24 19.90 7.97
CA LEU E 98 34.87 18.71 7.42
C LEU E 98 35.46 18.99 6.04
N ASN E 99 34.81 19.87 5.27
CA ASN E 99 35.38 20.32 4.00
C ASN E 99 36.66 21.10 4.20
N LYS E 100 36.68 21.98 5.21
CA LYS E 100 37.89 22.73 5.55
C LYS E 100 39.01 21.81 6.00
N ALA E 101 38.67 20.74 6.73
CA ALA E 101 39.69 19.78 7.16
C ALA E 101 40.26 18.99 5.98
N ILE E 102 39.40 18.51 5.08
CA ILE E 102 39.91 17.68 3.98
C ILE E 102 40.68 18.54 2.97
N TRP E 103 40.31 19.81 2.80
CA TRP E 103 41.12 20.64 1.92
C TRP E 103 42.35 21.22 2.63
N ASN E 104 42.36 21.26 3.96
CA ASN E 104 43.59 21.54 4.68
C ASN E 104 44.60 20.42 4.50
N ILE E 105 44.13 19.16 4.50
CA ILE E 105 45.01 18.04 4.21
C ILE E 105 45.43 18.05 2.74
N TYR E 106 44.52 18.40 1.84
CA TYR E 106 44.85 18.44 0.41
C TYR E 106 45.77 19.60 0.04
N ASP E 107 45.81 20.66 0.86
CA ASP E 107 46.71 21.78 0.62
C ASP E 107 48.01 21.69 1.41
N TRP E 108 48.05 20.90 2.49
CA TRP E 108 49.28 20.74 3.25
C TRP E 108 50.34 19.99 2.44
N SER E 109 50.03 18.77 2.03
CA SER E 109 50.83 18.08 1.02
C SER E 109 50.42 18.63 -0.35
N GLY E 110 51.41 18.96 -1.17
CA GLY E 110 51.08 19.70 -2.37
C GLY E 110 50.54 18.82 -3.47
N GLU E 111 49.20 18.79 -3.57
CA GLU E 111 48.42 18.14 -4.63
C GLU E 111 48.71 16.65 -4.79
N THR E 112 49.24 15.98 -3.76
CA THR E 112 49.45 14.54 -3.80
C THR E 112 48.69 13.91 -2.62
N VAL E 113 47.38 13.76 -2.79
CA VAL E 113 46.47 13.04 -1.91
C VAL E 113 45.31 12.61 -2.81
N ASP E 114 44.96 11.33 -2.77
CA ASP E 114 43.80 10.85 -3.54
C ASP E 114 42.53 11.36 -2.86
N PRO E 115 41.65 12.08 -3.57
CA PRO E 115 40.44 12.60 -2.91
C PRO E 115 39.41 11.54 -2.53
N GLU E 116 39.57 10.30 -3.02
CA GLU E 116 38.71 9.22 -2.57
C GLU E 116 38.93 8.91 -1.09
N VAL E 117 40.18 8.99 -0.63
CA VAL E 117 40.49 8.82 0.78
C VAL E 117 39.89 9.94 1.60
N LEU E 118 39.90 11.18 1.06
CA LEU E 118 39.31 12.31 1.77
C LEU E 118 37.79 12.22 1.84
N SER E 119 37.14 11.72 0.77
CA SER E 119 35.69 11.56 0.80
C SER E 119 35.27 10.42 1.72
N LYS E 120 36.06 9.33 1.76
CA LYS E 120 35.77 8.25 2.70
C LYS E 120 35.99 8.70 4.13
N LEU E 121 37.01 9.54 4.37
CA LEU E 121 37.22 10.11 5.70
C LEU E 121 36.11 11.08 6.07
N ALA E 122 35.52 11.78 5.08
CA ALA E 122 34.42 12.70 5.36
C ALA E 122 33.15 11.95 5.74
N ILE E 123 32.81 10.89 5.01
CA ILE E 123 31.61 10.12 5.36
C ILE E 123 31.84 9.35 6.66
N GLU E 124 33.07 8.90 6.94
CA GLU E 124 33.35 8.26 8.22
C GLU E 124 33.32 9.26 9.37
N GLY E 125 33.72 10.50 9.13
CA GLY E 125 33.63 11.52 10.17
C GLY E 125 32.20 11.91 10.47
N LYS E 126 31.36 11.99 9.43
CA LYS E 126 29.93 12.23 9.64
C LYS E 126 29.29 11.06 10.39
N ASN E 127 29.72 9.82 10.08
CA ASN E 127 29.18 8.66 10.77
C ASN E 127 29.60 8.63 12.24
N TRP E 128 30.86 8.96 12.53
CA TRP E 128 31.31 8.99 13.92
C TRP E 128 30.69 10.15 14.69
N LEU E 129 30.45 11.28 14.02
CA LEU E 129 29.76 12.40 14.66
C LEU E 129 28.31 12.04 14.99
N TYR E 130 27.63 11.32 14.09
CA TYR E 130 26.28 10.85 14.36
C TYR E 130 26.26 9.84 15.50
N ASN E 131 27.19 8.87 15.48
CA ASN E 131 27.22 7.82 16.49
C ASN E 131 27.64 8.35 17.85
N GLN E 132 28.36 9.47 17.89
CA GLN E 132 28.67 10.09 19.18
C GLN E 132 27.52 10.95 19.68
N THR E 133 26.93 11.76 18.79
CA THR E 133 25.94 12.74 19.22
C THR E 133 24.59 12.12 19.55
N THR E 134 24.23 10.97 18.97
CA THR E 134 22.97 10.36 19.38
C THR E 134 23.10 9.62 20.72
N VAL E 135 24.24 9.00 20.97
CA VAL E 135 24.39 8.23 22.21
C VAL E 135 24.69 9.13 23.39
N LYS E 136 25.60 10.10 23.22
CA LYS E 136 26.01 10.91 24.36
C LYS E 136 24.98 11.97 24.71
N LEU E 137 24.16 12.40 23.76
CA LEU E 137 23.11 13.38 24.00
C LEU E 137 21.76 12.67 23.95
N SER E 138 21.33 12.13 25.09
CA SER E 138 20.04 11.47 25.20
C SER E 138 19.06 12.21 26.10
N GLU E 139 19.54 13.16 26.91
CA GLU E 139 18.67 13.98 27.74
C GLU E 139 18.36 15.33 27.11
N TYR E 140 19.08 15.71 26.06
CA TYR E 140 18.85 16.98 25.37
C TYR E 140 18.00 16.71 24.13
N LEU E 141 16.71 16.50 24.37
CA LEU E 141 15.75 16.21 23.31
C LEU E 141 14.79 17.39 23.17
N ALA E 142 14.69 17.91 21.94
CA ALA E 142 13.80 19.05 21.69
C ALA E 142 12.36 18.59 21.66
N THR E 143 11.53 19.19 22.50
CA THR E 143 10.12 18.85 22.63
C THR E 143 9.24 19.98 22.11
N LEU E 144 7.98 19.64 21.87
CA LEU E 144 6.97 20.61 21.46
C LEU E 144 5.66 20.27 22.14
N SER E 145 5.03 21.27 22.75
CA SER E 145 3.77 21.04 23.44
C SER E 145 2.89 22.27 23.25
N MET E 146 1.82 22.35 24.04
CA MET E 146 0.93 23.50 24.03
C MET E 146 1.61 24.74 24.60
N PHE E 147 2.62 24.56 25.45
CA PHE E 147 3.27 25.69 26.11
C PHE E 147 4.21 26.44 25.18
N ASP E 148 4.74 25.77 24.15
CA ASP E 148 5.68 26.43 23.24
C ASP E 148 4.98 27.36 22.27
N ILE E 149 3.73 27.06 21.91
CA ILE E 149 2.95 27.94 21.04
C ILE E 149 2.58 29.23 21.79
N ALA E 150 2.26 29.10 23.07
CA ALA E 150 1.81 30.21 23.90
C ALA E 150 2.95 31.08 24.42
N GLU E 151 4.18 30.88 23.93
CA GLU E 151 5.28 31.80 24.20
C GLU E 151 5.63 32.66 22.99
N VAL E 152 5.51 32.12 21.78
CA VAL E 152 5.66 32.94 20.58
C VAL E 152 4.37 33.70 20.31
N TYR E 153 3.22 33.13 20.66
CA TYR E 153 1.94 33.80 20.43
C TYR E 153 1.75 34.97 21.39
N ASN E 154 2.18 34.82 22.63
CA ASN E 154 1.91 35.80 23.69
C ASN E 154 2.90 36.95 23.70
N HIS E 155 3.77 37.07 22.71
CA HIS E 155 4.68 38.20 22.65
C HIS E 155 3.91 39.46 22.25
N PRO E 156 4.15 40.59 22.95
CA PRO E 156 3.35 41.79 22.68
C PRO E 156 3.66 42.45 21.34
N LYS E 157 4.81 42.14 20.73
CA LYS E 157 5.13 42.65 19.40
C LYS E 157 4.54 41.78 18.29
N VAL E 158 4.21 40.53 18.60
CA VAL E 158 3.52 39.69 17.63
C VAL E 158 2.02 39.96 17.66
N ARG E 159 1.47 40.24 18.85
CA ARG E 159 0.05 40.59 18.94
C ARG E 159 -0.23 42.00 18.43
N GLU E 160 0.77 42.88 18.43
CA GLU E 160 0.60 44.20 17.86
C GLU E 160 0.56 44.15 16.33
N ALA E 161 1.23 43.17 15.73
CA ALA E 161 1.26 43.00 14.29
C ALA E 161 0.03 42.26 13.75
N ASN E 162 -0.96 41.98 14.59
CA ASN E 162 -2.21 41.39 14.15
C ASN E 162 -3.40 42.34 14.20
N HIS E 163 -3.32 43.40 14.99
CA HIS E 163 -4.36 44.40 15.09
C HIS E 163 -3.98 45.65 14.32
N ASN E 164 -5.01 46.33 13.78
CA ASN E 164 -4.88 47.56 13.00
C ASN E 164 -3.97 47.37 11.78
N ILE E 165 -4.32 46.38 10.97
CA ILE E 165 -3.56 46.02 9.77
C ILE E 165 -4.35 46.46 8.55
N GLU E 166 -3.70 47.18 7.65
CA GLU E 166 -4.34 47.63 6.43
C GLU E 166 -4.41 46.48 5.43
N PRO E 167 -5.61 46.04 5.03
CA PRO E 167 -5.74 44.80 4.22
C PRO E 167 -5.41 45.00 2.74
N THR E 168 -4.13 45.27 2.47
CA THR E 168 -3.58 45.28 1.13
C THR E 168 -2.31 44.44 1.13
N THR E 169 -1.64 44.38 -0.03
CA THR E 169 -0.40 43.61 -0.10
C THR E 169 0.75 44.34 0.58
N TYR E 170 0.71 45.67 0.62
CA TYR E 170 1.76 46.43 1.30
C TYR E 170 1.62 46.33 2.81
N GLY E 171 0.45 46.71 3.32
CA GLY E 171 0.18 46.75 4.76
C GLY E 171 0.20 45.41 5.45
N ILE E 172 0.18 44.30 4.69
CA ILE E 172 0.47 43.00 5.27
C ILE E 172 1.92 42.65 5.01
N GLU E 173 2.29 42.50 3.74
CA GLU E 173 3.53 41.84 3.35
C GLU E 173 4.78 42.68 3.57
N LYS E 174 4.67 43.95 3.96
CA LYS E 174 5.84 44.74 4.30
C LYS E 174 5.80 45.31 5.70
N ILE E 175 4.62 45.50 6.27
CA ILE E 175 4.51 46.02 7.63
C ILE E 175 4.32 44.89 8.63
N SER E 176 3.28 44.07 8.45
CA SER E 176 2.94 43.07 9.47
C SER E 176 3.88 41.87 9.42
N TYR E 177 4.36 41.53 8.23
CA TYR E 177 5.37 40.48 8.12
C TYR E 177 6.70 40.94 8.67
N GLY E 178 7.08 42.20 8.40
CA GLY E 178 8.36 42.71 8.87
C GLY E 178 8.40 42.98 10.36
N LYS E 179 7.25 43.33 10.96
CA LYS E 179 7.18 43.61 12.38
C LYS E 179 7.42 42.36 13.23
N VAL E 180 7.19 41.18 12.69
CA VAL E 180 7.59 39.94 13.35
C VAL E 180 8.85 39.34 12.76
N LYS E 181 9.24 39.71 11.53
CA LYS E 181 10.53 39.29 10.99
C LYS E 181 11.69 39.91 11.74
N GLU E 182 11.55 41.16 12.19
CA GLU E 182 12.66 41.81 12.88
C GLU E 182 12.78 41.34 14.33
N VAL E 183 11.73 40.75 14.88
CA VAL E 183 11.80 40.20 16.24
C VAL E 183 12.08 38.70 16.22
N PHE E 184 11.85 38.01 15.10
CA PHE E 184 12.29 36.62 14.99
C PHE E 184 13.79 36.50 14.82
N ASN E 185 14.46 37.56 14.35
CA ASN E 185 15.91 37.56 14.21
C ASN E 185 16.62 38.12 15.44
N ASP E 186 15.88 38.64 16.41
CA ASP E 186 16.47 39.15 17.64
C ASP E 186 16.95 38.01 18.51
N PRO E 187 18.25 37.92 18.83
CA PRO E 187 18.75 36.81 19.64
C PRO E 187 18.56 36.98 21.14
N THR E 188 17.71 37.90 21.59
CA THR E 188 17.50 38.16 23.00
C THR E 188 16.12 37.72 23.49
N GLN E 189 15.11 37.71 22.60
CA GLN E 189 13.73 37.55 23.02
C GLN E 189 13.39 36.12 23.42
N PHE E 190 13.58 35.18 22.49
CA PHE E 190 13.14 33.79 22.68
C PHE E 190 14.36 32.93 22.98
N ILE E 191 14.65 32.75 24.27
CA ILE E 191 15.75 31.92 24.74
C ILE E 191 15.17 30.58 25.16
N GLY E 192 15.52 29.52 24.42
CA GLY E 192 15.11 28.18 24.78
C GLY E 192 13.85 27.68 24.10
N ASN E 193 13.24 28.49 23.24
CA ASN E 193 12.05 28.04 22.52
C ASN E 193 12.44 27.11 21.39
N SER E 194 11.71 25.99 21.27
CA SER E 194 12.04 24.98 20.26
C SER E 194 11.70 25.45 18.84
N ILE E 195 10.81 26.42 18.69
CA ILE E 195 10.46 26.91 17.36
C ILE E 195 11.48 27.94 16.88
N ILE E 196 11.84 28.88 17.74
CA ILE E 196 12.71 29.98 17.33
C ILE E 196 14.15 29.54 17.20
N GLU E 197 14.63 28.68 18.10
CA GLU E 197 15.98 28.15 18.00
C GLU E 197 16.12 27.20 16.82
N GLY E 198 15.03 26.54 16.42
CA GLY E 198 15.06 25.76 15.20
C GLY E 198 14.95 26.60 13.95
N LEU E 199 14.32 27.78 14.05
CA LEU E 199 14.30 28.71 12.94
C LEU E 199 15.67 29.33 12.71
N ARG E 200 16.38 29.64 13.80
CA ARG E 200 17.72 30.20 13.69
C ARG E 200 18.75 29.19 13.22
N SER E 201 18.46 27.90 13.35
CA SER E 201 19.39 26.85 12.96
C SER E 201 19.09 26.26 11.58
N GLY E 202 18.15 26.84 10.85
CA GLY E 202 17.88 26.41 9.49
C GLY E 202 16.93 25.24 9.35
N THR E 203 16.31 24.78 10.43
CA THR E 203 15.37 23.67 10.35
C THR E 203 13.93 24.12 10.15
N GLN E 204 13.62 25.38 10.45
CA GLN E 204 12.30 25.95 10.20
C GLN E 204 12.45 27.10 9.21
N LYS E 205 11.44 27.27 8.38
CA LYS E 205 11.39 28.36 7.42
C LYS E 205 10.45 29.45 7.94
N THR E 206 10.83 30.71 7.73
CA THR E 206 10.00 31.82 8.17
C THR E 206 8.81 32.05 7.27
N GLU E 207 8.82 31.51 6.05
CA GLU E 207 7.70 31.68 5.13
C GLU E 207 6.47 30.89 5.59
N GLN E 208 6.68 29.79 6.31
CA GLN E 208 5.59 29.04 6.89
C GLN E 208 5.20 29.56 8.26
N LEU E 209 6.10 30.25 8.96
CA LEU E 209 5.76 30.85 10.24
C LEU E 209 5.03 32.18 10.09
N LEU E 210 5.20 32.86 8.95
CA LEU E 210 4.47 34.10 8.71
C LEU E 210 2.98 33.83 8.50
N GLN E 211 2.64 32.74 7.82
CA GLN E 211 1.24 32.37 7.62
C GLN E 211 0.62 31.74 8.85
N ALA E 212 1.41 31.45 9.89
CA ALA E 212 0.90 30.85 11.12
C ALA E 212 0.75 31.87 12.24
N PHE E 213 1.81 32.64 12.54
CA PHE E 213 1.76 33.59 13.64
C PHE E 213 1.31 34.98 13.21
N ALA E 214 1.21 35.24 11.90
CA ALA E 214 0.66 36.50 11.40
C ALA E 214 -0.44 36.20 10.40
N TRP E 215 -0.89 37.23 9.67
CA TRP E 215 -1.98 37.05 8.72
C TRP E 215 -1.51 36.26 7.50
N ARG E 216 -2.41 35.45 6.96
CA ARG E 216 -2.21 34.87 5.64
C ARG E 216 -2.73 35.85 4.59
N GLY E 217 -2.01 35.94 3.46
CA GLY E 217 -2.33 36.99 2.52
C GLY E 217 -2.45 36.56 1.07
N PHE E 218 -3.64 36.77 0.51
CA PHE E 218 -4.00 36.67 -0.91
C PHE E 218 -3.60 35.36 -1.58
N PRO E 219 -4.32 34.26 -1.32
CA PRO E 219 -4.05 33.02 -2.04
C PRO E 219 -4.63 33.06 -3.45
N THR E 220 -4.17 32.12 -4.28
CA THR E 220 -4.51 32.09 -5.68
C THR E 220 -5.51 30.98 -5.99
N ASP E 221 -5.77 30.78 -7.28
CA ASP E 221 -6.71 29.79 -7.82
C ASP E 221 -5.91 28.85 -8.73
N ILE E 222 -6.63 28.09 -9.58
CA ILE E 222 -6.01 27.27 -10.61
C ILE E 222 -5.13 28.10 -11.53
N ASN E 223 -5.59 29.28 -11.91
CA ASN E 223 -4.75 30.30 -12.49
C ASN E 223 -4.49 31.35 -11.41
N SER E 224 -3.34 32.03 -11.51
CA SER E 224 -2.91 32.92 -10.44
C SER E 224 -3.77 34.17 -10.39
N ASP E 225 -4.81 34.15 -9.54
CA ASP E 225 -5.75 35.25 -9.41
C ASP E 225 -5.83 35.66 -7.95
N ILE E 226 -5.53 36.94 -7.68
CA ILE E 226 -5.72 37.47 -6.34
C ILE E 226 -7.21 37.75 -6.14
N PHE E 227 -7.72 37.43 -4.94
CA PHE E 227 -9.15 37.44 -4.66
C PHE E 227 -9.64 38.74 -4.04
N LYS E 228 -8.78 39.77 -4.01
CA LYS E 228 -9.08 41.16 -3.67
C LYS E 228 -9.40 41.38 -2.19
N TYR E 229 -9.46 40.31 -1.40
CA TYR E 229 -9.67 40.40 0.04
C TYR E 229 -8.79 39.34 0.67
N PRO E 230 -7.92 39.70 1.61
CA PRO E 230 -7.00 38.73 2.20
C PRO E 230 -7.65 37.96 3.35
N VAL E 231 -6.92 36.98 3.84
CA VAL E 231 -7.34 36.22 5.01
C VAL E 231 -7.02 37.02 6.26
N THR E 232 -7.96 37.07 7.20
CA THR E 232 -7.83 37.93 8.37
C THR E 232 -7.00 37.28 9.47
N THR E 233 -7.12 35.97 9.68
CA THR E 233 -6.41 35.29 10.76
C THR E 233 -5.41 34.30 10.18
N GLY E 234 -4.60 33.73 11.06
CA GLY E 234 -3.56 32.80 10.70
C GLY E 234 -3.96 31.35 10.97
N TYR E 235 -2.95 30.50 11.15
CA TYR E 235 -3.19 29.09 11.40
C TYR E 235 -3.20 28.74 12.88
N ILE E 236 -2.62 29.57 13.74
CA ILE E 236 -2.65 29.29 15.17
C ILE E 236 -4.05 29.57 15.72
N ASP E 237 -4.56 30.77 15.48
CA ASP E 237 -5.97 31.09 15.71
C ASP E 237 -6.67 30.92 14.37
N GLY E 238 -7.50 29.88 14.27
CA GLY E 238 -7.89 29.34 12.98
C GLY E 238 -8.80 30.23 12.16
N ILE E 239 -9.11 29.73 10.96
CA ILE E 239 -9.84 30.47 9.94
C ILE E 239 -11.16 29.75 9.72
N TRP E 240 -12.26 30.39 10.09
CA TRP E 240 -13.56 29.72 10.14
C TRP E 240 -14.64 30.56 9.47
N ASN E 241 -14.29 31.26 8.39
CA ASN E 241 -15.26 31.89 7.52
C ASN E 241 -15.34 31.06 6.24
N LEU E 242 -16.49 31.12 5.56
CA LEU E 242 -16.66 30.34 4.34
C LEU E 242 -15.76 30.86 3.21
N TYR E 243 -15.59 32.17 3.14
CA TYR E 243 -14.84 32.82 2.07
C TYR E 243 -13.35 32.49 2.15
N GLU E 244 -12.73 32.77 3.29
CA GLU E 244 -11.29 32.62 3.45
C GLU E 244 -10.89 31.14 3.48
N ASN E 245 -11.73 30.29 4.07
CA ASN E 245 -11.44 28.85 4.07
C ASN E 245 -11.62 28.25 2.68
N MET E 246 -12.55 28.76 1.88
CA MET E 246 -12.64 28.26 0.51
C MET E 246 -11.47 28.73 -0.35
N ILE E 247 -10.95 29.94 -0.11
CA ILE E 247 -9.78 30.38 -0.86
C ILE E 247 -8.53 29.60 -0.43
N GLU E 248 -8.39 29.31 0.86
CA GLU E 248 -7.28 28.47 1.30
C GLU E 248 -7.44 27.03 0.82
N SER E 249 -8.69 26.57 0.61
CA SER E 249 -8.90 25.26 0.02
C SER E 249 -8.49 25.23 -1.43
N ARG E 250 -8.65 26.35 -2.15
CA ARG E 250 -8.12 26.42 -3.50
C ARG E 250 -6.61 26.57 -3.54
N SER E 251 -6.00 27.12 -2.48
CA SER E 251 -4.55 27.27 -2.48
C SER E 251 -3.81 26.01 -2.01
N GLY E 252 -4.43 25.20 -1.16
CA GLY E 252 -3.72 24.12 -0.49
C GLY E 252 -3.28 22.95 -1.34
N THR E 253 -4.22 22.29 -2.01
CA THR E 253 -3.96 21.00 -2.66
C THR E 253 -3.70 21.13 -4.15
N LYS E 254 -4.46 21.99 -4.85
CA LYS E 254 -4.37 22.08 -6.30
C LYS E 254 -3.05 22.67 -6.78
N ALA E 255 -2.40 23.49 -5.95
CA ALA E 255 -1.07 23.98 -6.30
C ALA E 255 -0.05 22.85 -6.22
N LEU E 256 -0.10 22.05 -5.15
CA LEU E 256 0.90 21.01 -4.95
C LEU E 256 0.70 19.85 -5.91
N LEU E 257 -0.54 19.61 -6.36
CA LEU E 257 -0.78 18.53 -7.32
C LEU E 257 -0.15 18.83 -8.67
N TYR E 258 -0.15 20.09 -9.10
CA TYR E 258 0.52 20.45 -10.35
C TYR E 258 1.96 20.90 -10.14
N ASN E 259 2.41 21.06 -8.90
CA ASN E 259 3.84 21.00 -8.62
C ASN E 259 4.34 19.57 -8.54
N LYS E 260 3.44 18.58 -8.48
CA LYS E 260 3.82 17.17 -8.63
C LYS E 260 3.76 16.70 -10.09
N GLU E 261 2.73 17.10 -10.84
CA GLU E 261 2.51 16.57 -12.19
C GLU E 261 3.45 17.20 -13.23
N LEU E 262 4.18 18.26 -12.88
CA LEU E 262 5.05 18.92 -13.85
C LEU E 262 6.52 18.56 -13.66
N LEU E 263 6.81 17.43 -13.03
CA LEU E 263 8.17 16.96 -12.83
C LEU E 263 8.52 15.67 -13.56
N ARG E 264 7.52 14.90 -14.00
CA ARG E 264 7.81 13.78 -14.90
C ARG E 264 7.77 14.18 -16.36
N VAL E 265 7.32 15.40 -16.68
CA VAL E 265 7.35 15.89 -18.06
C VAL E 265 8.73 16.44 -18.42
N THR E 266 9.55 16.81 -17.44
CA THR E 266 10.89 17.27 -17.71
C THR E 266 11.90 16.14 -17.78
N GLU E 267 11.47 14.90 -17.54
CA GLU E 267 12.33 13.73 -17.63
C GLU E 267 12.80 13.45 -19.06
N TYR E 268 12.10 13.98 -20.06
CA TYR E 268 12.52 13.81 -21.44
C TYR E 268 13.64 14.76 -21.84
N PHE E 269 13.82 15.87 -21.13
CA PHE E 269 14.78 16.88 -21.54
C PHE E 269 16.23 16.47 -21.32
N ASN E 270 16.51 15.64 -20.32
CA ASN E 270 17.90 15.39 -19.96
C ASN E 270 18.46 14.08 -20.52
N ARG E 271 17.60 13.16 -20.99
CA ARG E 271 18.10 11.85 -21.42
C ARG E 271 18.85 11.94 -22.74
N LYS E 272 18.37 12.78 -23.67
CA LYS E 272 19.05 12.94 -24.96
C LYS E 272 20.40 13.61 -24.79
N SER E 273 20.48 14.60 -23.89
CA SER E 273 21.75 15.24 -23.59
C SER E 273 22.69 14.28 -22.85
N GLN E 274 22.13 13.45 -21.97
CA GLN E 274 22.92 12.45 -21.25
C GLN E 274 23.47 11.39 -22.18
N LEU E 275 22.76 11.08 -23.27
CA LEU E 275 23.28 10.13 -24.24
C LEU E 275 24.25 10.76 -25.23
N ILE E 276 24.03 12.02 -25.61
CA ILE E 276 24.91 12.64 -26.59
C ILE E 276 26.19 13.17 -25.94
N ALA E 277 26.21 13.39 -24.62
CA ALA E 277 27.41 13.88 -23.96
C ALA E 277 28.41 12.78 -23.64
N GLN E 278 28.09 11.52 -23.92
CA GLN E 278 29.00 10.41 -23.62
C GLN E 278 30.11 10.26 -24.66
N TYR E 279 30.12 11.07 -25.73
CA TYR E 279 31.18 10.98 -26.71
C TYR E 279 32.51 11.47 -26.15
N VAL E 280 32.48 12.57 -25.41
CA VAL E 280 33.63 12.94 -24.60
C VAL E 280 33.74 11.93 -23.45
N GLN E 281 34.95 11.72 -22.95
CA GLN E 281 35.23 10.49 -22.23
C GLN E 281 36.24 10.84 -21.13
N ARG E 282 36.96 9.83 -20.64
CA ARG E 282 37.79 9.84 -19.42
C ARG E 282 38.71 11.04 -19.30
N LEU E 283 38.91 11.47 -18.05
CA LEU E 283 39.68 12.67 -17.72
C LEU E 283 40.92 12.22 -16.94
N HIS E 284 42.09 12.40 -17.55
CA HIS E 284 43.35 12.04 -16.91
C HIS E 284 44.06 13.29 -16.42
N PRO E 285 44.63 13.28 -15.21
CA PRO E 285 45.25 14.49 -14.67
C PRO E 285 46.59 14.79 -15.34
N GLY E 286 47.04 16.02 -15.14
CA GLY E 286 48.27 16.49 -15.73
C GLY E 286 48.16 17.87 -16.33
N ASP E 287 48.98 18.17 -17.33
CA ASP E 287 48.93 19.46 -18.01
C ASP E 287 49.39 19.23 -19.44
N CYS E 288 48.54 19.60 -20.40
CA CYS E 288 48.81 19.33 -21.81
C CYS E 288 49.88 20.25 -22.39
N LYS E 289 50.16 21.38 -21.73
CA LYS E 289 51.14 22.39 -22.14
C LYS E 289 50.86 22.91 -23.56
N THR E 290 49.64 23.42 -23.74
CA THR E 290 49.19 23.95 -25.01
C THR E 290 49.09 25.47 -24.94
N THR E 291 49.58 26.13 -25.98
CA THR E 291 49.50 27.59 -26.08
C THR E 291 48.24 28.02 -26.84
N ILE E 292 47.09 27.49 -26.43
CA ILE E 292 45.80 27.80 -27.03
C ILE E 292 44.89 28.21 -25.88
N LEU E 293 44.66 29.50 -25.72
CA LEU E 293 43.87 30.04 -24.62
C LEU E 293 42.81 30.97 -25.20
N ALA E 294 41.54 30.69 -24.92
CA ALA E 294 40.45 31.48 -25.44
C ALA E 294 40.10 32.61 -24.49
N GLU E 295 39.71 33.74 -25.06
CA GLU E 295 39.30 34.91 -24.29
C GLU E 295 37.81 34.82 -23.98
N TYR E 296 37.43 35.22 -22.76
CA TYR E 296 36.06 35.14 -22.31
C TYR E 296 35.72 36.40 -21.53
N PRO E 297 34.65 37.11 -21.89
CA PRO E 297 34.24 38.28 -21.12
C PRO E 297 33.63 37.87 -19.79
N VAL E 298 34.03 38.57 -18.73
CA VAL E 298 33.57 38.27 -17.38
C VAL E 298 32.41 39.20 -17.04
N THR E 299 31.37 38.64 -16.44
CA THR E 299 30.19 39.37 -16.00
C THR E 299 29.98 38.99 -14.53
N LYS E 300 29.17 39.78 -13.81
CA LYS E 300 28.93 39.54 -12.39
C LYS E 300 28.15 38.25 -12.15
N LEU E 301 27.29 37.86 -13.08
CA LEU E 301 26.48 36.66 -12.90
C LEU E 301 27.20 35.39 -13.32
N THR E 302 28.28 35.49 -14.09
CA THR E 302 29.07 34.34 -14.49
C THR E 302 30.40 34.26 -13.75
N LEU E 303 30.59 35.11 -12.73
CA LEU E 303 31.78 35.02 -11.90
C LEU E 303 31.76 33.77 -11.03
N LYS E 304 30.58 33.35 -10.58
CA LYS E 304 30.46 32.13 -9.80
C LYS E 304 30.62 30.88 -10.65
N ALA E 305 30.45 30.99 -11.97
CA ALA E 305 30.74 29.87 -12.87
C ALA E 305 32.22 29.74 -13.17
N PHE E 306 33.02 30.76 -12.90
CA PHE E 306 34.47 30.71 -13.00
C PHE E 306 35.12 30.44 -11.65
N LYS E 307 34.46 29.63 -10.80
CA LYS E 307 34.95 29.41 -9.44
C LYS E 307 36.19 28.53 -9.43
N GLY E 308 36.24 27.53 -10.31
CA GLY E 308 37.48 26.78 -10.48
C GLY E 308 37.95 26.83 -11.92
N LYS E 309 39.03 27.57 -12.16
CA LYS E 309 39.61 27.74 -13.50
C LYS E 309 41.11 27.93 -13.34
N TYR E 310 41.80 28.09 -14.46
CA TYR E 310 43.25 28.31 -14.46
C TYR E 310 43.55 29.65 -15.14
N TYR E 311 43.66 30.69 -14.32
CA TYR E 311 44.03 32.02 -14.78
C TYR E 311 45.45 32.02 -15.31
N GLN E 312 45.71 32.89 -16.29
CA GLN E 312 47.05 33.13 -16.82
C GLN E 312 47.35 34.61 -16.66
N LYS E 313 48.27 34.94 -15.75
CA LYS E 313 48.64 36.34 -15.49
C LYS E 313 50.16 36.44 -15.45
N GLU E 314 50.73 37.10 -16.46
CA GLU E 314 52.16 37.43 -16.57
C GLU E 314 53.04 36.18 -16.54
N ASP E 315 52.53 35.11 -17.17
CA ASP E 315 53.17 33.79 -17.25
C ASP E 315 53.57 33.20 -15.90
N TRP E 320 45.61 30.99 -8.14
CA TRP E 320 44.54 31.74 -8.80
C TRP E 320 43.27 30.91 -8.91
N ILE E 321 42.98 30.11 -7.89
CA ILE E 321 41.83 29.22 -7.90
C ILE E 321 40.78 29.66 -6.88
N ARG E 322 39.94 30.62 -7.28
CA ARG E 322 38.98 31.23 -6.37
C ARG E 322 37.77 31.66 -7.17
N GLY E 323 36.74 32.13 -6.45
CA GLY E 323 35.55 32.66 -7.08
C GLY E 323 34.99 33.86 -6.34
N ASN E 324 35.87 34.58 -5.63
CA ASN E 324 35.45 35.71 -4.81
C ASN E 324 36.12 37.02 -5.24
N GLU E 325 36.66 37.05 -6.45
CA GLU E 325 37.31 38.27 -6.96
C GLU E 325 36.24 39.28 -7.35
N THR E 326 36.07 40.32 -6.53
CA THR E 326 35.10 41.37 -6.84
C THR E 326 35.56 42.19 -8.04
N HIS E 327 36.86 42.42 -8.17
CA HIS E 327 37.41 43.09 -9.34
C HIS E 327 37.49 42.11 -10.51
N LEU E 328 38.06 42.56 -11.64
CA LEU E 328 38.12 41.82 -12.91
C LEU E 328 36.72 41.41 -13.38
N ILE E 329 35.76 42.31 -13.20
CA ILE E 329 34.34 41.99 -13.39
C ILE E 329 33.80 42.52 -14.72
N GLY E 330 34.57 43.34 -15.43
CA GLY E 330 34.15 43.84 -16.73
C GLY E 330 35.23 43.67 -17.78
N THR E 331 36.36 43.10 -17.36
CA THR E 331 37.51 42.91 -18.23
C THR E 331 37.44 41.56 -18.91
N LYS E 332 37.63 41.54 -20.23
CA LYS E 332 37.76 40.29 -20.96
C LYS E 332 39.08 39.62 -20.60
N GLN E 333 39.03 38.33 -20.32
CA GLN E 333 40.17 37.64 -19.73
C GLN E 333 40.55 36.40 -20.54
N LYS E 334 41.85 36.17 -20.65
CA LYS E 334 42.41 35.04 -21.37
C LYS E 334 42.77 33.94 -20.38
N PHE E 335 42.03 32.83 -20.43
CA PHE E 335 42.38 31.65 -19.66
C PHE E 335 42.03 30.40 -20.46
N ARG E 336 42.62 29.28 -20.06
CA ARG E 336 42.52 28.04 -20.83
C ARG E 336 41.24 27.29 -20.50
N SER E 337 40.70 26.60 -21.51
CA SER E 337 39.49 25.83 -21.37
C SER E 337 39.69 24.49 -22.08
N VAL E 338 38.61 23.70 -22.17
CA VAL E 338 38.68 22.37 -22.77
C VAL E 338 38.71 22.40 -24.30
N PHE E 339 38.64 23.59 -24.91
CA PHE E 339 38.72 23.73 -26.35
C PHE E 339 40.14 23.62 -26.90
N GLY E 340 41.14 23.45 -26.03
CA GLY E 340 42.50 23.24 -26.48
C GLY E 340 43.20 22.12 -25.73
N CYS E 341 43.67 21.12 -26.48
CA CYS E 341 44.34 19.98 -25.88
C CYS E 341 45.14 19.26 -26.95
N ASN E 342 46.27 18.69 -26.54
CA ASN E 342 47.06 17.84 -27.42
C ASN E 342 47.34 16.51 -26.75
N ILE E 349 41.33 15.52 -22.81
CA ILE E 349 41.05 16.59 -21.86
C ILE E 349 41.94 16.45 -20.63
N CYS E 350 42.65 17.53 -20.30
CA CYS E 350 43.55 17.56 -19.16
C CYS E 350 42.85 18.13 -17.93
N MET E 351 43.55 18.07 -16.79
CA MET E 351 42.96 18.57 -15.55
C MET E 351 43.06 20.09 -15.44
N THR E 352 44.11 20.68 -16.00
CA THR E 352 44.26 22.13 -15.95
C THR E 352 43.28 22.83 -16.87
N CYS E 353 42.96 22.21 -18.01
CA CYS E 353 42.02 22.80 -18.96
C CYS E 353 40.58 22.66 -18.49
N TYR E 354 40.23 21.52 -17.90
CA TYR E 354 38.88 21.33 -17.38
C TYR E 354 38.66 22.15 -16.11
N GLY E 355 39.71 22.38 -15.34
CA GLY E 355 39.62 23.13 -14.10
C GLY E 355 39.73 22.22 -12.89
N ARG E 356 39.58 22.84 -11.72
CA ARG E 356 39.69 22.15 -10.44
C ARG E 356 38.36 21.57 -9.97
N LEU E 357 37.31 21.69 -10.80
CA LEU E 357 36.09 20.93 -10.55
C LEU E 357 36.30 19.44 -10.80
N GLY E 358 37.24 19.10 -11.68
CA GLY E 358 37.50 17.72 -12.05
C GLY E 358 38.21 16.89 -10.99
N ILE E 359 38.73 17.52 -9.93
CA ILE E 359 39.35 16.75 -8.84
C ILE E 359 38.31 16.25 -7.85
N ASN E 360 37.06 16.70 -7.94
CA ASN E 360 35.96 16.15 -7.16
C ASN E 360 35.26 15.01 -7.87
N ILE E 361 35.68 14.68 -9.08
CA ILE E 361 35.09 13.61 -9.87
C ILE E 361 35.93 12.35 -9.68
N PRO E 362 35.33 11.18 -9.45
CA PRO E 362 36.11 9.95 -9.35
C PRO E 362 36.69 9.53 -10.70
N LYS E 363 37.46 8.44 -10.64
CA LYS E 363 38.28 8.04 -11.79
C LYS E 363 37.43 7.46 -12.91
N GLY E 364 36.56 6.51 -12.60
CA GLY E 364 35.77 5.84 -13.62
C GLY E 364 34.42 6.47 -13.90
N THR E 365 34.37 7.79 -13.98
CA THR E 365 33.13 8.52 -14.21
C THR E 365 33.27 9.38 -15.46
N ASN E 366 32.32 9.24 -16.38
CA ASN E 366 32.29 10.05 -17.59
C ASN E 366 31.97 11.50 -17.22
N ILE E 367 32.79 12.42 -17.72
CA ILE E 367 32.63 13.83 -17.35
C ILE E 367 31.46 14.48 -18.07
N GLY E 368 31.14 14.04 -19.29
CA GLY E 368 29.99 14.58 -19.99
C GLY E 368 28.68 14.09 -19.41
N GLN E 369 28.66 12.84 -18.95
CA GLN E 369 27.47 12.29 -18.31
C GLN E 369 27.20 12.99 -16.97
N VAL E 370 28.25 13.23 -16.18
CA VAL E 370 28.04 13.91 -14.90
C VAL E 370 27.74 15.39 -15.12
N ALA E 371 28.24 15.98 -16.23
CA ALA E 371 27.85 17.35 -16.57
C ALA E 371 26.40 17.44 -16.99
N ALA E 372 25.89 16.40 -17.66
CA ALA E 372 24.49 16.37 -18.04
C ALA E 372 23.59 16.16 -16.83
N VAL E 373 24.03 15.36 -15.86
CA VAL E 373 23.27 15.21 -14.61
C VAL E 373 23.28 16.50 -13.80
N SER E 374 24.42 17.20 -13.78
CA SER E 374 24.54 18.47 -13.07
C SER E 374 23.67 19.54 -13.71
N MET E 375 23.54 19.53 -15.05
CA MET E 375 22.64 20.47 -15.70
C MET E 375 21.18 20.05 -15.52
N GLY E 376 20.90 18.75 -15.47
CA GLY E 376 19.53 18.29 -15.38
C GLY E 376 18.91 18.50 -14.01
N ASP E 377 19.68 18.32 -12.94
CA ASP E 377 19.09 18.44 -11.60
C ASP E 377 18.79 19.88 -11.23
N LYS E 378 19.50 20.85 -11.81
CA LYS E 378 19.33 22.24 -11.41
C LYS E 378 18.01 22.83 -11.91
N ILE E 379 17.54 22.41 -13.08
CA ILE E 379 16.27 22.92 -13.58
C ILE E 379 15.07 22.21 -12.96
N THR E 380 15.26 21.00 -12.44
CA THR E 380 14.20 20.32 -11.71
C THR E 380 14.17 20.66 -10.23
N SER E 381 15.27 21.22 -9.69
CA SER E 381 15.27 21.72 -8.32
C SER E 381 14.57 23.07 -8.18
N ALA E 382 14.24 23.73 -9.30
CA ALA E 382 13.53 25.00 -9.22
C ALA E 382 12.02 24.85 -9.35
N VAL E 383 11.56 23.84 -10.08
CA VAL E 383 10.13 23.61 -10.25
C VAL E 383 9.68 22.41 -9.43
N PRO F 2 -18.88 6.92 27.13
CA PRO F 2 -19.35 8.29 27.33
C PRO F 2 -20.66 8.36 28.09
N ASP F 3 -21.00 9.54 28.60
CA ASP F 3 -22.26 9.72 29.32
C ASP F 3 -23.44 9.69 28.35
N PRO F 4 -24.52 9.00 28.69
CA PRO F 4 -25.66 8.90 27.74
C PRO F 4 -26.41 10.21 27.55
N PHE F 5 -26.45 11.07 28.57
CA PHE F 5 -27.07 12.39 28.40
C PHE F 5 -26.25 13.26 27.47
N LEU F 6 -24.93 13.11 27.47
CA LEU F 6 -24.07 13.83 26.53
C LEU F 6 -24.33 13.40 25.10
N ILE F 7 -24.45 12.08 24.87
CA ILE F 7 -24.76 11.58 23.53
C ILE F 7 -26.16 11.98 23.11
N GLU F 8 -27.09 12.07 24.08
CA GLU F 8 -28.44 12.56 23.78
C GLU F 8 -28.43 14.03 23.35
N LYS F 9 -27.62 14.86 24.01
CA LYS F 9 -27.55 16.26 23.62
C LYS F 9 -26.80 16.48 22.31
N ILE F 10 -25.80 15.63 22.02
CA ILE F 10 -25.15 15.68 20.71
C ILE F 10 -26.13 15.23 19.63
N ARG F 11 -27.01 14.28 19.94
CA ARG F 11 -28.02 13.84 18.97
C ARG F 11 -29.06 14.93 18.73
N GLU F 12 -29.46 15.64 19.79
CA GLU F 12 -30.39 16.76 19.60
C GLU F 12 -29.74 17.97 18.93
N ASN F 13 -28.41 18.08 18.96
CA ASN F 13 -27.73 19.20 18.33
C ASN F 13 -27.08 18.85 16.99
N THR F 14 -27.44 17.71 16.41
CA THR F 14 -26.84 17.30 15.13
C THR F 14 -27.88 17.33 14.03
N PRO F 15 -27.60 17.99 12.89
CA PRO F 15 -28.50 17.87 11.74
C PRO F 15 -28.36 16.52 11.08
N CYS F 16 -29.49 15.95 10.67
CA CYS F 16 -29.49 14.64 10.03
C CYS F 16 -29.22 14.76 8.54
N MET F 17 -28.51 13.78 8.00
CA MET F 17 -28.26 13.73 6.57
C MET F 17 -29.51 13.32 5.81
N ASN F 18 -29.50 13.56 4.51
CA ASN F 18 -30.56 13.09 3.64
C ASN F 18 -30.43 11.57 3.46
N PRO F 19 -31.43 10.78 3.89
CA PRO F 19 -31.31 9.32 3.74
C PRO F 19 -31.46 8.84 2.31
N THR F 20 -31.98 9.68 1.41
CA THR F 20 -32.16 9.27 0.02
C THR F 20 -30.81 9.16 -0.70
N LEU F 21 -29.86 10.02 -0.35
CA LEU F 21 -28.52 9.98 -0.94
C LEU F 21 -27.50 9.22 -0.09
N ALA F 22 -27.68 9.19 1.23
CA ALA F 22 -26.75 8.48 2.08
C ALA F 22 -26.89 6.97 1.96
N ASN F 23 -28.10 6.48 1.73
CA ASN F 23 -28.31 5.06 1.49
C ASN F 23 -28.01 4.66 0.06
N GLY F 24 -27.99 5.61 -0.87
CA GLY F 24 -27.73 5.32 -2.28
C GLY F 24 -28.85 5.85 -3.15
N ILE F 25 -28.47 6.50 -4.24
CA ILE F 25 -29.44 7.04 -5.19
C ILE F 25 -29.56 6.15 -6.43
N THR F 26 -28.58 5.29 -6.70
CA THR F 26 -28.73 4.32 -7.77
C THR F 26 -29.68 3.21 -7.37
N VAL F 27 -29.77 2.92 -6.06
CA VAL F 27 -30.78 1.99 -5.56
C VAL F 27 -32.12 2.67 -5.38
N GLU F 28 -32.20 3.99 -5.56
CA GLU F 28 -33.46 4.72 -5.53
C GLU F 28 -34.05 4.87 -6.93
N HIS F 29 -33.27 5.43 -7.87
CA HIS F 29 -33.75 5.65 -9.22
C HIS F 29 -33.83 4.37 -10.03
N THR F 30 -33.10 3.32 -9.65
CA THR F 30 -33.29 1.98 -10.18
C THR F 30 -33.72 1.06 -9.03
N MET F 31 -34.54 0.06 -9.38
CA MET F 31 -35.06 -0.95 -8.46
C MET F 31 -35.86 -0.31 -7.31
N THR F 32 -36.90 0.41 -7.69
CA THR F 32 -37.89 0.93 -6.76
C THR F 32 -39.26 0.50 -7.26
N ARG F 33 -40.03 -0.15 -6.39
CA ARG F 33 -41.26 -0.81 -6.80
C ARG F 33 -42.46 0.07 -6.50
N ASP F 34 -43.35 0.18 -7.48
CA ASP F 34 -44.58 0.95 -7.31
C ASP F 34 -45.55 0.16 -6.43
N PRO F 35 -46.28 0.83 -5.53
CA PRO F 35 -47.18 0.10 -4.63
C PRO F 35 -48.41 -0.48 -5.31
N ASN F 36 -48.76 -0.04 -6.52
CA ASN F 36 -49.90 -0.61 -7.23
C ASN F 36 -49.49 -1.81 -8.08
N THR F 37 -48.53 -1.63 -8.98
CA THR F 37 -47.99 -2.71 -9.80
C THR F 37 -46.55 -2.94 -9.41
N GLY F 38 -46.16 -4.20 -9.24
CA GLY F 38 -44.81 -4.47 -8.81
C GLY F 38 -43.87 -4.47 -10.01
N VAL F 39 -43.26 -3.30 -10.25
CA VAL F 39 -42.46 -3.03 -11.44
C VAL F 39 -41.31 -2.13 -11.02
N ASN F 40 -40.08 -2.54 -11.34
CA ASN F 40 -38.92 -1.73 -11.03
C ASN F 40 -38.88 -0.48 -11.91
N MET F 41 -38.17 0.54 -11.42
CA MET F 41 -38.08 1.81 -12.14
C MET F 41 -37.28 1.69 -13.42
N THR F 42 -36.38 0.71 -13.52
CA THR F 42 -35.70 0.44 -14.79
C THR F 42 -36.66 -0.11 -15.83
N ARG F 43 -37.65 -0.90 -15.41
CA ARG F 43 -38.64 -1.42 -16.35
C ARG F 43 -39.57 -0.31 -16.83
N ARG F 44 -39.91 0.64 -15.94
CA ARG F 44 -40.66 1.81 -16.35
C ARG F 44 -39.82 2.72 -17.25
N TYR F 45 -38.51 2.73 -17.05
CA TYR F 45 -37.63 3.46 -17.98
C TYR F 45 -37.60 2.80 -19.35
N ILE F 46 -37.67 1.46 -19.39
CA ILE F 46 -37.75 0.74 -20.66
C ILE F 46 -39.08 1.04 -21.36
N ASP F 47 -40.16 1.12 -20.58
CA ASP F 47 -41.47 1.47 -21.15
C ASP F 47 -41.49 2.90 -21.68
N SER F 48 -40.91 3.84 -20.94
CA SER F 48 -40.84 5.24 -21.39
C SER F 48 -39.87 5.39 -22.56
N LEU F 49 -38.89 4.51 -22.68
CA LEU F 49 -38.01 4.51 -23.84
C LEU F 49 -38.70 3.94 -25.07
N PHE F 50 -39.63 3.00 -24.87
CA PHE F 50 -40.30 2.36 -26.00
C PHE F 50 -41.55 3.10 -26.47
N ASP F 51 -42.20 3.90 -25.61
CA ASP F 51 -43.34 4.66 -26.11
C ASP F 51 -42.92 5.89 -26.89
N ILE F 52 -41.68 6.34 -26.73
CA ILE F 52 -41.16 7.44 -27.53
C ILE F 52 -40.93 7.00 -28.97
N SER F 53 -40.32 5.82 -29.15
CA SER F 53 -40.03 5.29 -30.48
C SER F 53 -41.23 4.58 -31.11
N SER F 54 -42.44 4.75 -30.56
CA SER F 54 -43.64 4.16 -31.13
C SER F 54 -44.17 4.94 -32.33
N VAL F 55 -43.64 6.14 -32.60
CA VAL F 55 -44.05 6.89 -33.78
C VAL F 55 -43.34 6.44 -35.04
N LEU F 56 -42.34 5.58 -34.92
CA LEU F 56 -41.64 5.00 -36.06
C LEU F 56 -42.11 3.59 -36.38
N PHE F 57 -42.93 3.00 -35.51
CA PHE F 57 -43.43 1.65 -35.75
C PHE F 57 -44.52 1.68 -36.82
N PRO F 58 -44.65 0.61 -37.60
CA PRO F 58 -45.76 0.52 -38.56
C PRO F 58 -47.08 0.27 -37.85
N ASP F 59 -48.16 0.30 -38.63
CA ASP F 59 -49.50 0.10 -38.10
C ASP F 59 -49.75 -1.38 -37.83
N GLY F 60 -50.07 -1.70 -36.58
CA GLY F 60 -50.25 -3.08 -36.17
C GLY F 60 -49.19 -3.51 -35.17
N PHE F 61 -47.95 -3.09 -35.41
CA PHE F 61 -46.87 -3.36 -34.47
C PHE F 61 -47.05 -2.51 -33.22
N LYS F 62 -46.95 -3.15 -32.05
CA LYS F 62 -47.24 -2.46 -30.80
C LYS F 62 -46.49 -3.15 -29.66
N TYR F 63 -45.70 -2.38 -28.92
CA TYR F 63 -44.97 -2.90 -27.78
C TYR F 63 -45.93 -3.17 -26.63
N GLU F 64 -46.01 -4.43 -26.19
CA GLU F 64 -47.01 -4.87 -25.21
C GLU F 64 -46.31 -5.18 -23.90
N GLY F 65 -46.06 -4.14 -23.11
CA GLY F 65 -45.48 -4.18 -21.77
C GLY F 65 -44.15 -4.92 -21.69
N ASN F 66 -43.82 -5.34 -20.46
CA ASN F 66 -42.68 -6.21 -20.23
C ASN F 66 -42.96 -7.03 -18.98
N ARG F 67 -42.60 -8.31 -19.04
CA ARG F 67 -42.85 -9.25 -17.96
C ARG F 67 -41.55 -9.67 -17.30
N ALA F 68 -41.66 -10.15 -16.07
CA ALA F 68 -40.53 -10.66 -15.31
C ALA F 68 -40.41 -12.17 -15.49
N CYS F 69 -39.18 -12.64 -15.71
CA CYS F 69 -38.94 -14.05 -15.98
C CYS F 69 -38.77 -14.83 -14.68
N THR F 70 -38.90 -16.15 -14.80
CA THR F 70 -38.69 -17.10 -13.73
C THR F 70 -37.23 -17.53 -13.67
N PRO F 71 -36.75 -17.98 -12.51
CA PRO F 71 -35.36 -18.49 -12.45
C PRO F 71 -35.15 -19.77 -13.24
N LEU F 72 -36.20 -20.53 -13.54
CA LEU F 72 -36.05 -21.70 -14.41
C LEU F 72 -35.75 -21.29 -15.83
N LYS F 73 -36.49 -20.30 -16.36
CA LYS F 73 -36.18 -19.76 -17.69
C LYS F 73 -34.86 -19.01 -17.69
N HIS F 74 -34.51 -18.37 -16.57
CA HIS F 74 -33.21 -17.72 -16.44
C HIS F 74 -32.07 -18.73 -16.55
N PHE F 75 -32.20 -19.87 -15.87
CA PHE F 75 -31.17 -20.91 -15.92
C PHE F 75 -31.12 -21.56 -17.29
N GLU F 76 -32.28 -21.80 -17.92
CA GLU F 76 -32.29 -22.43 -19.23
C GLU F 76 -31.86 -21.49 -20.36
N GLU F 77 -31.93 -20.17 -20.14
CA GLU F 77 -31.46 -19.22 -21.14
C GLU F 77 -30.00 -18.83 -20.95
N ILE F 78 -29.48 -18.88 -19.72
CA ILE F 78 -28.05 -18.68 -19.52
C ILE F 78 -27.27 -19.86 -20.08
N THR F 79 -27.65 -21.08 -19.68
CA THR F 79 -26.96 -22.30 -20.10
C THR F 79 -27.71 -22.89 -21.28
N ARG F 80 -27.46 -22.33 -22.46
CA ARG F 80 -28.09 -22.78 -23.71
C ARG F 80 -27.07 -23.54 -24.54
N GLU F 81 -27.45 -24.72 -25.01
CA GLU F 81 -26.58 -25.54 -25.85
C GLU F 81 -26.43 -24.90 -27.23
N TYR F 82 -25.20 -24.51 -27.57
CA TYR F 82 -24.91 -23.85 -28.84
C TYR F 82 -24.20 -24.78 -29.81
N ASN F 83 -23.07 -25.36 -29.41
CA ASN F 83 -22.25 -26.22 -30.24
C ASN F 83 -22.02 -27.55 -29.51
N ALA F 84 -23.13 -28.13 -29.03
CA ALA F 84 -23.17 -29.35 -28.20
C ALA F 84 -22.33 -29.19 -26.92
N LYS F 85 -22.37 -27.98 -26.35
CA LYS F 85 -21.63 -27.67 -25.13
C LYS F 85 -22.37 -26.55 -24.41
N ARG F 86 -22.80 -26.81 -23.19
CA ARG F 86 -23.61 -25.86 -22.42
C ARG F 86 -22.67 -25.08 -21.51
N ILE F 87 -22.32 -23.88 -21.93
CA ILE F 87 -21.37 -23.04 -21.20
C ILE F 87 -22.04 -22.44 -19.97
N ALA F 88 -21.72 -23.00 -18.81
CA ALA F 88 -22.08 -22.38 -17.55
C ALA F 88 -20.96 -21.45 -17.10
N ASN F 89 -21.33 -20.46 -16.28
CA ASN F 89 -20.36 -19.47 -15.78
C ASN F 89 -20.62 -19.30 -14.29
N ILE F 90 -19.92 -20.09 -13.49
CA ILE F 90 -20.02 -20.01 -12.04
C ILE F 90 -19.24 -18.77 -11.60
N ALA F 91 -19.97 -17.72 -11.24
CA ALA F 91 -19.38 -16.46 -10.78
C ALA F 91 -20.44 -15.68 -10.01
N PRO F 92 -20.10 -15.12 -8.85
CA PRO F 92 -21.10 -14.33 -8.09
C PRO F 92 -21.40 -13.01 -8.77
N THR F 93 -22.56 -12.92 -9.40
CA THR F 93 -22.99 -11.71 -10.10
C THR F 93 -24.46 -11.47 -9.82
N ASP F 94 -24.85 -10.19 -9.85
CA ASP F 94 -26.23 -9.79 -9.62
C ASP F 94 -26.89 -9.54 -10.97
N MET F 95 -27.78 -10.45 -11.37
CA MET F 95 -28.51 -10.32 -12.63
C MET F 95 -29.95 -10.79 -12.43
N TYR F 96 -30.83 -10.30 -13.29
CA TYR F 96 -32.19 -10.82 -13.38
C TYR F 96 -32.70 -10.60 -14.79
N MET F 97 -33.69 -11.40 -15.18
CA MET F 97 -34.13 -11.50 -16.56
C MET F 97 -35.57 -11.01 -16.71
N ILE F 98 -35.81 -10.26 -17.78
CA ILE F 98 -37.15 -9.79 -18.13
C ILE F 98 -37.39 -10.08 -19.61
N ASP F 99 -38.67 -10.12 -19.98
CA ASP F 99 -39.09 -10.38 -21.35
C ASP F 99 -39.58 -9.08 -22.00
N LEU F 100 -39.52 -9.06 -23.33
CA LEU F 100 -39.82 -7.82 -24.05
C LEU F 100 -41.26 -7.75 -24.56
N MET F 101 -41.82 -8.89 -25.02
CA MET F 101 -43.25 -9.07 -25.31
C MET F 101 -43.77 -8.11 -26.39
N PHE F 102 -43.32 -8.32 -27.62
CA PHE F 102 -43.78 -7.52 -28.75
C PHE F 102 -45.01 -8.14 -29.41
N SER F 103 -45.58 -7.42 -30.36
CA SER F 103 -46.79 -7.85 -31.05
C SER F 103 -46.85 -7.16 -32.42
N TYR F 104 -47.68 -7.74 -33.30
CA TYR F 104 -47.87 -7.20 -34.66
C TYR F 104 -49.22 -7.68 -35.17
N LYS F 105 -50.21 -6.79 -35.12
CA LYS F 105 -51.62 -7.07 -35.46
C LYS F 105 -52.15 -8.25 -34.64
N GLY F 106 -52.10 -8.09 -33.31
CA GLY F 106 -52.17 -9.26 -32.45
C GLY F 106 -50.89 -10.03 -32.61
N GLU F 107 -50.99 -11.36 -32.63
CA GLU F 107 -49.96 -12.29 -33.09
C GLU F 107 -48.66 -12.14 -32.30
N MET F 108 -48.75 -12.49 -31.01
CA MET F 108 -47.67 -12.23 -30.07
C MET F 108 -46.44 -13.06 -30.43
N LEU F 109 -45.33 -12.39 -30.70
CA LEU F 109 -44.14 -13.01 -31.26
C LEU F 109 -43.29 -13.63 -30.15
N TYR F 110 -42.06 -14.01 -30.49
CA TYR F 110 -41.18 -14.62 -29.53
C TYR F 110 -40.67 -13.58 -28.54
N PRO F 111 -40.62 -13.89 -27.25
CA PRO F 111 -40.07 -12.95 -26.28
C PRO F 111 -38.57 -12.85 -26.38
N ARG F 112 -38.03 -11.70 -26.00
CA ARG F 112 -36.59 -11.46 -26.02
C ARG F 112 -36.09 -11.26 -24.61
N PRO F 113 -35.33 -12.20 -24.06
CA PRO F 113 -34.79 -12.03 -22.71
C PRO F 113 -33.66 -11.00 -22.68
N MET F 114 -33.45 -10.43 -21.50
CA MET F 114 -32.43 -9.40 -21.32
C MET F 114 -32.02 -9.35 -19.86
N LEU F 115 -30.74 -9.11 -19.61
CA LEU F 115 -30.18 -9.04 -18.28
C LEU F 115 -30.08 -7.58 -17.82
N LEU F 116 -30.20 -7.37 -16.52
CA LEU F 116 -30.26 -6.05 -15.90
C LEU F 116 -29.32 -6.02 -14.70
N PRO F 117 -28.73 -4.85 -14.38
CA PRO F 117 -27.55 -4.85 -13.48
C PRO F 117 -27.82 -5.22 -12.03
N ALA F 118 -29.03 -4.98 -11.50
CA ALA F 118 -29.48 -5.46 -10.19
C ALA F 118 -28.61 -4.93 -9.04
N PHE F 119 -28.70 -3.61 -8.83
CA PHE F 119 -27.92 -2.94 -7.80
C PHE F 119 -28.40 -3.33 -6.40
N LYS F 120 -27.57 -2.99 -5.41
CA LYS F 120 -27.84 -3.27 -4.00
C LYS F 120 -27.80 -1.97 -3.19
N ARG F 121 -27.96 -2.12 -1.87
CA ARG F 121 -27.96 -0.96 -0.98
C ARG F 121 -26.55 -0.42 -0.82
N GLY F 122 -26.38 0.88 -1.05
CA GLY F 122 -25.10 1.52 -0.90
C GLY F 122 -24.29 1.61 -2.17
N ASN F 123 -24.93 1.51 -3.34
CA ASN F 123 -24.29 1.47 -4.66
C ASN F 123 -23.25 0.35 -4.73
N MET F 124 -23.74 -0.88 -4.53
CA MET F 124 -22.90 -2.05 -4.28
C MET F 124 -23.23 -3.15 -5.28
N VAL F 125 -23.24 -2.80 -6.57
CA VAL F 125 -23.44 -3.80 -7.61
C VAL F 125 -22.22 -4.72 -7.68
N THR F 126 -22.46 -5.97 -8.10
CA THR F 126 -21.41 -6.98 -8.22
C THR F 126 -21.54 -7.64 -9.59
N ILE F 127 -20.50 -7.52 -10.40
CA ILE F 127 -20.52 -8.02 -11.78
C ILE F 127 -19.34 -8.97 -11.96
N ASN F 128 -19.65 -10.24 -12.26
CA ASN F 128 -18.68 -11.27 -12.64
C ASN F 128 -17.64 -11.54 -11.56
N GLY F 129 -18.09 -11.54 -10.30
CA GLY F 129 -17.24 -11.85 -9.18
C GLY F 129 -16.63 -10.65 -8.49
N ALA F 130 -16.47 -9.54 -9.20
CA ALA F 130 -15.85 -8.35 -8.66
C ALA F 130 -16.92 -7.33 -8.27
N LYS F 131 -16.71 -6.66 -7.15
CA LYS F 131 -17.64 -5.64 -6.68
C LYS F 131 -17.38 -4.32 -7.38
N TYR F 132 -18.45 -3.59 -7.68
CA TYR F 132 -18.36 -2.29 -8.35
C TYR F 132 -19.24 -1.29 -7.62
N ILE F 133 -19.16 -0.04 -8.05
CA ILE F 133 -19.87 1.07 -7.43
C ILE F 133 -20.46 1.95 -8.53
N GLY F 134 -21.77 2.17 -8.49
CA GLY F 134 -22.42 3.08 -9.42
C GLY F 134 -22.47 4.49 -8.85
N SER F 135 -22.15 5.45 -9.71
CA SER F 135 -22.06 6.84 -9.29
C SER F 135 -22.90 7.73 -10.20
N PRO F 136 -23.50 8.78 -9.66
CA PRO F 136 -24.29 9.70 -10.50
C PRO F 136 -23.43 10.66 -11.29
N VAL F 137 -24.06 11.29 -12.28
CA VAL F 137 -23.47 12.38 -13.04
C VAL F 137 -24.31 13.63 -12.80
N LEU F 138 -23.91 14.77 -13.37
CA LEU F 138 -24.57 16.02 -13.06
C LEU F 138 -25.75 16.32 -13.99
N THR F 139 -25.58 16.11 -15.30
CA THR F 139 -26.63 16.18 -16.32
C THR F 139 -27.33 17.54 -16.36
N ASP F 140 -26.63 18.55 -16.88
CA ASP F 140 -27.15 19.89 -17.12
C ASP F 140 -28.52 19.89 -17.79
N VAL F 141 -29.49 20.55 -17.15
CA VAL F 141 -30.88 20.47 -17.55
C VAL F 141 -31.12 21.31 -18.80
N GLY F 142 -31.82 20.72 -19.77
CA GLY F 142 -32.19 21.43 -20.97
C GLY F 142 -31.07 21.48 -21.99
N PHE F 143 -30.37 22.61 -22.02
CA PHE F 143 -29.23 22.80 -22.91
C PHE F 143 -27.95 22.89 -22.09
N SER F 144 -26.90 22.25 -22.58
CA SER F 144 -25.60 22.21 -21.91
C SER F 144 -24.65 23.14 -22.66
N VAL F 145 -24.36 24.29 -22.08
CA VAL F 145 -23.54 25.31 -22.73
C VAL F 145 -22.07 24.98 -22.48
N LEU F 146 -21.31 24.86 -23.57
CA LEU F 146 -19.86 24.74 -23.48
C LEU F 146 -19.22 26.08 -23.87
N ASN F 147 -17.89 26.10 -23.86
CA ASN F 147 -17.17 27.33 -24.16
C ASN F 147 -17.19 27.66 -25.64
N ASP F 148 -17.35 26.67 -26.52
CA ASP F 148 -17.30 26.87 -27.95
C ASP F 148 -18.66 27.14 -28.58
N SER F 149 -19.67 26.30 -28.31
CA SER F 149 -20.98 26.46 -28.90
C SER F 149 -22.03 25.89 -27.96
N ILE F 150 -23.29 25.92 -28.41
CA ILE F 150 -24.40 25.37 -27.66
C ILE F 150 -24.55 23.90 -28.01
N PHE F 151 -24.81 23.08 -26.99
CA PHE F 151 -24.97 21.64 -27.15
C PHE F 151 -26.22 21.20 -26.40
N ILE F 152 -27.18 20.65 -27.12
CA ILE F 152 -28.42 20.13 -26.54
C ILE F 152 -28.41 18.61 -26.67
N PRO F 153 -28.52 17.86 -25.57
CA PRO F 153 -28.45 16.40 -25.66
C PRO F 153 -29.80 15.74 -25.94
N PHE F 154 -29.84 14.87 -26.94
CA PHE F 154 -31.00 14.05 -27.24
C PHE F 154 -30.65 12.58 -27.01
N ARG F 155 -31.69 11.72 -27.06
CA ARG F 155 -31.48 10.31 -26.79
C ARG F 155 -31.05 9.52 -28.01
N ARG F 156 -31.31 10.01 -29.22
CA ARG F 156 -30.95 9.28 -30.44
C ARG F 156 -29.59 9.73 -30.98
N THR F 157 -29.46 11.01 -31.31
CA THR F 157 -28.21 11.59 -31.78
C THR F 157 -28.07 12.98 -31.19
N LYS F 158 -26.89 13.27 -30.64
CA LYS F 158 -26.59 14.55 -30.02
C LYS F 158 -25.52 15.26 -30.83
N LEU F 159 -25.75 16.54 -31.12
CA LEU F 159 -24.89 17.31 -32.01
C LEU F 159 -24.44 18.59 -31.31
N THR F 160 -23.26 19.06 -31.71
CA THR F 160 -22.71 20.32 -31.24
C THR F 160 -22.90 21.37 -32.33
N PHE F 161 -23.57 22.47 -31.98
CA PHE F 161 -23.86 23.51 -32.95
C PHE F 161 -22.65 24.40 -33.19
N GLY F 322 -30.48 14.67 -59.10
CA GLY F 322 -31.52 13.72 -59.44
C GLY F 322 -31.68 12.61 -58.42
N LYS F 323 -30.57 12.09 -57.94
CA LYS F 323 -30.57 11.02 -56.94
C LYS F 323 -30.35 11.51 -55.52
N VAL F 324 -29.74 12.69 -55.36
CA VAL F 324 -29.39 13.17 -54.01
C VAL F 324 -30.51 13.94 -53.33
N GLU F 325 -31.55 14.34 -54.07
CA GLU F 325 -32.59 15.19 -53.49
C GLU F 325 -33.47 14.42 -52.52
N GLU F 326 -33.77 13.16 -52.81
CA GLU F 326 -34.53 12.35 -51.86
C GLU F 326 -33.70 11.97 -50.65
N ASN F 327 -32.37 11.82 -50.81
CA ASN F 327 -31.52 11.57 -49.65
C ASN F 327 -31.37 12.81 -48.78
N ILE F 328 -31.48 14.01 -49.39
CA ILE F 328 -31.52 15.23 -48.58
C ILE F 328 -32.87 15.33 -47.86
N ASP F 329 -33.96 15.01 -48.55
CA ASP F 329 -35.28 15.13 -47.95
C ASP F 329 -35.54 14.07 -46.87
N SER F 330 -34.90 12.90 -46.98
CA SER F 330 -35.14 11.84 -45.99
C SER F 330 -34.48 12.12 -44.65
N HIS F 331 -33.36 12.84 -44.64
CA HIS F 331 -32.75 13.23 -43.36
C HIS F 331 -33.56 14.33 -42.68
N LEU F 332 -34.18 15.24 -43.44
CA LEU F 332 -35.12 16.16 -42.82
C LEU F 332 -36.43 15.48 -42.41
N HIS F 333 -36.80 14.39 -43.08
CA HIS F 333 -37.96 13.61 -42.65
C HIS F 333 -37.68 12.86 -41.35
N SER F 334 -36.43 12.43 -41.14
CA SER F 334 -36.03 11.87 -39.85
C SER F 334 -35.73 12.94 -38.81
N PHE F 335 -35.50 14.18 -39.23
CA PHE F 335 -35.25 15.29 -38.31
C PHE F 335 -36.53 15.93 -37.80
N CYS F 336 -37.60 15.92 -38.61
CA CYS F 336 -38.79 16.71 -38.28
C CYS F 336 -39.63 16.07 -37.19
N ASN F 337 -40.23 14.92 -37.46
CA ASN F 337 -41.18 14.31 -36.53
C ASN F 337 -40.57 13.22 -35.66
N SER F 338 -39.41 12.69 -36.00
CA SER F 338 -38.77 11.66 -35.19
C SER F 338 -37.95 12.23 -34.05
N LEU F 339 -37.96 13.55 -33.86
CA LEU F 339 -37.29 14.22 -32.76
C LEU F 339 -38.23 15.21 -32.09
N ASP F 340 -39.49 14.82 -31.91
CA ASP F 340 -40.47 15.62 -31.21
C ASP F 340 -40.88 14.91 -29.92
N GLU F 341 -39.88 14.44 -29.17
CA GLU F 341 -40.08 13.57 -28.03
C GLU F 341 -40.81 14.29 -26.90
N MET F 342 -41.57 13.50 -26.13
CA MET F 342 -42.36 14.04 -25.03
C MET F 342 -41.66 13.92 -23.68
N THR F 343 -40.56 13.17 -23.60
CA THR F 343 -39.70 13.23 -22.43
C THR F 343 -38.77 14.44 -22.48
N ILE F 344 -38.62 15.06 -23.66
CA ILE F 344 -37.76 16.22 -23.79
C ILE F 344 -38.51 17.53 -23.52
N GLU F 345 -39.82 17.56 -23.76
CA GLU F 345 -40.62 18.71 -23.32
C GLU F 345 -40.75 18.75 -21.81
N GLU F 346 -40.54 17.62 -21.12
CA GLU F 346 -40.31 17.65 -19.69
C GLU F 346 -38.99 18.34 -19.37
N LEU F 347 -37.99 18.18 -20.24
CA LEU F 347 -36.65 18.69 -19.98
C LEU F 347 -36.50 20.15 -20.42
N LYS F 348 -37.19 20.55 -21.49
CA LYS F 348 -36.96 21.83 -22.15
C LYS F 348 -37.84 22.94 -21.59
N THR F 349 -38.21 22.88 -20.31
CA THR F 349 -39.05 23.91 -19.70
C THR F 349 -38.20 25.05 -19.12
N VAL F 350 -36.90 25.06 -19.37
CA VAL F 350 -36.01 26.08 -18.79
C VAL F 350 -36.01 27.26 -19.76
N GLY F 351 -37.03 28.10 -19.62
CA GLY F 351 -37.16 29.32 -20.41
C GLY F 351 -37.32 29.12 -21.90
N VAL F 352 -37.80 27.95 -22.32
CA VAL F 352 -37.86 27.58 -23.73
C VAL F 352 -39.28 27.12 -24.06
N ASN F 353 -39.88 27.71 -25.09
CA ASN F 353 -41.22 27.35 -25.54
C ASN F 353 -41.14 26.64 -26.90
N VAL F 354 -40.95 25.33 -26.87
CA VAL F 354 -40.82 24.53 -28.09
C VAL F 354 -41.83 23.39 -28.04
N SER F 355 -42.71 23.34 -29.04
CA SER F 355 -43.53 22.17 -29.33
C SER F 355 -43.37 21.73 -30.78
N THR F 356 -42.52 22.40 -31.55
CA THR F 356 -42.32 22.14 -32.97
C THR F 356 -40.82 22.15 -33.23
N ILE F 357 -40.37 21.31 -34.17
CA ILE F 357 -38.94 21.11 -34.42
C ILE F 357 -38.29 22.35 -35.03
N TRP F 358 -39.04 23.17 -35.77
CA TRP F 358 -38.45 24.37 -36.35
C TRP F 358 -38.45 25.53 -35.36
N GLU F 359 -39.30 25.47 -34.34
CA GLU F 359 -39.24 26.45 -33.26
C GLU F 359 -37.95 26.31 -32.45
N LEU F 360 -37.39 25.09 -32.39
CA LEU F 360 -36.11 24.90 -31.71
C LEU F 360 -35.00 25.66 -32.42
N LEU F 361 -34.93 25.55 -33.75
CA LEU F 361 -33.94 26.32 -34.50
C LEU F 361 -34.29 27.81 -34.55
N TYR F 362 -35.56 28.17 -34.32
CA TYR F 362 -35.91 29.57 -34.19
C TYR F 362 -35.36 30.17 -32.90
N GLU F 363 -35.67 29.56 -31.74
CA GLU F 363 -35.17 30.10 -30.49
C GLU F 363 -33.71 29.76 -30.20
N ILE F 364 -33.05 28.94 -31.03
CA ILE F 364 -31.60 28.84 -30.93
C ILE F 364 -30.94 30.11 -31.43
N MET F 365 -31.40 30.62 -32.58
CA MET F 365 -30.80 31.81 -33.18
C MET F 365 -31.50 33.10 -32.80
N THR F 366 -32.57 33.05 -32.01
CA THR F 366 -33.18 34.27 -31.48
C THR F 366 -33.11 34.36 -29.96
N SER F 367 -33.58 33.33 -29.25
CA SER F 367 -33.60 33.37 -27.79
C SER F 367 -32.28 32.91 -27.18
N LEU F 368 -31.67 31.86 -27.73
CA LEU F 368 -30.36 31.40 -27.29
C LEU F 368 -29.22 32.04 -28.08
N ALA F 369 -29.49 33.15 -28.78
CA ALA F 369 -28.45 33.81 -29.56
C ALA F 369 -27.48 34.56 -28.66
N HIS F 370 -27.96 35.13 -27.56
CA HIS F 370 -27.12 35.90 -26.65
C HIS F 370 -26.31 35.00 -25.70
N HIS F 371 -26.42 33.68 -25.82
CA HIS F 371 -25.64 32.77 -24.99
C HIS F 371 -24.23 32.53 -25.50
N LEU F 372 -23.79 33.24 -26.55
CA LEU F 372 -22.49 33.01 -27.16
C LEU F 372 -21.52 34.17 -26.97
N TYR F 373 -21.99 35.35 -26.61
CA TYR F 373 -21.09 36.50 -26.42
C TYR F 373 -21.36 37.21 -25.09
N ALA F 374 -22.62 37.25 -24.67
CA ALA F 374 -23.03 37.97 -23.46
C ALA F 374 -23.98 37.10 -22.64
N THR F 375 -23.56 35.86 -22.38
CA THR F 375 -24.41 34.86 -21.76
C THR F 375 -24.70 35.20 -20.29
N ASP F 376 -25.79 34.63 -19.79
CA ASP F 376 -26.22 34.81 -18.42
C ASP F 376 -25.90 33.62 -17.54
N ILE F 377 -25.22 32.60 -18.08
CA ILE F 377 -24.86 31.44 -17.30
C ILE F 377 -23.67 31.78 -16.38
N ASP F 378 -23.42 30.90 -15.41
CA ASP F 378 -22.30 31.06 -14.50
C ASP F 378 -21.15 30.11 -14.79
N GLU F 379 -21.47 28.93 -15.37
CA GLU F 379 -20.60 27.96 -16.04
C GLU F 379 -19.65 27.22 -15.09
N THR F 380 -19.63 27.60 -13.81
CA THR F 380 -18.88 26.89 -12.77
C THR F 380 -19.78 26.52 -11.60
N SER F 381 -21.09 26.54 -11.80
CA SER F 381 -22.06 26.34 -10.73
C SER F 381 -22.66 24.94 -10.81
N MET F 382 -22.97 24.38 -9.64
CA MET F 382 -23.60 23.08 -9.54
C MET F 382 -25.07 23.19 -9.12
N TYR F 383 -25.72 24.30 -9.48
CA TYR F 383 -27.11 24.54 -9.14
C TYR F 383 -27.99 24.25 -10.35
N GLY F 384 -29.15 23.64 -10.08
CA GLY F 384 -30.08 23.32 -11.14
C GLY F 384 -29.61 22.17 -12.02
N LYS F 385 -29.35 21.02 -11.41
CA LYS F 385 -28.90 19.84 -12.12
C LYS F 385 -29.89 18.70 -11.93
N ARG F 386 -29.83 17.73 -12.85
CA ARG F 386 -30.82 16.66 -12.90
C ARG F 386 -30.42 15.43 -12.09
N LEU F 387 -29.10 15.15 -12.00
CA LEU F 387 -28.52 14.06 -11.19
C LEU F 387 -29.06 12.70 -11.62
N THR F 388 -28.74 12.33 -12.85
CA THR F 388 -29.17 11.06 -13.42
C THR F 388 -28.20 9.94 -13.09
N VAL F 389 -28.75 8.74 -12.87
CA VAL F 389 -27.97 7.51 -12.80
C VAL F 389 -28.41 6.49 -13.83
N LEU F 390 -29.55 6.70 -14.49
CA LEU F 390 -30.17 5.69 -15.34
C LEU F 390 -30.01 5.97 -16.83
N HIS F 391 -29.82 7.24 -17.21
CA HIS F 391 -29.62 7.58 -18.62
C HIS F 391 -28.25 7.13 -19.11
N TYR F 392 -27.24 7.18 -18.25
CA TYR F 392 -25.89 6.77 -18.63
C TYR F 392 -25.63 5.30 -18.37
N LEU F 393 -26.41 4.66 -17.50
CA LEU F 393 -26.23 3.23 -17.23
C LEU F 393 -26.78 2.39 -18.38
N MET F 394 -27.88 2.81 -18.99
CA MET F 394 -28.55 2.06 -20.04
C MET F 394 -28.33 2.69 -21.42
N SER F 395 -27.12 3.19 -21.69
CA SER F 395 -26.86 3.89 -22.95
C SER F 395 -26.84 2.93 -24.14
N GLU F 396 -26.39 1.68 -23.93
CA GLU F 396 -26.39 0.72 -25.02
C GLU F 396 -27.80 0.25 -25.36
N PHE F 397 -28.69 0.22 -24.37
CA PHE F 397 -30.08 -0.11 -24.68
C PHE F 397 -30.79 1.04 -25.40
N ASN F 398 -30.45 2.29 -25.05
CA ASN F 398 -30.93 3.43 -25.82
C ASN F 398 -30.44 3.38 -27.26
N TYR F 399 -29.17 2.99 -27.45
CA TYR F 399 -28.63 2.82 -28.79
C TYR F 399 -29.30 1.69 -29.54
N ALA F 400 -29.69 0.62 -28.83
CA ALA F 400 -30.37 -0.50 -29.47
C ALA F 400 -31.78 -0.14 -29.91
N VAL F 401 -32.52 0.60 -29.07
CA VAL F 401 -33.85 1.05 -29.46
C VAL F 401 -33.77 2.10 -30.58
N SER F 402 -32.73 2.94 -30.56
CA SER F 402 -32.52 3.89 -31.65
C SER F 402 -32.20 3.19 -32.96
N MET F 403 -31.38 2.13 -32.91
CA MET F 403 -31.11 1.37 -34.13
C MET F 403 -32.31 0.55 -34.57
N PHE F 404 -33.19 0.16 -33.64
CA PHE F 404 -34.43 -0.50 -34.01
C PHE F 404 -35.35 0.46 -34.77
N GLY F 405 -35.49 1.69 -34.27
CA GLY F 405 -36.28 2.68 -34.98
C GLY F 405 -35.66 3.10 -36.30
N TYR F 406 -34.32 3.15 -36.35
CA TYR F 406 -33.66 3.49 -37.60
C TYR F 406 -33.73 2.34 -38.62
N MET F 407 -33.81 1.09 -38.16
CA MET F 407 -34.05 -0.01 -39.08
C MET F 407 -35.49 0.04 -39.59
N PHE F 408 -36.42 0.48 -38.76
CA PHE F 408 -37.79 0.65 -39.23
C PHE F 408 -37.98 1.85 -40.15
N GLN F 409 -37.12 2.87 -40.08
CA GLN F 409 -37.33 4.08 -40.86
C GLN F 409 -36.34 4.24 -42.01
N SER F 410 -35.04 4.28 -41.74
CA SER F 410 -34.06 4.70 -42.73
C SER F 410 -33.79 3.64 -43.79
N ARG F 411 -34.18 2.39 -43.56
CA ARG F 411 -33.96 1.34 -44.58
C ARG F 411 -35.14 1.28 -45.53
N ARG F 412 -36.33 0.96 -45.01
CA ARG F 412 -37.51 0.76 -45.83
C ARG F 412 -38.73 1.21 -45.05
N ASP F 413 -39.88 1.22 -45.72
CA ASP F 413 -41.21 1.32 -45.14
C ASP F 413 -42.15 0.33 -45.83
N ARG F 414 -41.61 -0.83 -46.21
CA ARG F 414 -42.27 -1.76 -47.10
C ARG F 414 -43.11 -2.77 -46.30
N GLU F 415 -43.52 -3.83 -46.98
CA GLU F 415 -44.29 -4.91 -46.35
C GLU F 415 -43.43 -5.66 -45.34
N TRP F 416 -44.02 -5.95 -44.18
CA TRP F 416 -43.34 -6.67 -43.11
C TRP F 416 -44.09 -7.97 -42.82
N THR F 417 -43.36 -9.07 -42.80
CA THR F 417 -43.88 -10.38 -42.44
C THR F 417 -43.48 -10.70 -41.00
N VAL F 418 -43.95 -11.86 -40.52
CA VAL F 418 -43.61 -12.26 -39.16
C VAL F 418 -42.16 -12.73 -39.07
N GLN F 419 -41.62 -13.29 -40.16
CA GLN F 419 -40.25 -13.77 -40.15
C GLN F 419 -39.25 -12.63 -40.17
N GLU F 420 -39.55 -11.54 -40.88
CA GLU F 420 -38.62 -10.41 -40.92
C GLU F 420 -38.64 -9.65 -39.62
N LEU F 421 -39.81 -9.50 -38.99
CA LEU F 421 -39.89 -8.85 -37.69
C LEU F 421 -39.26 -9.70 -36.59
N ASN F 422 -39.42 -11.03 -36.67
CA ASN F 422 -38.77 -11.90 -35.69
C ASN F 422 -37.25 -11.91 -35.86
N GLU F 423 -36.76 -11.87 -37.11
CA GLU F 423 -35.33 -11.81 -37.35
C GLU F 423 -34.75 -10.46 -36.92
N GLY F 424 -35.50 -9.38 -37.13
CA GLY F 424 -35.04 -8.08 -36.66
C GLY F 424 -35.03 -7.96 -35.14
N LEU F 425 -36.01 -8.59 -34.48
CA LEU F 425 -36.03 -8.61 -33.03
C LEU F 425 -34.92 -9.51 -32.47
N LYS F 426 -34.56 -10.57 -33.19
CA LYS F 426 -33.43 -11.38 -32.77
C LYS F 426 -32.10 -10.68 -33.01
N ARG F 427 -32.01 -9.87 -34.07
CA ARG F 427 -30.78 -9.17 -34.39
C ARG F 427 -30.58 -7.92 -33.53
N SER F 428 -31.66 -7.30 -33.06
CA SER F 428 -31.57 -6.04 -32.34
C SER F 428 -31.41 -6.24 -30.83
N PHE F 429 -32.24 -7.10 -30.25
CA PHE F 429 -32.28 -7.29 -28.79
C PHE F 429 -31.72 -8.67 -28.47
N LYS F 430 -30.44 -8.72 -28.11
CA LYS F 430 -29.79 -9.93 -27.68
C LYS F 430 -29.94 -10.08 -26.16
N LEU F 431 -29.20 -11.04 -25.58
CA LEU F 431 -29.37 -11.36 -24.17
C LEU F 431 -28.72 -10.33 -23.25
N GLN F 432 -27.62 -9.72 -23.67
CA GLN F 432 -26.76 -8.91 -22.80
C GLN F 432 -26.53 -7.53 -23.40
N THR F 433 -27.61 -6.86 -23.81
CA THR F 433 -27.48 -5.57 -24.49
C THR F 433 -27.01 -4.46 -23.55
N ALA F 434 -27.54 -4.42 -22.33
CA ALA F 434 -27.11 -3.45 -21.33
C ALA F 434 -25.98 -3.95 -20.45
N ILE F 435 -25.31 -5.02 -20.87
CA ILE F 435 -24.36 -5.73 -20.00
C ILE F 435 -22.93 -5.71 -20.56
N LYS F 436 -22.76 -5.59 -21.89
CA LYS F 436 -21.47 -5.85 -22.54
C LYS F 436 -20.37 -4.87 -22.12
N ARG F 437 -20.72 -3.58 -21.97
CA ARG F 437 -19.72 -2.56 -21.72
C ARG F 437 -19.93 -1.86 -20.38
N LEU F 438 -20.43 -2.59 -19.38
CA LEU F 438 -20.62 -2.00 -18.06
C LEU F 438 -19.31 -1.81 -17.33
N THR F 439 -18.34 -2.70 -17.56
CA THR F 439 -17.03 -2.61 -16.92
C THR F 439 -15.94 -2.16 -17.88
N VAL F 440 -16.30 -1.76 -19.11
CA VAL F 440 -15.31 -1.40 -20.11
C VAL F 440 -15.25 0.11 -20.29
N ASP F 441 -16.36 0.72 -20.70
CA ASP F 441 -16.39 2.12 -21.09
C ASP F 441 -17.23 2.99 -20.19
N HIS F 442 -17.87 2.43 -19.16
CA HIS F 442 -18.73 3.21 -18.27
C HIS F 442 -17.86 3.85 -17.18
N GLY F 443 -17.73 5.18 -17.24
CA GLY F 443 -16.97 5.90 -16.24
C GLY F 443 -17.65 6.07 -14.90
N GLU F 444 -18.95 5.80 -14.83
CA GLU F 444 -19.68 5.86 -13.57
C GLU F 444 -19.54 4.60 -12.74
N LEU F 445 -18.91 3.55 -13.27
CA LEU F 445 -18.73 2.29 -12.57
C LEU F 445 -17.24 2.08 -12.31
N ASP F 446 -16.84 2.18 -11.05
CA ASP F 446 -15.46 1.97 -10.63
C ASP F 446 -15.40 0.76 -9.70
N THR F 447 -14.17 0.35 -9.37
CA THR F 447 -13.94 -0.84 -8.57
C THR F 447 -14.01 -0.49 -7.09
N MET F 448 -14.78 -1.28 -6.34
CA MET F 448 -14.93 -1.09 -4.90
C MET F 448 -13.70 -1.62 -4.18
N SER F 449 -13.01 -0.76 -3.44
CA SER F 449 -11.80 -1.12 -2.72
C SER F 449 -11.85 -0.53 -1.31
N ASN F 450 -12.96 -0.73 -0.61
CA ASN F 450 -13.16 -0.17 0.71
C ASN F 450 -12.70 -1.16 1.78
N PRO F 451 -11.70 -0.80 2.60
CA PRO F 451 -11.30 -1.66 3.72
C PRO F 451 -12.02 -1.38 5.03
N ASN F 452 -13.10 -0.60 5.01
CA ASN F 452 -13.79 -0.18 6.22
C ASN F 452 -15.26 -0.59 6.13
N SER F 453 -15.96 -0.47 7.26
CA SER F 453 -17.37 -0.84 7.32
C SER F 453 -18.28 0.23 6.77
N SER F 454 -17.87 1.50 6.87
CA SER F 454 -18.73 2.61 6.45
C SER F 454 -18.82 2.70 4.94
N MET F 455 -19.95 3.22 4.46
CA MET F 455 -20.19 3.42 3.03
C MET F 455 -20.22 4.89 2.63
N LEU F 456 -20.16 5.81 3.59
CA LEU F 456 -20.29 7.24 3.29
C LEU F 456 -18.98 7.86 2.82
N ILE F 457 -17.84 7.22 3.08
CA ILE F 457 -16.55 7.83 2.77
C ILE F 457 -16.28 7.78 1.27
N LYS F 458 -16.26 6.58 0.69
CA LYS F 458 -15.93 6.42 -0.71
C LYS F 458 -16.90 5.52 -1.47
N GLY F 459 -17.97 5.04 -0.82
CA GLY F 459 -18.88 4.11 -1.46
C GLY F 459 -20.07 4.76 -2.15
N THR F 460 -20.84 5.55 -1.40
CA THR F 460 -22.06 6.14 -1.92
C THR F 460 -21.95 7.63 -2.15
N SER F 461 -20.77 8.22 -1.90
CA SER F 461 -20.57 9.66 -1.99
C SER F 461 -19.57 10.04 -3.09
N ILE F 462 -19.72 9.45 -4.28
CA ILE F 462 -18.86 9.75 -5.42
C ILE F 462 -19.73 10.35 -6.51
N LEU F 463 -19.29 11.47 -7.08
CA LEU F 463 -19.93 12.06 -8.25
C LEU F 463 -18.98 12.00 -9.43
N VAL F 464 -19.52 11.69 -10.60
CA VAL F 464 -18.80 11.78 -11.86
C VAL F 464 -19.24 13.06 -12.55
N THR F 465 -18.30 13.76 -13.17
CA THR F 465 -18.66 14.93 -13.94
C THR F 465 -19.03 14.52 -15.37
N GLN F 466 -19.55 15.47 -16.14
CA GLN F 466 -20.06 15.16 -17.47
C GLN F 466 -18.95 14.89 -18.48
N ASP F 467 -17.71 15.31 -18.20
CA ASP F 467 -16.59 14.95 -19.05
C ASP F 467 -15.83 13.74 -18.55
N ARG F 468 -15.91 13.43 -17.25
CA ARG F 468 -15.31 12.20 -16.74
C ARG F 468 -16.15 10.98 -17.10
N ALA F 469 -17.45 11.17 -17.34
CA ALA F 469 -18.32 10.07 -17.71
C ALA F 469 -18.05 9.56 -19.13
N LYS F 470 -17.42 10.39 -19.97
CA LYS F 470 -17.06 9.99 -21.33
C LYS F 470 -15.75 9.22 -21.29
N THR F 471 -15.85 7.97 -20.81
CA THR F 471 -14.68 7.11 -20.67
C THR F 471 -14.65 6.05 -21.75
N SER F 483 -10.62 28.10 -17.59
CA SER F 483 -11.29 26.81 -17.64
C SER F 483 -12.62 26.86 -16.88
N SER F 484 -13.11 25.69 -16.50
CA SER F 484 -14.36 25.58 -15.74
C SER F 484 -14.14 25.19 -14.29
N ARG F 485 -12.90 24.96 -13.88
CA ARG F 485 -12.59 24.60 -12.49
C ARG F 485 -12.24 25.84 -11.67
N ILE F 486 -13.13 26.83 -11.69
CA ILE F 486 -12.96 28.06 -10.92
C ILE F 486 -13.79 27.91 -9.66
N ILE F 487 -13.51 28.77 -8.66
CA ILE F 487 -14.23 28.72 -7.40
C ILE F 487 -15.68 29.16 -7.60
N HIS F 488 -16.55 28.66 -6.72
CA HIS F 488 -17.97 28.98 -6.71
C HIS F 488 -18.51 28.63 -5.34
N ALA F 489 -19.52 29.37 -4.89
CA ALA F 489 -20.15 29.07 -3.61
C ALA F 489 -21.12 27.90 -3.69
N SER F 490 -21.44 27.42 -4.90
CA SER F 490 -22.26 26.22 -5.05
C SER F 490 -21.50 24.97 -4.63
N ILE F 491 -20.17 25.03 -4.61
CA ILE F 491 -19.36 23.92 -4.14
C ILE F 491 -19.50 23.71 -2.64
N ALA F 492 -19.86 24.75 -1.89
CA ALA F 492 -20.12 24.59 -0.46
C ALA F 492 -21.47 23.95 -0.16
N GLU F 493 -22.33 23.81 -1.16
CA GLU F 493 -23.66 23.23 -0.98
C GLU F 493 -23.87 21.91 -1.69
N VAL F 494 -23.36 21.75 -2.91
CA VAL F 494 -23.65 20.57 -3.72
C VAL F 494 -22.45 19.63 -3.67
N GLY F 495 -21.24 20.19 -3.62
CA GLY F 495 -20.03 19.41 -3.57
C GLY F 495 -19.37 19.45 -2.21
N GLN F 496 -18.15 18.92 -2.16
CA GLN F 496 -17.35 18.88 -0.93
C GLN F 496 -16.03 19.60 -1.17
N TYR F 497 -15.95 20.87 -0.76
CA TYR F 497 -14.65 21.51 -0.69
C TYR F 497 -13.90 21.01 0.53
N LYS F 498 -12.56 21.16 0.47
CA LYS F 498 -11.58 20.54 1.37
C LYS F 498 -11.64 19.01 1.35
N ASN F 499 -12.20 18.44 0.28
CA ASN F 499 -12.21 17.00 0.01
C ASN F 499 -11.73 16.88 -1.43
N GLN F 500 -10.41 16.80 -1.58
CA GLN F 500 -9.74 17.15 -2.83
C GLN F 500 -8.84 16.00 -3.29
N PRO F 501 -9.39 15.05 -4.06
CA PRO F 501 -8.55 13.97 -4.61
C PRO F 501 -7.71 14.42 -5.79
N LYS F 502 -6.97 13.49 -6.40
CA LYS F 502 -6.05 13.85 -7.47
C LYS F 502 -6.71 13.95 -8.83
N ASN F 503 -7.97 13.52 -8.97
CA ASN F 503 -8.68 13.60 -10.25
C ASN F 503 -9.73 14.69 -10.30
N ASN F 504 -10.43 14.95 -9.19
CA ASN F 504 -11.42 16.03 -9.11
C ASN F 504 -11.09 16.89 -7.90
N PRO F 505 -10.07 17.74 -8.00
CA PRO F 505 -9.61 18.49 -6.83
C PRO F 505 -10.29 19.83 -6.60
N ASP F 506 -11.21 20.24 -7.46
CA ASP F 506 -11.84 21.54 -7.32
C ASP F 506 -13.05 21.53 -6.39
N GLY F 507 -13.41 20.36 -5.86
CA GLY F 507 -14.57 20.24 -4.98
C GLY F 507 -15.80 19.67 -5.64
N ARG F 508 -15.72 19.35 -6.94
CA ARG F 508 -16.79 18.67 -7.67
C ARG F 508 -16.62 17.16 -7.65
N GLY F 509 -16.06 16.63 -6.56
CA GLY F 509 -15.78 15.23 -6.34
C GLY F 509 -16.87 14.61 -5.51
N ARG F 510 -16.69 14.55 -4.19
CA ARG F 510 -17.62 13.88 -3.30
C ARG F 510 -18.95 14.64 -3.21
N LEU F 511 -19.91 14.05 -2.48
CA LEU F 511 -21.34 14.31 -2.71
C LEU F 511 -21.97 15.29 -1.74
N ASN F 512 -21.52 15.37 -0.48
CA ASN F 512 -22.06 16.25 0.56
C ASN F 512 -23.56 15.97 0.80
N MET F 513 -23.81 14.82 1.44
CA MET F 513 -25.15 14.24 1.59
C MET F 513 -26.16 15.08 2.39
N TYR F 514 -25.77 16.25 2.89
CA TYR F 514 -26.69 17.18 3.52
C TYR F 514 -27.41 18.07 2.52
N THR F 515 -27.30 17.80 1.23
CA THR F 515 -27.92 18.65 0.22
C THR F 515 -29.38 18.26 0.01
N LYS F 516 -30.20 19.26 -0.33
CA LYS F 516 -31.62 19.03 -0.58
C LYS F 516 -31.81 18.59 -2.02
N VAL F 517 -32.40 17.41 -2.21
CA VAL F 517 -32.67 16.85 -3.53
C VAL F 517 -34.13 16.43 -3.56
N GLY F 518 -34.90 16.98 -4.51
CA GLY F 518 -36.30 16.67 -4.64
C GLY F 518 -36.54 15.44 -5.50
N PRO F 519 -37.76 15.31 -6.02
CA PRO F 519 -38.05 14.20 -6.93
C PRO F 519 -37.32 14.34 -8.25
N THR F 520 -37.09 13.20 -8.90
CA THR F 520 -36.34 13.03 -10.15
C THR F 520 -34.91 13.60 -10.05
N GLY F 521 -34.33 13.61 -8.85
CA GLY F 521 -32.96 14.00 -8.66
C GLY F 521 -32.66 15.48 -8.81
N LEU F 522 -33.68 16.33 -8.90
CA LEU F 522 -33.45 17.75 -9.17
C LEU F 522 -32.86 18.43 -7.94
N VAL F 523 -31.61 18.90 -8.08
CA VAL F 523 -30.93 19.60 -7.00
C VAL F 523 -31.55 20.99 -6.87
N GLU F 524 -32.08 21.29 -5.68
CA GLU F 524 -32.74 22.56 -5.42
C GLU F 524 -32.03 23.28 -4.28
N ARG F 525 -32.28 24.58 -4.18
CA ARG F 525 -31.59 25.43 -3.24
C ARG F 525 -32.08 25.20 -1.82
N ARG F 526 -31.20 25.48 -0.86
CA ARG F 526 -31.51 25.37 0.57
C ARG F 526 -31.59 26.76 1.16
N GLU F 527 -32.63 27.00 1.97
CA GLU F 527 -32.99 28.37 2.32
C GLU F 527 -32.20 28.91 3.52
N GLU F 528 -31.79 28.05 4.45
CA GLU F 528 -31.20 28.55 5.69
C GLU F 528 -29.73 28.91 5.56
N VAL F 529 -29.07 28.55 4.47
CA VAL F 529 -27.68 28.91 4.22
C VAL F 529 -27.49 29.67 2.92
N ARG F 530 -28.58 30.22 2.37
CA ARG F 530 -28.50 30.94 1.10
C ARG F 530 -27.85 32.31 1.26
N GLU F 531 -27.96 32.92 2.45
CA GLU F 531 -27.41 34.26 2.67
C GLU F 531 -25.89 34.23 2.65
N ILE F 532 -25.27 33.31 3.39
CA ILE F 532 -23.81 33.22 3.46
C ILE F 532 -23.24 32.75 2.12
N ILE F 533 -23.97 31.90 1.41
CA ILE F 533 -23.52 31.40 0.12
C ILE F 533 -23.59 32.51 -0.93
N ASP F 534 -24.66 33.30 -0.92
CA ASP F 534 -24.77 34.42 -1.87
C ASP F 534 -23.77 35.53 -1.55
N ASN F 535 -23.48 35.75 -0.27
CA ASN F 535 -22.48 36.74 0.11
C ASN F 535 -21.08 36.30 -0.31
N ALA F 536 -20.76 35.00 -0.13
CA ALA F 536 -19.46 34.50 -0.56
C ALA F 536 -19.32 34.47 -2.08
N GLN F 537 -20.42 34.21 -2.79
CA GLN F 537 -20.38 34.23 -4.26
C GLN F 537 -20.22 35.65 -4.78
N LEU F 538 -20.86 36.62 -4.12
CA LEU F 538 -20.63 38.02 -4.47
C LEU F 538 -19.22 38.47 -4.11
N MET F 539 -18.62 37.85 -3.09
CA MET F 539 -17.27 38.19 -2.68
C MET F 539 -16.18 37.44 -3.44
N PHE F 540 -16.55 36.43 -4.25
CA PHE F 540 -15.58 35.65 -5.04
C PHE F 540 -15.12 36.33 -6.33
N ARG F 541 -15.80 37.44 -6.74
CA ARG F 541 -15.92 37.92 -8.15
C ARG F 541 -15.87 39.45 -8.12
N ALA F 542 -14.67 40.00 -8.18
CA ALA F 542 -14.45 41.44 -7.99
C ALA F 542 -13.07 41.80 -8.51
N LYS F 543 -13.00 42.76 -9.42
CA LYS F 543 -11.72 43.22 -9.94
C LYS F 543 -11.83 44.67 -10.44
ZN ZN G . 44.29 20.41 -22.30
#